data_3QFL
# 
_entry.id   3QFL 
# 
_audit_conform.dict_name       mmcif_pdbx.dic 
_audit_conform.dict_version    5.397 
_audit_conform.dict_location   http://mmcif.pdb.org/dictionaries/ascii/mmcif_pdbx.dic 
# 
loop_
_database_2.database_id 
_database_2.database_code 
_database_2.pdbx_database_accession 
_database_2.pdbx_DOI 
PDB   3QFL         pdb_00003qfl 10.2210/pdb3qfl/pdb 
RCSB  RCSB063582   ?            ?                   
WWPDB D_1000063582 ?            ?                   
# 
loop_
_pdbx_audit_revision_history.ordinal 
_pdbx_audit_revision_history.data_content_type 
_pdbx_audit_revision_history.major_revision 
_pdbx_audit_revision_history.minor_revision 
_pdbx_audit_revision_history.revision_date 
1 'Structure model' 1 0 2011-05-04 
2 'Structure model' 1 1 2011-07-13 
3 'Structure model' 1 2 2024-10-30 
# 
_pdbx_audit_revision_details.ordinal             1 
_pdbx_audit_revision_details.revision_ordinal    1 
_pdbx_audit_revision_details.data_content_type   'Structure model' 
_pdbx_audit_revision_details.provider            repository 
_pdbx_audit_revision_details.type                'Initial release' 
_pdbx_audit_revision_details.description         ? 
_pdbx_audit_revision_details.details             ? 
# 
loop_
_pdbx_audit_revision_group.ordinal 
_pdbx_audit_revision_group.revision_ordinal 
_pdbx_audit_revision_group.data_content_type 
_pdbx_audit_revision_group.group 
1 2 'Structure model' 'Version format compliance' 
2 3 'Structure model' 'Data collection'           
3 3 'Structure model' 'Database references'       
4 3 'Structure model' 'Derived calculations'      
5 3 'Structure model' 'Structure summary'         
# 
loop_
_pdbx_audit_revision_category.ordinal 
_pdbx_audit_revision_category.revision_ordinal 
_pdbx_audit_revision_category.data_content_type 
_pdbx_audit_revision_category.category 
1 3 'Structure model' chem_comp_atom            
2 3 'Structure model' chem_comp_bond            
3 3 'Structure model' database_2                
4 3 'Structure model' pdbx_entry_details        
5 3 'Structure model' pdbx_modification_feature 
6 3 'Structure model' struct_conn               
7 3 'Structure model' struct_ref_seq_dif        
# 
loop_
_pdbx_audit_revision_item.ordinal 
_pdbx_audit_revision_item.revision_ordinal 
_pdbx_audit_revision_item.data_content_type 
_pdbx_audit_revision_item.item 
1 3 'Structure model' '_database_2.pdbx_DOI'                
2 3 'Structure model' '_database_2.pdbx_database_accession' 
3 3 'Structure model' '_struct_conn.pdbx_leaving_atom_flag' 
4 3 'Structure model' '_struct_ref_seq_dif.details'         
# 
_pdbx_database_status.status_code                     REL 
_pdbx_database_status.entry_id                        3QFL 
_pdbx_database_status.recvd_initial_deposition_date   2011-01-21 
_pdbx_database_status.deposit_site                    RCSB 
_pdbx_database_status.process_site                    PDBJ 
_pdbx_database_status.status_code_sf                  REL 
_pdbx_database_status.status_code_mr                  ? 
_pdbx_database_status.SG_entry                        ? 
_pdbx_database_status.status_code_cs                  ? 
_pdbx_database_status.pdb_format_compatible           Y 
_pdbx_database_status.status_code_nmr_data            ? 
_pdbx_database_status.methods_development_category    ? 
# 
loop_
_audit_author.name 
_audit_author.pdbx_ordinal 
'Chai, J.'  1 
'Cheng, W.' 2 
# 
_citation.id                        primary 
_citation.title                     
;Coiled-Coil Domain-Dependent Homodimerization of Intracellular Barley Immune Receptors Defines a Minimal Functional Module for Triggering Cell Death
;
_citation.journal_abbrev            'Cell Host Microbe' 
_citation.journal_volume            9 
_citation.page_first                187 
_citation.page_last                 199 
_citation.year                      2011 
_citation.journal_id_ASTM           ? 
_citation.country                   US 
_citation.journal_id_ISSN           1931-3128 
_citation.journal_id_CSD            ? 
_citation.book_publisher            ? 
_citation.pdbx_database_id_PubMed   21402358 
_citation.pdbx_database_id_DOI      10.1016/j.chom.2011.02.008 
# 
loop_
_citation_author.citation_id 
_citation_author.name 
_citation_author.ordinal 
_citation_author.identifier_ORCID 
primary 'Maekawa, T.'        1  ? 
primary 'Cheng, W.'          2  ? 
primary 'Spiridon, L.N.'     3  ? 
primary 'Toller, A.'         4  ? 
primary 'Lukasik, E.'        5  ? 
primary 'Saijo, Y.'          6  ? 
primary 'Liu, P.'            7  ? 
primary 'Shen, Q.H.'         8  ? 
primary 'Micluta, M.A.'      9  ? 
primary 'Somssich, I.E.'     10 ? 
primary 'Takken, F.L.'       11 ? 
primary 'Petrescu, A.J.'     12 ? 
primary 'Chai, J.'           13 ? 
primary 'Schulze-Lefert, P.' 14 ? 
# 
loop_
_entity.id 
_entity.type 
_entity.src_method 
_entity.pdbx_description 
_entity.formula_weight 
_entity.pdbx_number_of_molecules 
_entity.pdbx_ec 
_entity.pdbx_mutation 
_entity.pdbx_fragment 
_entity.details 
1 polymer man MLA10 13154.908 1  ? ? 'MLA10 coiled-coil domain' ? 
2 water   nat water 18.015    69 ? ? ?                          ? 
# 
_entity_poly.entity_id                      1 
_entity_poly.type                           'polypeptide(L)' 
_entity_poly.nstd_linkage                   no 
_entity_poly.nstd_monomer                   yes 
_entity_poly.pdbx_seq_one_letter_code       
;AAISNLIPKLGELLTEEFKLHKGVKKNIEDLGKELES(MSE)NAALIKIGEVPREQLDSQDKLWADEVRELSYVIEDVVD
KFLVQVDGIKSDDNNNKFKGL(MSE)KRTTELLKKVKHKHGIA
;
_entity_poly.pdbx_seq_one_letter_code_can   
;AAISNLIPKLGELLTEEFKLHKGVKKNIEDLGKELESMNAALIKIGEVPREQLDSQDKLWADEVRELSYVIEDVVDKFLV
QVDGIKSDDNNNKFKGLMKRTTELLKKVKHKHGIA
;
_entity_poly.pdbx_strand_id                 A 
_entity_poly.pdbx_target_identifier         ? 
# 
_pdbx_entity_nonpoly.entity_id   2 
_pdbx_entity_nonpoly.name        water 
_pdbx_entity_nonpoly.comp_id     HOH 
# 
loop_
_entity_poly_seq.entity_id 
_entity_poly_seq.num 
_entity_poly_seq.mon_id 
_entity_poly_seq.hetero 
1 1   ALA n 
1 2   ALA n 
1 3   ILE n 
1 4   SER n 
1 5   ASN n 
1 6   LEU n 
1 7   ILE n 
1 8   PRO n 
1 9   LYS n 
1 10  LEU n 
1 11  GLY n 
1 12  GLU n 
1 13  LEU n 
1 14  LEU n 
1 15  THR n 
1 16  GLU n 
1 17  GLU n 
1 18  PHE n 
1 19  LYS n 
1 20  LEU n 
1 21  HIS n 
1 22  LYS n 
1 23  GLY n 
1 24  VAL n 
1 25  LYS n 
1 26  LYS n 
1 27  ASN n 
1 28  ILE n 
1 29  GLU n 
1 30  ASP n 
1 31  LEU n 
1 32  GLY n 
1 33  LYS n 
1 34  GLU n 
1 35  LEU n 
1 36  GLU n 
1 37  SER n 
1 38  MSE n 
1 39  ASN n 
1 40  ALA n 
1 41  ALA n 
1 42  LEU n 
1 43  ILE n 
1 44  LYS n 
1 45  ILE n 
1 46  GLY n 
1 47  GLU n 
1 48  VAL n 
1 49  PRO n 
1 50  ARG n 
1 51  GLU n 
1 52  GLN n 
1 53  LEU n 
1 54  ASP n 
1 55  SER n 
1 56  GLN n 
1 57  ASP n 
1 58  LYS n 
1 59  LEU n 
1 60  TRP n 
1 61  ALA n 
1 62  ASP n 
1 63  GLU n 
1 64  VAL n 
1 65  ARG n 
1 66  GLU n 
1 67  LEU n 
1 68  SER n 
1 69  TYR n 
1 70  VAL n 
1 71  ILE n 
1 72  GLU n 
1 73  ASP n 
1 74  VAL n 
1 75  VAL n 
1 76  ASP n 
1 77  LYS n 
1 78  PHE n 
1 79  LEU n 
1 80  VAL n 
1 81  GLN n 
1 82  VAL n 
1 83  ASP n 
1 84  GLY n 
1 85  ILE n 
1 86  LYS n 
1 87  SER n 
1 88  ASP n 
1 89  ASP n 
1 90  ASN n 
1 91  ASN n 
1 92  ASN n 
1 93  LYS n 
1 94  PHE n 
1 95  LYS n 
1 96  GLY n 
1 97  LEU n 
1 98  MSE n 
1 99  LYS n 
1 100 ARG n 
1 101 THR n 
1 102 THR n 
1 103 GLU n 
1 104 LEU n 
1 105 LEU n 
1 106 LYS n 
1 107 LYS n 
1 108 VAL n 
1 109 LYS n 
1 110 HIS n 
1 111 LYS n 
1 112 HIS n 
1 113 GLY n 
1 114 ILE n 
1 115 ALA n 
# 
_entity_src_gen.entity_id                          1 
_entity_src_gen.pdbx_src_id                        1 
_entity_src_gen.pdbx_alt_source_flag               sample 
_entity_src_gen.pdbx_seq_type                      ? 
_entity_src_gen.pdbx_beg_seq_num                   ? 
_entity_src_gen.pdbx_end_seq_num                   ? 
_entity_src_gen.gene_src_common_name               barley 
_entity_src_gen.gene_src_genus                     ? 
_entity_src_gen.pdbx_gene_src_gene                 Mla10 
_entity_src_gen.gene_src_species                   ? 
_entity_src_gen.gene_src_strain                    ? 
_entity_src_gen.gene_src_tissue                    ? 
_entity_src_gen.gene_src_tissue_fraction           ? 
_entity_src_gen.gene_src_details                   ? 
_entity_src_gen.pdbx_gene_src_fragment             ? 
_entity_src_gen.pdbx_gene_src_scientific_name      'Hordeum vulgare' 
_entity_src_gen.pdbx_gene_src_ncbi_taxonomy_id     4513 
_entity_src_gen.pdbx_gene_src_variant              ? 
_entity_src_gen.pdbx_gene_src_cell_line            ? 
_entity_src_gen.pdbx_gene_src_atcc                 ? 
_entity_src_gen.pdbx_gene_src_organ                ? 
_entity_src_gen.pdbx_gene_src_organelle            ? 
_entity_src_gen.pdbx_gene_src_cell                 ? 
_entity_src_gen.pdbx_gene_src_cellular_location    ? 
_entity_src_gen.host_org_common_name               ? 
_entity_src_gen.pdbx_host_org_scientific_name      'Escherichia coli' 
_entity_src_gen.pdbx_host_org_ncbi_taxonomy_id     562 
_entity_src_gen.host_org_genus                     ? 
_entity_src_gen.pdbx_host_org_gene                 ? 
_entity_src_gen.pdbx_host_org_organ                ? 
_entity_src_gen.host_org_species                   ? 
_entity_src_gen.pdbx_host_org_tissue               ? 
_entity_src_gen.pdbx_host_org_tissue_fraction      ? 
_entity_src_gen.pdbx_host_org_strain               BL21 
_entity_src_gen.pdbx_host_org_variant              ? 
_entity_src_gen.pdbx_host_org_cell_line            ? 
_entity_src_gen.pdbx_host_org_atcc                 ? 
_entity_src_gen.pdbx_host_org_culture_collection   ? 
_entity_src_gen.pdbx_host_org_cell                 ? 
_entity_src_gen.pdbx_host_org_organelle            ? 
_entity_src_gen.pdbx_host_org_cellular_location    ? 
_entity_src_gen.pdbx_host_org_vector_type          plasmid 
_entity_src_gen.pdbx_host_org_vector               ? 
_entity_src_gen.host_org_details                   ? 
_entity_src_gen.expression_system_id               ? 
_entity_src_gen.plasmid_name                       pGEX-6P-1 
_entity_src_gen.plasmid_details                    ? 
_entity_src_gen.pdbx_description                   ? 
# 
loop_
_chem_comp.id 
_chem_comp.type 
_chem_comp.mon_nstd_flag 
_chem_comp.name 
_chem_comp.pdbx_synonyms 
_chem_comp.formula 
_chem_comp.formula_weight 
ALA 'L-peptide linking' y ALANINE          ? 'C3 H7 N O2'     89.093  
ARG 'L-peptide linking' y ARGININE         ? 'C6 H15 N4 O2 1' 175.209 
ASN 'L-peptide linking' y ASPARAGINE       ? 'C4 H8 N2 O3'    132.118 
ASP 'L-peptide linking' y 'ASPARTIC ACID'  ? 'C4 H7 N O4'     133.103 
GLN 'L-peptide linking' y GLUTAMINE        ? 'C5 H10 N2 O3'   146.144 
GLU 'L-peptide linking' y 'GLUTAMIC ACID'  ? 'C5 H9 N O4'     147.129 
GLY 'peptide linking'   y GLYCINE          ? 'C2 H5 N O2'     75.067  
HIS 'L-peptide linking' y HISTIDINE        ? 'C6 H10 N3 O2 1' 156.162 
HOH non-polymer         . WATER            ? 'H2 O'           18.015  
ILE 'L-peptide linking' y ISOLEUCINE       ? 'C6 H13 N O2'    131.173 
LEU 'L-peptide linking' y LEUCINE          ? 'C6 H13 N O2'    131.173 
LYS 'L-peptide linking' y LYSINE           ? 'C6 H15 N2 O2 1' 147.195 
MSE 'L-peptide linking' n SELENOMETHIONINE ? 'C5 H11 N O2 Se' 196.106 
PHE 'L-peptide linking' y PHENYLALANINE    ? 'C9 H11 N O2'    165.189 
PRO 'L-peptide linking' y PROLINE          ? 'C5 H9 N O2'     115.130 
SER 'L-peptide linking' y SERINE           ? 'C3 H7 N O3'     105.093 
THR 'L-peptide linking' y THREONINE        ? 'C4 H9 N O3'     119.119 
TRP 'L-peptide linking' y TRYPTOPHAN       ? 'C11 H12 N2 O2'  204.225 
TYR 'L-peptide linking' y TYROSINE         ? 'C9 H11 N O3'    181.189 
VAL 'L-peptide linking' y VALINE           ? 'C5 H11 N O2'    117.146 
# 
loop_
_pdbx_poly_seq_scheme.asym_id 
_pdbx_poly_seq_scheme.entity_id 
_pdbx_poly_seq_scheme.seq_id 
_pdbx_poly_seq_scheme.mon_id 
_pdbx_poly_seq_scheme.ndb_seq_num 
_pdbx_poly_seq_scheme.pdb_seq_num 
_pdbx_poly_seq_scheme.auth_seq_num 
_pdbx_poly_seq_scheme.pdb_mon_id 
_pdbx_poly_seq_scheme.auth_mon_id 
_pdbx_poly_seq_scheme.pdb_strand_id 
_pdbx_poly_seq_scheme.pdb_ins_code 
_pdbx_poly_seq_scheme.hetero 
A 1 1   ALA 1   6   6   ALA ALA A . n 
A 1 2   ALA 2   7   7   ALA ALA A . n 
A 1 3   ILE 3   8   8   ILE ILE A . n 
A 1 4   SER 4   9   9   SER SER A . n 
A 1 5   ASN 5   10  10  ASN ASN A . n 
A 1 6   LEU 6   11  11  LEU LEU A . n 
A 1 7   ILE 7   12  12  ILE ILE A . n 
A 1 8   PRO 8   13  13  PRO PRO A . n 
A 1 9   LYS 9   14  14  LYS LYS A . n 
A 1 10  LEU 10  15  15  LEU LEU A . n 
A 1 11  GLY 11  16  16  GLY GLY A . n 
A 1 12  GLU 12  17  17  GLU GLU A . n 
A 1 13  LEU 13  18  18  LEU LEU A . n 
A 1 14  LEU 14  19  19  LEU LEU A . n 
A 1 15  THR 15  20  20  THR THR A . n 
A 1 16  GLU 16  21  21  GLU GLU A . n 
A 1 17  GLU 17  22  22  GLU GLU A . n 
A 1 18  PHE 18  23  23  PHE PHE A . n 
A 1 19  LYS 19  24  24  LYS LYS A . n 
A 1 20  LEU 20  25  25  LEU LEU A . n 
A 1 21  HIS 21  26  26  HIS HIS A . n 
A 1 22  LYS 22  27  27  LYS LYS A . n 
A 1 23  GLY 23  28  28  GLY GLY A . n 
A 1 24  VAL 24  29  29  VAL VAL A . n 
A 1 25  LYS 25  30  30  LYS LYS A . n 
A 1 26  LYS 26  31  31  LYS LYS A . n 
A 1 27  ASN 27  32  32  ASN ASN A . n 
A 1 28  ILE 28  33  33  ILE ILE A . n 
A 1 29  GLU 29  34  34  GLU GLU A . n 
A 1 30  ASP 30  35  35  ASP ASP A . n 
A 1 31  LEU 31  36  36  LEU LEU A . n 
A 1 32  GLY 32  37  37  GLY GLY A . n 
A 1 33  LYS 33  38  38  LYS LYS A . n 
A 1 34  GLU 34  39  39  GLU GLU A . n 
A 1 35  LEU 35  40  40  LEU LEU A . n 
A 1 36  GLU 36  41  41  GLU GLU A . n 
A 1 37  SER 37  42  42  SER SER A . n 
A 1 38  MSE 38  43  43  MSE MSE A . n 
A 1 39  ASN 39  44  44  ASN ASN A . n 
A 1 40  ALA 40  45  45  ALA ALA A . n 
A 1 41  ALA 41  46  46  ALA ALA A . n 
A 1 42  LEU 42  47  47  LEU LEU A . n 
A 1 43  ILE 43  48  48  ILE ILE A . n 
A 1 44  LYS 44  49  49  LYS LYS A . n 
A 1 45  ILE 45  50  50  ILE ILE A . n 
A 1 46  GLY 46  51  51  GLY GLY A . n 
A 1 47  GLU 47  52  52  GLU GLU A . n 
A 1 48  VAL 48  53  53  VAL VAL A . n 
A 1 49  PRO 49  54  54  PRO PRO A . n 
A 1 50  ARG 50  55  55  ARG ARG A . n 
A 1 51  GLU 51  56  56  GLU GLU A . n 
A 1 52  GLN 52  57  57  GLN GLN A . n 
A 1 53  LEU 53  58  58  LEU LEU A . n 
A 1 54  ASP 54  59  59  ASP ASP A . n 
A 1 55  SER 55  60  60  SER SER A . n 
A 1 56  GLN 56  61  61  GLN GLN A . n 
A 1 57  ASP 57  62  62  ASP ASP A . n 
A 1 58  LYS 58  63  63  LYS LYS A . n 
A 1 59  LEU 59  64  64  LEU LEU A . n 
A 1 60  TRP 60  65  65  TRP TRP A . n 
A 1 61  ALA 61  66  66  ALA ALA A . n 
A 1 62  ASP 62  67  67  ASP ASP A . n 
A 1 63  GLU 63  68  68  GLU GLU A . n 
A 1 64  VAL 64  69  69  VAL VAL A . n 
A 1 65  ARG 65  70  70  ARG ARG A . n 
A 1 66  GLU 66  71  71  GLU GLU A . n 
A 1 67  LEU 67  72  72  LEU LEU A . n 
A 1 68  SER 68  73  73  SER SER A . n 
A 1 69  TYR 69  74  74  TYR TYR A . n 
A 1 70  VAL 70  75  75  VAL VAL A . n 
A 1 71  ILE 71  76  76  ILE ILE A . n 
A 1 72  GLU 72  77  77  GLU GLU A . n 
A 1 73  ASP 73  78  78  ASP ASP A . n 
A 1 74  VAL 74  79  79  VAL VAL A . n 
A 1 75  VAL 75  80  80  VAL VAL A . n 
A 1 76  ASP 76  81  81  ASP ASP A . n 
A 1 77  LYS 77  82  82  LYS LYS A . n 
A 1 78  PHE 78  83  83  PHE PHE A . n 
A 1 79  LEU 79  84  84  LEU LEU A . n 
A 1 80  VAL 80  85  85  VAL VAL A . n 
A 1 81  GLN 81  86  86  GLN GLN A . n 
A 1 82  VAL 82  87  87  VAL VAL A . n 
A 1 83  ASP 83  88  88  ASP ASP A . n 
A 1 84  GLY 84  89  89  GLY GLY A . n 
A 1 85  ILE 85  90  90  ILE ILE A . n 
A 1 86  LYS 86  91  ?   ?   ?   A . n 
A 1 87  SER 87  92  ?   ?   ?   A . n 
A 1 88  ASP 88  93  ?   ?   ?   A . n 
A 1 89  ASP 89  94  ?   ?   ?   A . n 
A 1 90  ASN 90  95  ?   ?   ?   A . n 
A 1 91  ASN 91  96  96  ASN ASN A . n 
A 1 92  ASN 92  97  97  ASN ASN A . n 
A 1 93  LYS 93  98  98  LYS LYS A . n 
A 1 94  PHE 94  99  99  PHE PHE A . n 
A 1 95  LYS 95  100 100 LYS LYS A . n 
A 1 96  GLY 96  101 101 GLY GLY A . n 
A 1 97  LEU 97  102 102 LEU LEU A . n 
A 1 98  MSE 98  103 103 MSE MSE A . n 
A 1 99  LYS 99  104 104 LYS LYS A . n 
A 1 100 ARG 100 105 105 ARG ARG A . n 
A 1 101 THR 101 106 106 THR THR A . n 
A 1 102 THR 102 107 107 THR THR A . n 
A 1 103 GLU 103 108 108 GLU GLU A . n 
A 1 104 LEU 104 109 109 LEU LEU A . n 
A 1 105 LEU 105 110 110 LEU LEU A . n 
A 1 106 LYS 106 111 111 LYS LYS A . n 
A 1 107 LYS 107 112 112 LYS LYS A . n 
A 1 108 VAL 108 113 113 VAL VAL A . n 
A 1 109 LYS 109 114 114 LYS LYS A . n 
A 1 110 HIS 110 115 115 HIS HIS A . n 
A 1 111 LYS 111 116 116 LYS LYS A . n 
A 1 112 HIS 112 117 117 HIS HIS A . n 
A 1 113 GLY 113 118 118 GLY GLY A . n 
A 1 114 ILE 114 119 119 ILE ILE A . n 
A 1 115 ALA 115 120 120 ALA ALA A . n 
# 
loop_
_pdbx_nonpoly_scheme.asym_id 
_pdbx_nonpoly_scheme.entity_id 
_pdbx_nonpoly_scheme.mon_id 
_pdbx_nonpoly_scheme.ndb_seq_num 
_pdbx_nonpoly_scheme.pdb_seq_num 
_pdbx_nonpoly_scheme.auth_seq_num 
_pdbx_nonpoly_scheme.pdb_mon_id 
_pdbx_nonpoly_scheme.auth_mon_id 
_pdbx_nonpoly_scheme.pdb_strand_id 
_pdbx_nonpoly_scheme.pdb_ins_code 
B 2 HOH 1  1   1  HOH HOH A . 
B 2 HOH 2  2   2  HOH HOH A . 
B 2 HOH 3  3   3  HOH HOH A . 
B 2 HOH 4  4   4  HOH HOH A . 
B 2 HOH 5  5   5  HOH HOH A . 
B 2 HOH 6  121 6  HOH HOH A . 
B 2 HOH 7  122 7  HOH HOH A . 
B 2 HOH 8  123 8  HOH HOH A . 
B 2 HOH 9  124 9  HOH HOH A . 
B 2 HOH 10 125 10 HOH HOH A . 
B 2 HOH 11 126 11 HOH HOH A . 
B 2 HOH 12 127 12 HOH HOH A . 
B 2 HOH 13 128 13 HOH HOH A . 
B 2 HOH 14 129 14 HOH HOH A . 
B 2 HOH 15 130 15 HOH HOH A . 
B 2 HOH 16 131 16 HOH HOH A . 
B 2 HOH 17 132 17 HOH HOH A . 
B 2 HOH 18 133 18 HOH HOH A . 
B 2 HOH 19 134 19 HOH HOH A . 
B 2 HOH 20 135 20 HOH HOH A . 
B 2 HOH 21 136 21 HOH HOH A . 
B 2 HOH 22 137 22 HOH HOH A . 
B 2 HOH 23 138 23 HOH HOH A . 
B 2 HOH 24 139 24 HOH HOH A . 
B 2 HOH 25 140 25 HOH HOH A . 
B 2 HOH 26 141 26 HOH HOH A . 
B 2 HOH 27 142 27 HOH HOH A . 
B 2 HOH 28 143 28 HOH HOH A . 
B 2 HOH 29 144 29 HOH HOH A . 
B 2 HOH 30 145 30 HOH HOH A . 
B 2 HOH 31 146 31 HOH HOH A . 
B 2 HOH 32 147 32 HOH HOH A . 
B 2 HOH 33 148 33 HOH HOH A . 
B 2 HOH 34 149 34 HOH HOH A . 
B 2 HOH 35 150 35 HOH HOH A . 
B 2 HOH 36 151 36 HOH HOH A . 
B 2 HOH 37 152 37 HOH HOH A . 
B 2 HOH 38 153 38 HOH HOH A . 
B 2 HOH 39 154 39 HOH HOH A . 
B 2 HOH 40 155 40 HOH HOH A . 
B 2 HOH 41 156 41 HOH HOH A . 
B 2 HOH 42 157 42 HOH HOH A . 
B 2 HOH 43 158 43 HOH HOH A . 
B 2 HOH 44 159 44 HOH HOH A . 
B 2 HOH 45 160 45 HOH HOH A . 
B 2 HOH 46 161 46 HOH HOH A . 
B 2 HOH 47 162 47 HOH HOH A . 
B 2 HOH 48 163 48 HOH HOH A . 
B 2 HOH 49 164 49 HOH HOH A . 
B 2 HOH 50 165 50 HOH HOH A . 
B 2 HOH 51 166 51 HOH HOH A . 
B 2 HOH 52 167 52 HOH HOH A . 
B 2 HOH 53 168 53 HOH HOH A . 
B 2 HOH 54 169 54 HOH HOH A . 
B 2 HOH 55 170 55 HOH HOH A . 
B 2 HOH 56 171 56 HOH HOH A . 
B 2 HOH 57 172 57 HOH HOH A . 
B 2 HOH 58 173 58 HOH HOH A . 
B 2 HOH 59 174 59 HOH HOH A . 
B 2 HOH 60 175 60 HOH HOH A . 
B 2 HOH 61 176 61 HOH HOH A . 
B 2 HOH 62 177 62 HOH HOH A . 
B 2 HOH 63 178 63 HOH HOH A . 
B 2 HOH 64 179 64 HOH HOH A . 
B 2 HOH 65 180 65 HOH HOH A . 
B 2 HOH 66 181 66 HOH HOH A . 
B 2 HOH 67 182 67 HOH HOH A . 
B 2 HOH 68 183 68 HOH HOH A . 
B 2 HOH 69 184 69 HOH HOH A . 
# 
loop_
_software.name 
_software.classification 
_software.version 
_software.citation_id 
_software.pdbx_ordinal 
HKL-2000  'data collection' .                          ? 1 
SOLVE     phasing           .                          ? 2 
PHENIX    refinement        '(phenix.refine: 1.6_289)' ? 3 
DENZO     'data reduction'  .                          ? 4 
SCALEPACK 'data scaling'    .                          ? 5 
# 
_cell.entry_id           3QFL 
_cell.length_a           97.462 
_cell.length_b           30.268 
_cell.length_c           38.052 
_cell.angle_alpha        90.00 
_cell.angle_beta         90.00 
_cell.angle_gamma        90.00 
_cell.Z_PDB              4 
_cell.pdbx_unique_axis   ? 
_cell.length_a_esd       ? 
_cell.length_b_esd       ? 
_cell.length_c_esd       ? 
_cell.angle_alpha_esd    ? 
_cell.angle_beta_esd     ? 
_cell.angle_gamma_esd    ? 
# 
_symmetry.entry_id                         3QFL 
_symmetry.space_group_name_H-M             'P 21 21 2' 
_symmetry.pdbx_full_space_group_name_H-M   ? 
_symmetry.cell_setting                     ? 
_symmetry.Int_Tables_number                18 
_symmetry.space_group_name_Hall            ? 
# 
_exptl.entry_id          3QFL 
_exptl.method            'X-RAY DIFFRACTION' 
_exptl.crystals_number   1 
# 
_exptl_crystal.id                    1 
_exptl_crystal.density_meas          ? 
_exptl_crystal.density_Matthews      2.13 
_exptl_crystal.density_percent_sol   42.34 
_exptl_crystal.description           ? 
_exptl_crystal.F_000                 ? 
_exptl_crystal.preparation           ? 
# 
_exptl_crystal_grow.crystal_id      1 
_exptl_crystal_grow.method          'VAPOR DIFFUSION, HANGING DROP' 
_exptl_crystal_grow.temp            298 
_exptl_crystal_grow.temp_details    ? 
_exptl_crystal_grow.pH              4.6 
_exptl_crystal_grow.pdbx_details    
'0.1M sodium acetate trihydrate(NaAc), 2.0M sodium formate(NaCOOH), pH 4.6, VAPOR DIFFUSION, HANGING DROP , temperature 298K' 
_exptl_crystal_grow.pdbx_pH_range   . 
# 
_diffrn.id                     1 
_diffrn.ambient_temp           298 
_diffrn.ambient_temp_details   ? 
_diffrn.crystal_id             1 
# 
_diffrn_detector.diffrn_id              1 
_diffrn_detector.detector               CCD 
_diffrn_detector.type                   'ADSC QUANTUM 210' 
_diffrn_detector.pdbx_collection_date   2009-06-29 
_diffrn_detector.details                ? 
# 
_diffrn_radiation.diffrn_id                        1 
_diffrn_radiation.wavelength_id                    1 
_diffrn_radiation.pdbx_monochromatic_or_laue_m_l   M 
_diffrn_radiation.monochromator                    'Si(111) double-crystal' 
_diffrn_radiation.pdbx_diffrn_protocol             'SINGLE WAVELENGTH' 
_diffrn_radiation.pdbx_scattering_type             x-ray 
# 
_diffrn_radiation_wavelength.id           1 
_diffrn_radiation_wavelength.wavelength   0.9767 
_diffrn_radiation_wavelength.wt           1.0 
# 
_diffrn_source.diffrn_id                   1 
_diffrn_source.source                      SYNCHROTRON 
_diffrn_source.type                        'SSRF BEAMLINE BL17U' 
_diffrn_source.pdbx_synchrotron_site       SSRF 
_diffrn_source.pdbx_synchrotron_beamline   BL17U 
_diffrn_source.pdbx_wavelength             ? 
_diffrn_source.pdbx_wavelength_list        0.9767 
# 
_reflns.entry_id                     3QFL 
_reflns.observed_criterion_sigma_I   1 
_reflns.observed_criterion_sigma_F   2 
_reflns.d_resolution_low             50 
_reflns.d_resolution_high            1.997 
_reflns.number_obs                   8809 
_reflns.number_all                   8862 
_reflns.percent_possible_obs         99.4 
_reflns.pdbx_Rmerge_I_obs            ? 
_reflns.pdbx_Rsym_value              ? 
_reflns.pdbx_netI_over_sigmaI        ? 
_reflns.B_iso_Wilson_estimate        ? 
_reflns.pdbx_redundancy              5.8 
_reflns.R_free_details               ? 
_reflns.limit_h_max                  ? 
_reflns.limit_h_min                  ? 
_reflns.limit_k_max                  ? 
_reflns.limit_k_min                  ? 
_reflns.limit_l_max                  ? 
_reflns.limit_l_min                  ? 
_reflns.observed_criterion_F_max     ? 
_reflns.observed_criterion_F_min     ? 
_reflns.pdbx_chi_squared             ? 
_reflns.pdbx_scaling_rejects         ? 
_reflns.pdbx_diffrn_id               1 
_reflns.pdbx_ordinal                 1 
# 
_reflns_shell.d_res_high                  2.00 
_reflns_shell.d_res_low                   2.07 
_reflns_shell.percent_possible_all        99.6 
_reflns_shell.Rmerge_I_obs                ? 
_reflns_shell.pdbx_Rsym_value             ? 
_reflns_shell.meanI_over_sigI_obs         ? 
_reflns_shell.pdbx_redundancy             ? 
_reflns_shell.percent_possible_obs        ? 
_reflns_shell.number_unique_all           ? 
_reflns_shell.number_measured_all         ? 
_reflns_shell.number_measured_obs         ? 
_reflns_shell.number_unique_obs           ? 
_reflns_shell.pdbx_chi_squared            ? 
_reflns_shell.pdbx_rejects                ? 
_reflns_shell.pdbx_netI_over_sigmaI_obs   ? 
_reflns_shell.number_possible             ? 
_reflns_shell.Rmerge_F_all                ? 
_reflns_shell.Rmerge_F_obs                ? 
_reflns_shell.Rmerge_I_all                ? 
_reflns_shell.meanI_over_sigI_all         ? 
_reflns_shell.pdbx_Rrim_I_all             ? 
_reflns_shell.pdbx_Rpim_I_all             ? 
_reflns_shell.pdbx_diffrn_id              ? 
_reflns_shell.pdbx_ordinal                1 
# 
_refine.entry_id                                 3QFL 
_refine.ls_number_reflns_obs                     8809 
_refine.ls_number_reflns_all                     8862 
_refine.pdbx_ls_sigma_I                          ? 
_refine.pdbx_ls_sigma_F                          1.28 
_refine.pdbx_data_cutoff_high_absF               ? 
_refine.pdbx_data_cutoff_low_absF                ? 
_refine.pdbx_data_cutoff_high_rms_absF           ? 
_refine.ls_d_res_low                             24.707 
_refine.ls_d_res_high                            1.997 
_refine.ls_percent_reflns_obs                    99.29 
_refine.ls_R_factor_obs                          0.2122 
_refine.ls_R_factor_all                          ? 
_refine.ls_R_factor_R_work                       0.2101 
_refine.ls_R_factor_R_free                       0.2584 
_refine.ls_R_factor_R_free_error                 ? 
_refine.ls_R_factor_R_free_error_details         ? 
_refine.ls_percent_reflns_R_free                 4.56 
_refine.ls_number_reflns_R_free                  443 
_refine.ls_number_parameters                     ? 
_refine.ls_number_restraints                     ? 
_refine.occupancy_min                            ? 
_refine.occupancy_max                            ? 
_refine.correlation_coeff_Fo_to_Fc               ? 
_refine.correlation_coeff_Fo_to_Fc_free          ? 
_refine.B_iso_mean                               33.5946 
_refine.aniso_B[1][1]                            -4.1400 
_refine.aniso_B[2][2]                            2.8226 
_refine.aniso_B[3][3]                            1.3173 
_refine.aniso_B[1][2]                            0.0000 
_refine.aniso_B[1][3]                            0.0000 
_refine.aniso_B[2][3]                            -0.0000 
_refine.solvent_model_details                    'FLAT BULK SOLVENT MODEL' 
_refine.solvent_model_param_ksol                 0.348 
_refine.solvent_model_param_bsol                 37.746 
_refine.pdbx_solvent_vdw_probe_radii             1.11 
_refine.pdbx_solvent_ion_probe_radii             ? 
_refine.pdbx_solvent_shrinkage_radii             0.90 
_refine.pdbx_ls_cross_valid_method               ? 
_refine.details                                  ? 
_refine.pdbx_starting_model                      ? 
_refine.pdbx_method_to_determine_struct          SAD 
_refine.pdbx_isotropic_thermal_model             ? 
_refine.pdbx_stereochemistry_target_values       ML 
_refine.pdbx_stereochem_target_val_spec_case     ? 
_refine.pdbx_R_Free_selection_details            RANDOM 
_refine.pdbx_overall_ESU_R_Free                  ? 
_refine.overall_SU_ML                            0.27 
_refine.overall_SU_B                             ? 
_refine.overall_SU_R_Cruickshank_DPI             ? 
_refine.ls_redundancy_reflns_obs                 ? 
_refine.B_iso_min                                ? 
_refine.B_iso_max                                ? 
_refine.overall_SU_R_free                        ? 
_refine.ls_wR_factor_R_free                      ? 
_refine.ls_wR_factor_R_work                      ? 
_refine.overall_FOM_free_R_set                   ? 
_refine.overall_FOM_work_R_set                   ? 
_refine.pdbx_refine_id                           'X-RAY DIFFRACTION' 
_refine.pdbx_overall_phase_error                 ? 
_refine.pdbx_overall_ESU_R                       ? 
_refine.pdbx_diffrn_id                           1 
_refine.pdbx_TLS_residual_ADP_flag               ? 
_refine.pdbx_overall_SU_R_free_Cruickshank_DPI   ? 
_refine.pdbx_overall_SU_R_Blow_DPI               ? 
_refine.pdbx_overall_SU_R_free_Blow_DPI          ? 
# 
_refine_hist.pdbx_refine_id                   'X-RAY DIFFRACTION' 
_refine_hist.cycle_id                         LAST 
_refine_hist.pdbx_number_atoms_protein        878 
_refine_hist.pdbx_number_atoms_nucleic_acid   0 
_refine_hist.pdbx_number_atoms_ligand         0 
_refine_hist.number_atoms_solvent             69 
_refine_hist.number_atoms_total               947 
_refine_hist.d_res_high                       1.997 
_refine_hist.d_res_low                        24.707 
# 
loop_
_refine_ls_restr.type 
_refine_ls_restr.dev_ideal 
_refine_ls_restr.dev_ideal_target 
_refine_ls_restr.weight 
_refine_ls_restr.number 
_refine_ls_restr.pdbx_refine_id 
_refine_ls_restr.pdbx_restraint_function 
f_bond_d           0.008  ? ? 910  'X-RAY DIFFRACTION' ? 
f_angle_d          0.924  ? ? 1222 'X-RAY DIFFRACTION' ? 
f_dihedral_angle_d 16.937 ? ? 358  'X-RAY DIFFRACTION' ? 
f_chiral_restr     0.062  ? ? 141  'X-RAY DIFFRACTION' ? 
f_plane_restr      0.005  ? ? 154  'X-RAY DIFFRACTION' ? 
# 
loop_
_refine_ls_shell.d_res_high 
_refine_ls_shell.d_res_low 
_refine_ls_shell.pdbx_total_number_of_bins_used 
_refine_ls_shell.percent_reflns_obs 
_refine_ls_shell.number_reflns_R_work 
_refine_ls_shell.R_factor_all 
_refine_ls_shell.R_factor_R_work 
_refine_ls_shell.R_factor_R_free 
_refine_ls_shell.percent_reflns_R_free 
_refine_ls_shell.number_reflns_R_free 
_refine_ls_shell.R_factor_R_free_error 
_refine_ls_shell.number_reflns_all 
_refine_ls_shell.number_reflns_obs 
_refine_ls_shell.pdbx_refine_id 
_refine_ls_shell.redundancy_reflns_obs 
1.9971 2.1513  5 99.0000  2770 . 0.2188 0.2985 . 149 . 2919 . 'X-RAY DIFFRACTION' . 
2.1513 2.3676  5 100.0000 2821 . 0.2057 0.2490 . 119 . 2940 . 'X-RAY DIFFRACTION' . 
2.3676 2.7098  5 100.0000 2820 . 0.2130 0.2924 . 132 . 2952 . 'X-RAY DIFFRACTION' . 
2.7098 3.4127  5 99.0000  2794 . 0.2127 0.3002 . 131 . 2925 . 'X-RAY DIFFRACTION' . 
3.4127 24.7093 5 98.0000  2763 . 0.2035 0.2066 . 136 . 2899 . 'X-RAY DIFFRACTION' . 
# 
_struct.entry_id                  3QFL 
_struct.title                     
;Coiled-Coil Domain-Dependent Homodimerization of Intracellular MLA Immune Receptors Defines a Minimal Functional Module for Triggering Cell Death
;
_struct.pdbx_model_details        ? 
_struct.pdbx_CASP_flag            ? 
_struct.pdbx_model_type_details   ? 
# 
_struct_keywords.entry_id        3QFL 
_struct_keywords.pdbx_keywords   'PROTEIN BINDING' 
_struct_keywords.text            
'coiled-coil, (CC) domain, NLRs, nucleotide-binding domain, leucine-rich repeat containing receptors, PROTEIN BINDING' 
# 
loop_
_struct_asym.id 
_struct_asym.pdbx_blank_PDB_chainid_flag 
_struct_asym.pdbx_modified 
_struct_asym.entity_id 
_struct_asym.details 
A N N 1 ? 
B N N 2 ? 
# 
_struct_ref.id                         1 
_struct_ref.db_name                    UNP 
_struct_ref.db_code                    Q6WWJ4_HORVU 
_struct_ref.pdbx_db_accession          Q6WWJ4 
_struct_ref.entity_id                  1 
_struct_ref.pdbx_seq_one_letter_code   
;AISNLIPKLGELLTEEFKLHKGVKKNIEDLGKELDSMNAALIKIGEVPREQLDSQDKLWADEVRELSYVIEDVVDKFLVQ
VDGIKSDDNNNKFKGLMKRTTELLKKVKHKHGIA
;
_struct_ref.pdbx_align_begin           7 
_struct_ref.pdbx_db_isoform            ? 
# 
_struct_ref_seq.align_id                      1 
_struct_ref_seq.ref_id                        1 
_struct_ref_seq.pdbx_PDB_id_code              3QFL 
_struct_ref_seq.pdbx_strand_id                A 
_struct_ref_seq.seq_align_beg                 2 
_struct_ref_seq.pdbx_seq_align_beg_ins_code   ? 
_struct_ref_seq.seq_align_end                 115 
_struct_ref_seq.pdbx_seq_align_end_ins_code   ? 
_struct_ref_seq.pdbx_db_accession             Q6WWJ4 
_struct_ref_seq.db_align_beg                  7 
_struct_ref_seq.pdbx_db_align_beg_ins_code    ? 
_struct_ref_seq.db_align_end                  120 
_struct_ref_seq.pdbx_db_align_end_ins_code    ? 
_struct_ref_seq.pdbx_auth_seq_align_beg       7 
_struct_ref_seq.pdbx_auth_seq_align_end       120 
# 
loop_
_struct_ref_seq_dif.align_id 
_struct_ref_seq_dif.pdbx_pdb_id_code 
_struct_ref_seq_dif.mon_id 
_struct_ref_seq_dif.pdbx_pdb_strand_id 
_struct_ref_seq_dif.seq_num 
_struct_ref_seq_dif.pdbx_pdb_ins_code 
_struct_ref_seq_dif.pdbx_seq_db_name 
_struct_ref_seq_dif.pdbx_seq_db_accession_code 
_struct_ref_seq_dif.db_mon_id 
_struct_ref_seq_dif.pdbx_seq_db_seq_num 
_struct_ref_seq_dif.details 
_struct_ref_seq_dif.pdbx_auth_seq_num 
_struct_ref_seq_dif.pdbx_ordinal 
1 3QFL ALA A 1  ? UNP Q6WWJ4 ?   ?  'expression tag' 6  1 
1 3QFL GLU A 36 ? UNP Q6WWJ4 ASP 41 conflict         41 2 
# 
_pdbx_struct_assembly.id                   1 
_pdbx_struct_assembly.details              author_and_software_defined_assembly 
_pdbx_struct_assembly.method_details       PISA 
_pdbx_struct_assembly.oligomeric_details   dimeric 
_pdbx_struct_assembly.oligomeric_count     2 
# 
loop_
_pdbx_struct_assembly_prop.biol_id 
_pdbx_struct_assembly_prop.type 
_pdbx_struct_assembly_prop.value 
_pdbx_struct_assembly_prop.details 
1 'ABSA (A^2)' 8040  ? 
1 MORE         -88   ? 
1 'SSA (A^2)'  13400 ? 
# 
_pdbx_struct_assembly_gen.assembly_id       1 
_pdbx_struct_assembly_gen.oper_expression   1,2 
_pdbx_struct_assembly_gen.asym_id_list      A,B 
# 
loop_
_pdbx_struct_oper_list.id 
_pdbx_struct_oper_list.type 
_pdbx_struct_oper_list.name 
_pdbx_struct_oper_list.symmetry_operation 
_pdbx_struct_oper_list.matrix[1][1] 
_pdbx_struct_oper_list.matrix[1][2] 
_pdbx_struct_oper_list.matrix[1][3] 
_pdbx_struct_oper_list.vector[1] 
_pdbx_struct_oper_list.matrix[2][1] 
_pdbx_struct_oper_list.matrix[2][2] 
_pdbx_struct_oper_list.matrix[2][3] 
_pdbx_struct_oper_list.vector[2] 
_pdbx_struct_oper_list.matrix[3][1] 
_pdbx_struct_oper_list.matrix[3][2] 
_pdbx_struct_oper_list.matrix[3][3] 
_pdbx_struct_oper_list.vector[3] 
1 'identity operation'         1_555 x,y,z       1.0000000000  0.0000000000 0.0000000000 0.0000000000  0.0000000000 1.0000000000 0.0000000000 0.0000000000 0.0000000000 0.0000000000 1.0000000000  0.0000000000  
2 'crystal symmetry operation' 2_775 -x+2,-y+2,z -0.9980836620 0.0617537524 0.0039341812 -6.9230184362 0.0617537524 0.9900069126 0.1267784958 0.3568237388 0.0039341812 0.1267784958 -0.9919232507 -2.2287639419 
# 
_struct_biol.id        1 
_struct_biol.details   ? 
# 
loop_
_struct_conf.conf_type_id 
_struct_conf.id 
_struct_conf.pdbx_PDB_helix_id 
_struct_conf.beg_label_comp_id 
_struct_conf.beg_label_asym_id 
_struct_conf.beg_label_seq_id 
_struct_conf.pdbx_beg_PDB_ins_code 
_struct_conf.end_label_comp_id 
_struct_conf.end_label_asym_id 
_struct_conf.end_label_seq_id 
_struct_conf.pdbx_end_PDB_ins_code 
_struct_conf.beg_auth_comp_id 
_struct_conf.beg_auth_asym_id 
_struct_conf.beg_auth_seq_id 
_struct_conf.end_auth_comp_id 
_struct_conf.end_auth_asym_id 
_struct_conf.end_auth_seq_id 
_struct_conf.pdbx_PDB_helix_class 
_struct_conf.details 
_struct_conf.pdbx_PDB_helix_length 
HELX_P HELX_P1 1 ASN A 5  ? GLY A 46  ? ASN A 10 GLY A 51  1 ? 42 
HELX_P HELX_P2 2 GLU A 47 ? VAL A 48  ? GLU A 52 VAL A 53  5 ? 2  
HELX_P HELX_P3 3 PRO A 49 ? LEU A 53  ? PRO A 54 LEU A 58  5 ? 5  
HELX_P HELX_P4 4 ASP A 54 ? ILE A 85  ? ASP A 59 ILE A 90  1 ? 32 
HELX_P HELX_P5 5 ASN A 91 ? HIS A 112 ? ASN A 96 HIS A 117 1 ? 22 
# 
_struct_conf_type.id          HELX_P 
_struct_conf_type.criteria    ? 
_struct_conf_type.reference   ? 
# 
loop_
_struct_conn.id 
_struct_conn.conn_type_id 
_struct_conn.pdbx_leaving_atom_flag 
_struct_conn.pdbx_PDB_id 
_struct_conn.ptnr1_label_asym_id 
_struct_conn.ptnr1_label_comp_id 
_struct_conn.ptnr1_label_seq_id 
_struct_conn.ptnr1_label_atom_id 
_struct_conn.pdbx_ptnr1_label_alt_id 
_struct_conn.pdbx_ptnr1_PDB_ins_code 
_struct_conn.pdbx_ptnr1_standard_comp_id 
_struct_conn.ptnr1_symmetry 
_struct_conn.ptnr2_label_asym_id 
_struct_conn.ptnr2_label_comp_id 
_struct_conn.ptnr2_label_seq_id 
_struct_conn.ptnr2_label_atom_id 
_struct_conn.pdbx_ptnr2_label_alt_id 
_struct_conn.pdbx_ptnr2_PDB_ins_code 
_struct_conn.ptnr1_auth_asym_id 
_struct_conn.ptnr1_auth_comp_id 
_struct_conn.ptnr1_auth_seq_id 
_struct_conn.ptnr2_auth_asym_id 
_struct_conn.ptnr2_auth_comp_id 
_struct_conn.ptnr2_auth_seq_id 
_struct_conn.ptnr2_symmetry 
_struct_conn.pdbx_ptnr3_label_atom_id 
_struct_conn.pdbx_ptnr3_label_seq_id 
_struct_conn.pdbx_ptnr3_label_comp_id 
_struct_conn.pdbx_ptnr3_label_asym_id 
_struct_conn.pdbx_ptnr3_label_alt_id 
_struct_conn.pdbx_ptnr3_PDB_ins_code 
_struct_conn.details 
_struct_conn.pdbx_dist_value 
_struct_conn.pdbx_value_order 
_struct_conn.pdbx_role 
covale1 covale both ? A SER 37 C ? ? ? 1_555 A MSE 38 N ? ? A SER 42  A MSE 43  1_555 ? ? ? ? ? ? ? 1.328 ? ? 
covale2 covale both ? A MSE 38 C ? ? ? 1_555 A ASN 39 N ? ? A MSE 43  A ASN 44  1_555 ? ? ? ? ? ? ? 1.326 ? ? 
covale3 covale both ? A LEU 97 C ? ? ? 1_555 A MSE 98 N ? ? A LEU 102 A MSE 103 1_555 ? ? ? ? ? ? ? 1.328 ? ? 
covale4 covale both ? A MSE 98 C ? ? ? 1_555 A LYS 99 N ? ? A MSE 103 A LYS 104 1_555 ? ? ? ? ? ? ? 1.326 ? ? 
# 
_struct_conn_type.id          covale 
_struct_conn_type.criteria    ? 
_struct_conn_type.reference   ? 
# 
loop_
_pdbx_modification_feature.ordinal 
_pdbx_modification_feature.label_comp_id 
_pdbx_modification_feature.label_asym_id 
_pdbx_modification_feature.label_seq_id 
_pdbx_modification_feature.label_alt_id 
_pdbx_modification_feature.modified_residue_label_comp_id 
_pdbx_modification_feature.modified_residue_label_asym_id 
_pdbx_modification_feature.modified_residue_label_seq_id 
_pdbx_modification_feature.modified_residue_label_alt_id 
_pdbx_modification_feature.auth_comp_id 
_pdbx_modification_feature.auth_asym_id 
_pdbx_modification_feature.auth_seq_id 
_pdbx_modification_feature.PDB_ins_code 
_pdbx_modification_feature.symmetry 
_pdbx_modification_feature.modified_residue_auth_comp_id 
_pdbx_modification_feature.modified_residue_auth_asym_id 
_pdbx_modification_feature.modified_residue_auth_seq_id 
_pdbx_modification_feature.modified_residue_PDB_ins_code 
_pdbx_modification_feature.modified_residue_symmetry 
_pdbx_modification_feature.comp_id_linking_atom 
_pdbx_modification_feature.modified_residue_id_linking_atom 
_pdbx_modification_feature.modified_residue_id 
_pdbx_modification_feature.ref_pcm_id 
_pdbx_modification_feature.ref_comp_id 
_pdbx_modification_feature.type 
_pdbx_modification_feature.category 
1 MSE A 38 ? . . . . MSE A 43  ? 1_555 . . . . . . . MET 1 MSE Selenomethionine 'Named protein modification' 
2 MSE A 98 ? . . . . MSE A 103 ? 1_555 . . . . . . . MET 1 MSE Selenomethionine 'Named protein modification' 
# 
_pdbx_entry_details.entry_id                   3QFL 
_pdbx_entry_details.compound_details           ? 
_pdbx_entry_details.source_details             ? 
_pdbx_entry_details.nonpolymer_details         ? 
_pdbx_entry_details.sequence_details           ? 
_pdbx_entry_details.has_ligand_of_interest     ? 
_pdbx_entry_details.has_protein_modification   Y 
# 
_pdbx_validate_torsion.id              1 
_pdbx_validate_torsion.PDB_model_num   1 
_pdbx_validate_torsion.auth_comp_id    ASP 
_pdbx_validate_torsion.auth_asym_id    A 
_pdbx_validate_torsion.auth_seq_id     59 
_pdbx_validate_torsion.PDB_ins_code    ? 
_pdbx_validate_torsion.label_alt_id    ? 
_pdbx_validate_torsion.phi             -124.88 
_pdbx_validate_torsion.psi             -162.00 
# 
loop_
_pdbx_struct_mod_residue.id 
_pdbx_struct_mod_residue.label_asym_id 
_pdbx_struct_mod_residue.label_comp_id 
_pdbx_struct_mod_residue.label_seq_id 
_pdbx_struct_mod_residue.auth_asym_id 
_pdbx_struct_mod_residue.auth_comp_id 
_pdbx_struct_mod_residue.auth_seq_id 
_pdbx_struct_mod_residue.PDB_ins_code 
_pdbx_struct_mod_residue.parent_comp_id 
_pdbx_struct_mod_residue.details 
1 A MSE 38 A MSE 43  ? MET SELENOMETHIONINE 
2 A MSE 98 A MSE 103 ? MET SELENOMETHIONINE 
# 
loop_
_pdbx_refine_tls.pdbx_refine_id 
_pdbx_refine_tls.id 
_pdbx_refine_tls.details 
_pdbx_refine_tls.method 
_pdbx_refine_tls.origin_x 
_pdbx_refine_tls.origin_y 
_pdbx_refine_tls.origin_z 
_pdbx_refine_tls.T[1][1] 
_pdbx_refine_tls.T[2][2] 
_pdbx_refine_tls.T[3][3] 
_pdbx_refine_tls.T[1][2] 
_pdbx_refine_tls.T[1][3] 
_pdbx_refine_tls.T[2][3] 
_pdbx_refine_tls.L[1][1] 
_pdbx_refine_tls.L[2][2] 
_pdbx_refine_tls.L[3][3] 
_pdbx_refine_tls.L[1][2] 
_pdbx_refine_tls.L[1][3] 
_pdbx_refine_tls.L[2][3] 
_pdbx_refine_tls.S[1][1] 
_pdbx_refine_tls.S[2][2] 
_pdbx_refine_tls.S[3][3] 
_pdbx_refine_tls.S[1][2] 
_pdbx_refine_tls.S[1][3] 
_pdbx_refine_tls.S[2][3] 
_pdbx_refine_tls.S[2][1] 
_pdbx_refine_tls.S[3][1] 
_pdbx_refine_tls.S[3][2] 
'X-RAY DIFFRACTION' 1 ? refined 10.3356  0.0834 -0.8186 0.1501 0.0944 0.1618 0.0179  -0.0289 -0.0142 1.7796 0.3250 0.2481 0.2926 -0.6829 -0.0954 -0.0538 -0.0274 0.0551  -0.2225 0.2717  -0.0527 -0.0617 -0.0974 0.0264  
'X-RAY DIFFRACTION' 2 ? refined -31.2333 0.3221 3.0628  0.2301 0.2070 0.2194 -0.0748 0.0547  -0.0110 4.4211 1.6457 0.1231 1.6882 0.5473  0.1054  0.1871  -0.2070 -0.0349 -0.5465 -0.1089 -0.0085 0.5834  0.1469  -0.0059 
# 
loop_
_pdbx_refine_tls_group.pdbx_refine_id 
_pdbx_refine_tls_group.id 
_pdbx_refine_tls_group.refine_tls_id 
_pdbx_refine_tls_group.beg_auth_asym_id 
_pdbx_refine_tls_group.beg_auth_seq_id 
_pdbx_refine_tls_group.end_auth_asym_id 
_pdbx_refine_tls_group.end_auth_seq_id 
_pdbx_refine_tls_group.selection_details 
_pdbx_refine_tls_group.beg_label_asym_id 
_pdbx_refine_tls_group.beg_label_seq_id 
_pdbx_refine_tls_group.end_label_asym_id 
_pdbx_refine_tls_group.end_label_seq_id 
_pdbx_refine_tls_group.selection 
'X-RAY DIFFRACTION' 1 1 A 1  A 90  'chain A and resid 1:90'   ? ? ? ? ? 
'X-RAY DIFFRACTION' 2 2 A 96 A 120 'chain A and resid 96:120' ? ? ? ? ? 
# 
loop_
_pdbx_unobs_or_zero_occ_residues.id 
_pdbx_unobs_or_zero_occ_residues.PDB_model_num 
_pdbx_unobs_or_zero_occ_residues.polymer_flag 
_pdbx_unobs_or_zero_occ_residues.occupancy_flag 
_pdbx_unobs_or_zero_occ_residues.auth_asym_id 
_pdbx_unobs_or_zero_occ_residues.auth_comp_id 
_pdbx_unobs_or_zero_occ_residues.auth_seq_id 
_pdbx_unobs_or_zero_occ_residues.PDB_ins_code 
_pdbx_unobs_or_zero_occ_residues.label_asym_id 
_pdbx_unobs_or_zero_occ_residues.label_comp_id 
_pdbx_unobs_or_zero_occ_residues.label_seq_id 
1 1 Y 1 A LYS 91 ? A LYS 86 
2 1 Y 1 A SER 92 ? A SER 87 
3 1 Y 1 A ASP 93 ? A ASP 88 
4 1 Y 1 A ASP 94 ? A ASP 89 
5 1 Y 1 A ASN 95 ? A ASN 90 
# 
loop_
_chem_comp_atom.comp_id 
_chem_comp_atom.atom_id 
_chem_comp_atom.type_symbol 
_chem_comp_atom.pdbx_aromatic_flag 
_chem_comp_atom.pdbx_stereo_config 
_chem_comp_atom.pdbx_ordinal 
ALA N    N  N N 1   
ALA CA   C  N S 2   
ALA C    C  N N 3   
ALA O    O  N N 4   
ALA CB   C  N N 5   
ALA OXT  O  N N 6   
ALA H    H  N N 7   
ALA H2   H  N N 8   
ALA HA   H  N N 9   
ALA HB1  H  N N 10  
ALA HB2  H  N N 11  
ALA HB3  H  N N 12  
ALA HXT  H  N N 13  
ARG N    N  N N 14  
ARG CA   C  N S 15  
ARG C    C  N N 16  
ARG O    O  N N 17  
ARG CB   C  N N 18  
ARG CG   C  N N 19  
ARG CD   C  N N 20  
ARG NE   N  N N 21  
ARG CZ   C  N N 22  
ARG NH1  N  N N 23  
ARG NH2  N  N N 24  
ARG OXT  O  N N 25  
ARG H    H  N N 26  
ARG H2   H  N N 27  
ARG HA   H  N N 28  
ARG HB2  H  N N 29  
ARG HB3  H  N N 30  
ARG HG2  H  N N 31  
ARG HG3  H  N N 32  
ARG HD2  H  N N 33  
ARG HD3  H  N N 34  
ARG HE   H  N N 35  
ARG HH11 H  N N 36  
ARG HH12 H  N N 37  
ARG HH21 H  N N 38  
ARG HH22 H  N N 39  
ARG HXT  H  N N 40  
ASN N    N  N N 41  
ASN CA   C  N S 42  
ASN C    C  N N 43  
ASN O    O  N N 44  
ASN CB   C  N N 45  
ASN CG   C  N N 46  
ASN OD1  O  N N 47  
ASN ND2  N  N N 48  
ASN OXT  O  N N 49  
ASN H    H  N N 50  
ASN H2   H  N N 51  
ASN HA   H  N N 52  
ASN HB2  H  N N 53  
ASN HB3  H  N N 54  
ASN HD21 H  N N 55  
ASN HD22 H  N N 56  
ASN HXT  H  N N 57  
ASP N    N  N N 58  
ASP CA   C  N S 59  
ASP C    C  N N 60  
ASP O    O  N N 61  
ASP CB   C  N N 62  
ASP CG   C  N N 63  
ASP OD1  O  N N 64  
ASP OD2  O  N N 65  
ASP OXT  O  N N 66  
ASP H    H  N N 67  
ASP H2   H  N N 68  
ASP HA   H  N N 69  
ASP HB2  H  N N 70  
ASP HB3  H  N N 71  
ASP HD2  H  N N 72  
ASP HXT  H  N N 73  
GLN N    N  N N 74  
GLN CA   C  N S 75  
GLN C    C  N N 76  
GLN O    O  N N 77  
GLN CB   C  N N 78  
GLN CG   C  N N 79  
GLN CD   C  N N 80  
GLN OE1  O  N N 81  
GLN NE2  N  N N 82  
GLN OXT  O  N N 83  
GLN H    H  N N 84  
GLN H2   H  N N 85  
GLN HA   H  N N 86  
GLN HB2  H  N N 87  
GLN HB3  H  N N 88  
GLN HG2  H  N N 89  
GLN HG3  H  N N 90  
GLN HE21 H  N N 91  
GLN HE22 H  N N 92  
GLN HXT  H  N N 93  
GLU N    N  N N 94  
GLU CA   C  N S 95  
GLU C    C  N N 96  
GLU O    O  N N 97  
GLU CB   C  N N 98  
GLU CG   C  N N 99  
GLU CD   C  N N 100 
GLU OE1  O  N N 101 
GLU OE2  O  N N 102 
GLU OXT  O  N N 103 
GLU H    H  N N 104 
GLU H2   H  N N 105 
GLU HA   H  N N 106 
GLU HB2  H  N N 107 
GLU HB3  H  N N 108 
GLU HG2  H  N N 109 
GLU HG3  H  N N 110 
GLU HE2  H  N N 111 
GLU HXT  H  N N 112 
GLY N    N  N N 113 
GLY CA   C  N N 114 
GLY C    C  N N 115 
GLY O    O  N N 116 
GLY OXT  O  N N 117 
GLY H    H  N N 118 
GLY H2   H  N N 119 
GLY HA2  H  N N 120 
GLY HA3  H  N N 121 
GLY HXT  H  N N 122 
HIS N    N  N N 123 
HIS CA   C  N S 124 
HIS C    C  N N 125 
HIS O    O  N N 126 
HIS CB   C  N N 127 
HIS CG   C  Y N 128 
HIS ND1  N  Y N 129 
HIS CD2  C  Y N 130 
HIS CE1  C  Y N 131 
HIS NE2  N  Y N 132 
HIS OXT  O  N N 133 
HIS H    H  N N 134 
HIS H2   H  N N 135 
HIS HA   H  N N 136 
HIS HB2  H  N N 137 
HIS HB3  H  N N 138 
HIS HD1  H  N N 139 
HIS HD2  H  N N 140 
HIS HE1  H  N N 141 
HIS HE2  H  N N 142 
HIS HXT  H  N N 143 
HOH O    O  N N 144 
HOH H1   H  N N 145 
HOH H2   H  N N 146 
ILE N    N  N N 147 
ILE CA   C  N S 148 
ILE C    C  N N 149 
ILE O    O  N N 150 
ILE CB   C  N S 151 
ILE CG1  C  N N 152 
ILE CG2  C  N N 153 
ILE CD1  C  N N 154 
ILE OXT  O  N N 155 
ILE H    H  N N 156 
ILE H2   H  N N 157 
ILE HA   H  N N 158 
ILE HB   H  N N 159 
ILE HG12 H  N N 160 
ILE HG13 H  N N 161 
ILE HG21 H  N N 162 
ILE HG22 H  N N 163 
ILE HG23 H  N N 164 
ILE HD11 H  N N 165 
ILE HD12 H  N N 166 
ILE HD13 H  N N 167 
ILE HXT  H  N N 168 
LEU N    N  N N 169 
LEU CA   C  N S 170 
LEU C    C  N N 171 
LEU O    O  N N 172 
LEU CB   C  N N 173 
LEU CG   C  N N 174 
LEU CD1  C  N N 175 
LEU CD2  C  N N 176 
LEU OXT  O  N N 177 
LEU H    H  N N 178 
LEU H2   H  N N 179 
LEU HA   H  N N 180 
LEU HB2  H  N N 181 
LEU HB3  H  N N 182 
LEU HG   H  N N 183 
LEU HD11 H  N N 184 
LEU HD12 H  N N 185 
LEU HD13 H  N N 186 
LEU HD21 H  N N 187 
LEU HD22 H  N N 188 
LEU HD23 H  N N 189 
LEU HXT  H  N N 190 
LYS N    N  N N 191 
LYS CA   C  N S 192 
LYS C    C  N N 193 
LYS O    O  N N 194 
LYS CB   C  N N 195 
LYS CG   C  N N 196 
LYS CD   C  N N 197 
LYS CE   C  N N 198 
LYS NZ   N  N N 199 
LYS OXT  O  N N 200 
LYS H    H  N N 201 
LYS H2   H  N N 202 
LYS HA   H  N N 203 
LYS HB2  H  N N 204 
LYS HB3  H  N N 205 
LYS HG2  H  N N 206 
LYS HG3  H  N N 207 
LYS HD2  H  N N 208 
LYS HD3  H  N N 209 
LYS HE2  H  N N 210 
LYS HE3  H  N N 211 
LYS HZ1  H  N N 212 
LYS HZ2  H  N N 213 
LYS HZ3  H  N N 214 
LYS HXT  H  N N 215 
MSE N    N  N N 216 
MSE CA   C  N S 217 
MSE C    C  N N 218 
MSE O    O  N N 219 
MSE OXT  O  N N 220 
MSE CB   C  N N 221 
MSE CG   C  N N 222 
MSE SE   SE N N 223 
MSE CE   C  N N 224 
MSE H    H  N N 225 
MSE H2   H  N N 226 
MSE HA   H  N N 227 
MSE HXT  H  N N 228 
MSE HB2  H  N N 229 
MSE HB3  H  N N 230 
MSE HG2  H  N N 231 
MSE HG3  H  N N 232 
MSE HE1  H  N N 233 
MSE HE2  H  N N 234 
MSE HE3  H  N N 235 
PHE N    N  N N 236 
PHE CA   C  N S 237 
PHE C    C  N N 238 
PHE O    O  N N 239 
PHE CB   C  N N 240 
PHE CG   C  Y N 241 
PHE CD1  C  Y N 242 
PHE CD2  C  Y N 243 
PHE CE1  C  Y N 244 
PHE CE2  C  Y N 245 
PHE CZ   C  Y N 246 
PHE OXT  O  N N 247 
PHE H    H  N N 248 
PHE H2   H  N N 249 
PHE HA   H  N N 250 
PHE HB2  H  N N 251 
PHE HB3  H  N N 252 
PHE HD1  H  N N 253 
PHE HD2  H  N N 254 
PHE HE1  H  N N 255 
PHE HE2  H  N N 256 
PHE HZ   H  N N 257 
PHE HXT  H  N N 258 
PRO N    N  N N 259 
PRO CA   C  N S 260 
PRO C    C  N N 261 
PRO O    O  N N 262 
PRO CB   C  N N 263 
PRO CG   C  N N 264 
PRO CD   C  N N 265 
PRO OXT  O  N N 266 
PRO H    H  N N 267 
PRO HA   H  N N 268 
PRO HB2  H  N N 269 
PRO HB3  H  N N 270 
PRO HG2  H  N N 271 
PRO HG3  H  N N 272 
PRO HD2  H  N N 273 
PRO HD3  H  N N 274 
PRO HXT  H  N N 275 
SER N    N  N N 276 
SER CA   C  N S 277 
SER C    C  N N 278 
SER O    O  N N 279 
SER CB   C  N N 280 
SER OG   O  N N 281 
SER OXT  O  N N 282 
SER H    H  N N 283 
SER H2   H  N N 284 
SER HA   H  N N 285 
SER HB2  H  N N 286 
SER HB3  H  N N 287 
SER HG   H  N N 288 
SER HXT  H  N N 289 
THR N    N  N N 290 
THR CA   C  N S 291 
THR C    C  N N 292 
THR O    O  N N 293 
THR CB   C  N R 294 
THR OG1  O  N N 295 
THR CG2  C  N N 296 
THR OXT  O  N N 297 
THR H    H  N N 298 
THR H2   H  N N 299 
THR HA   H  N N 300 
THR HB   H  N N 301 
THR HG1  H  N N 302 
THR HG21 H  N N 303 
THR HG22 H  N N 304 
THR HG23 H  N N 305 
THR HXT  H  N N 306 
TRP N    N  N N 307 
TRP CA   C  N S 308 
TRP C    C  N N 309 
TRP O    O  N N 310 
TRP CB   C  N N 311 
TRP CG   C  Y N 312 
TRP CD1  C  Y N 313 
TRP CD2  C  Y N 314 
TRP NE1  N  Y N 315 
TRP CE2  C  Y N 316 
TRP CE3  C  Y N 317 
TRP CZ2  C  Y N 318 
TRP CZ3  C  Y N 319 
TRP CH2  C  Y N 320 
TRP OXT  O  N N 321 
TRP H    H  N N 322 
TRP H2   H  N N 323 
TRP HA   H  N N 324 
TRP HB2  H  N N 325 
TRP HB3  H  N N 326 
TRP HD1  H  N N 327 
TRP HE1  H  N N 328 
TRP HE3  H  N N 329 
TRP HZ2  H  N N 330 
TRP HZ3  H  N N 331 
TRP HH2  H  N N 332 
TRP HXT  H  N N 333 
TYR N    N  N N 334 
TYR CA   C  N S 335 
TYR C    C  N N 336 
TYR O    O  N N 337 
TYR CB   C  N N 338 
TYR CG   C  Y N 339 
TYR CD1  C  Y N 340 
TYR CD2  C  Y N 341 
TYR CE1  C  Y N 342 
TYR CE2  C  Y N 343 
TYR CZ   C  Y N 344 
TYR OH   O  N N 345 
TYR OXT  O  N N 346 
TYR H    H  N N 347 
TYR H2   H  N N 348 
TYR HA   H  N N 349 
TYR HB2  H  N N 350 
TYR HB3  H  N N 351 
TYR HD1  H  N N 352 
TYR HD2  H  N N 353 
TYR HE1  H  N N 354 
TYR HE2  H  N N 355 
TYR HH   H  N N 356 
TYR HXT  H  N N 357 
VAL N    N  N N 358 
VAL CA   C  N S 359 
VAL C    C  N N 360 
VAL O    O  N N 361 
VAL CB   C  N N 362 
VAL CG1  C  N N 363 
VAL CG2  C  N N 364 
VAL OXT  O  N N 365 
VAL H    H  N N 366 
VAL H2   H  N N 367 
VAL HA   H  N N 368 
VAL HB   H  N N 369 
VAL HG11 H  N N 370 
VAL HG12 H  N N 371 
VAL HG13 H  N N 372 
VAL HG21 H  N N 373 
VAL HG22 H  N N 374 
VAL HG23 H  N N 375 
VAL HXT  H  N N 376 
# 
loop_
_chem_comp_bond.comp_id 
_chem_comp_bond.atom_id_1 
_chem_comp_bond.atom_id_2 
_chem_comp_bond.value_order 
_chem_comp_bond.pdbx_aromatic_flag 
_chem_comp_bond.pdbx_stereo_config 
_chem_comp_bond.pdbx_ordinal 
ALA N   CA   sing N N 1   
ALA N   H    sing N N 2   
ALA N   H2   sing N N 3   
ALA CA  C    sing N N 4   
ALA CA  CB   sing N N 5   
ALA CA  HA   sing N N 6   
ALA C   O    doub N N 7   
ALA C   OXT  sing N N 8   
ALA CB  HB1  sing N N 9   
ALA CB  HB2  sing N N 10  
ALA CB  HB3  sing N N 11  
ALA OXT HXT  sing N N 12  
ARG N   CA   sing N N 13  
ARG N   H    sing N N 14  
ARG N   H2   sing N N 15  
ARG CA  C    sing N N 16  
ARG CA  CB   sing N N 17  
ARG CA  HA   sing N N 18  
ARG C   O    doub N N 19  
ARG C   OXT  sing N N 20  
ARG CB  CG   sing N N 21  
ARG CB  HB2  sing N N 22  
ARG CB  HB3  sing N N 23  
ARG CG  CD   sing N N 24  
ARG CG  HG2  sing N N 25  
ARG CG  HG3  sing N N 26  
ARG CD  NE   sing N N 27  
ARG CD  HD2  sing N N 28  
ARG CD  HD3  sing N N 29  
ARG NE  CZ   sing N N 30  
ARG NE  HE   sing N N 31  
ARG CZ  NH1  sing N N 32  
ARG CZ  NH2  doub N N 33  
ARG NH1 HH11 sing N N 34  
ARG NH1 HH12 sing N N 35  
ARG NH2 HH21 sing N N 36  
ARG NH2 HH22 sing N N 37  
ARG OXT HXT  sing N N 38  
ASN N   CA   sing N N 39  
ASN N   H    sing N N 40  
ASN N   H2   sing N N 41  
ASN CA  C    sing N N 42  
ASN CA  CB   sing N N 43  
ASN CA  HA   sing N N 44  
ASN C   O    doub N N 45  
ASN C   OXT  sing N N 46  
ASN CB  CG   sing N N 47  
ASN CB  HB2  sing N N 48  
ASN CB  HB3  sing N N 49  
ASN CG  OD1  doub N N 50  
ASN CG  ND2  sing N N 51  
ASN ND2 HD21 sing N N 52  
ASN ND2 HD22 sing N N 53  
ASN OXT HXT  sing N N 54  
ASP N   CA   sing N N 55  
ASP N   H    sing N N 56  
ASP N   H2   sing N N 57  
ASP CA  C    sing N N 58  
ASP CA  CB   sing N N 59  
ASP CA  HA   sing N N 60  
ASP C   O    doub N N 61  
ASP C   OXT  sing N N 62  
ASP CB  CG   sing N N 63  
ASP CB  HB2  sing N N 64  
ASP CB  HB3  sing N N 65  
ASP CG  OD1  doub N N 66  
ASP CG  OD2  sing N N 67  
ASP OD2 HD2  sing N N 68  
ASP OXT HXT  sing N N 69  
GLN N   CA   sing N N 70  
GLN N   H    sing N N 71  
GLN N   H2   sing N N 72  
GLN CA  C    sing N N 73  
GLN CA  CB   sing N N 74  
GLN CA  HA   sing N N 75  
GLN C   O    doub N N 76  
GLN C   OXT  sing N N 77  
GLN CB  CG   sing N N 78  
GLN CB  HB2  sing N N 79  
GLN CB  HB3  sing N N 80  
GLN CG  CD   sing N N 81  
GLN CG  HG2  sing N N 82  
GLN CG  HG3  sing N N 83  
GLN CD  OE1  doub N N 84  
GLN CD  NE2  sing N N 85  
GLN NE2 HE21 sing N N 86  
GLN NE2 HE22 sing N N 87  
GLN OXT HXT  sing N N 88  
GLU N   CA   sing N N 89  
GLU N   H    sing N N 90  
GLU N   H2   sing N N 91  
GLU CA  C    sing N N 92  
GLU CA  CB   sing N N 93  
GLU CA  HA   sing N N 94  
GLU C   O    doub N N 95  
GLU C   OXT  sing N N 96  
GLU CB  CG   sing N N 97  
GLU CB  HB2  sing N N 98  
GLU CB  HB3  sing N N 99  
GLU CG  CD   sing N N 100 
GLU CG  HG2  sing N N 101 
GLU CG  HG3  sing N N 102 
GLU CD  OE1  doub N N 103 
GLU CD  OE2  sing N N 104 
GLU OE2 HE2  sing N N 105 
GLU OXT HXT  sing N N 106 
GLY N   CA   sing N N 107 
GLY N   H    sing N N 108 
GLY N   H2   sing N N 109 
GLY CA  C    sing N N 110 
GLY CA  HA2  sing N N 111 
GLY CA  HA3  sing N N 112 
GLY C   O    doub N N 113 
GLY C   OXT  sing N N 114 
GLY OXT HXT  sing N N 115 
HIS N   CA   sing N N 116 
HIS N   H    sing N N 117 
HIS N   H2   sing N N 118 
HIS CA  C    sing N N 119 
HIS CA  CB   sing N N 120 
HIS CA  HA   sing N N 121 
HIS C   O    doub N N 122 
HIS C   OXT  sing N N 123 
HIS CB  CG   sing N N 124 
HIS CB  HB2  sing N N 125 
HIS CB  HB3  sing N N 126 
HIS CG  ND1  sing Y N 127 
HIS CG  CD2  doub Y N 128 
HIS ND1 CE1  doub Y N 129 
HIS ND1 HD1  sing N N 130 
HIS CD2 NE2  sing Y N 131 
HIS CD2 HD2  sing N N 132 
HIS CE1 NE2  sing Y N 133 
HIS CE1 HE1  sing N N 134 
HIS NE2 HE2  sing N N 135 
HIS OXT HXT  sing N N 136 
HOH O   H1   sing N N 137 
HOH O   H2   sing N N 138 
ILE N   CA   sing N N 139 
ILE N   H    sing N N 140 
ILE N   H2   sing N N 141 
ILE CA  C    sing N N 142 
ILE CA  CB   sing N N 143 
ILE CA  HA   sing N N 144 
ILE C   O    doub N N 145 
ILE C   OXT  sing N N 146 
ILE CB  CG1  sing N N 147 
ILE CB  CG2  sing N N 148 
ILE CB  HB   sing N N 149 
ILE CG1 CD1  sing N N 150 
ILE CG1 HG12 sing N N 151 
ILE CG1 HG13 sing N N 152 
ILE CG2 HG21 sing N N 153 
ILE CG2 HG22 sing N N 154 
ILE CG2 HG23 sing N N 155 
ILE CD1 HD11 sing N N 156 
ILE CD1 HD12 sing N N 157 
ILE CD1 HD13 sing N N 158 
ILE OXT HXT  sing N N 159 
LEU N   CA   sing N N 160 
LEU N   H    sing N N 161 
LEU N   H2   sing N N 162 
LEU CA  C    sing N N 163 
LEU CA  CB   sing N N 164 
LEU CA  HA   sing N N 165 
LEU C   O    doub N N 166 
LEU C   OXT  sing N N 167 
LEU CB  CG   sing N N 168 
LEU CB  HB2  sing N N 169 
LEU CB  HB3  sing N N 170 
LEU CG  CD1  sing N N 171 
LEU CG  CD2  sing N N 172 
LEU CG  HG   sing N N 173 
LEU CD1 HD11 sing N N 174 
LEU CD1 HD12 sing N N 175 
LEU CD1 HD13 sing N N 176 
LEU CD2 HD21 sing N N 177 
LEU CD2 HD22 sing N N 178 
LEU CD2 HD23 sing N N 179 
LEU OXT HXT  sing N N 180 
LYS N   CA   sing N N 181 
LYS N   H    sing N N 182 
LYS N   H2   sing N N 183 
LYS CA  C    sing N N 184 
LYS CA  CB   sing N N 185 
LYS CA  HA   sing N N 186 
LYS C   O    doub N N 187 
LYS C   OXT  sing N N 188 
LYS CB  CG   sing N N 189 
LYS CB  HB2  sing N N 190 
LYS CB  HB3  sing N N 191 
LYS CG  CD   sing N N 192 
LYS CG  HG2  sing N N 193 
LYS CG  HG3  sing N N 194 
LYS CD  CE   sing N N 195 
LYS CD  HD2  sing N N 196 
LYS CD  HD3  sing N N 197 
LYS CE  NZ   sing N N 198 
LYS CE  HE2  sing N N 199 
LYS CE  HE3  sing N N 200 
LYS NZ  HZ1  sing N N 201 
LYS NZ  HZ2  sing N N 202 
LYS NZ  HZ3  sing N N 203 
LYS OXT HXT  sing N N 204 
MSE N   CA   sing N N 205 
MSE N   H    sing N N 206 
MSE N   H2   sing N N 207 
MSE CA  C    sing N N 208 
MSE CA  CB   sing N N 209 
MSE CA  HA   sing N N 210 
MSE C   O    doub N N 211 
MSE C   OXT  sing N N 212 
MSE OXT HXT  sing N N 213 
MSE CB  CG   sing N N 214 
MSE CB  HB2  sing N N 215 
MSE CB  HB3  sing N N 216 
MSE CG  SE   sing N N 217 
MSE CG  HG2  sing N N 218 
MSE CG  HG3  sing N N 219 
MSE SE  CE   sing N N 220 
MSE CE  HE1  sing N N 221 
MSE CE  HE2  sing N N 222 
MSE CE  HE3  sing N N 223 
PHE N   CA   sing N N 224 
PHE N   H    sing N N 225 
PHE N   H2   sing N N 226 
PHE CA  C    sing N N 227 
PHE CA  CB   sing N N 228 
PHE CA  HA   sing N N 229 
PHE C   O    doub N N 230 
PHE C   OXT  sing N N 231 
PHE CB  CG   sing N N 232 
PHE CB  HB2  sing N N 233 
PHE CB  HB3  sing N N 234 
PHE CG  CD1  doub Y N 235 
PHE CG  CD2  sing Y N 236 
PHE CD1 CE1  sing Y N 237 
PHE CD1 HD1  sing N N 238 
PHE CD2 CE2  doub Y N 239 
PHE CD2 HD2  sing N N 240 
PHE CE1 CZ   doub Y N 241 
PHE CE1 HE1  sing N N 242 
PHE CE2 CZ   sing Y N 243 
PHE CE2 HE2  sing N N 244 
PHE CZ  HZ   sing N N 245 
PHE OXT HXT  sing N N 246 
PRO N   CA   sing N N 247 
PRO N   CD   sing N N 248 
PRO N   H    sing N N 249 
PRO CA  C    sing N N 250 
PRO CA  CB   sing N N 251 
PRO CA  HA   sing N N 252 
PRO C   O    doub N N 253 
PRO C   OXT  sing N N 254 
PRO CB  CG   sing N N 255 
PRO CB  HB2  sing N N 256 
PRO CB  HB3  sing N N 257 
PRO CG  CD   sing N N 258 
PRO CG  HG2  sing N N 259 
PRO CG  HG3  sing N N 260 
PRO CD  HD2  sing N N 261 
PRO CD  HD3  sing N N 262 
PRO OXT HXT  sing N N 263 
SER N   CA   sing N N 264 
SER N   H    sing N N 265 
SER N   H2   sing N N 266 
SER CA  C    sing N N 267 
SER CA  CB   sing N N 268 
SER CA  HA   sing N N 269 
SER C   O    doub N N 270 
SER C   OXT  sing N N 271 
SER CB  OG   sing N N 272 
SER CB  HB2  sing N N 273 
SER CB  HB3  sing N N 274 
SER OG  HG   sing N N 275 
SER OXT HXT  sing N N 276 
THR N   CA   sing N N 277 
THR N   H    sing N N 278 
THR N   H2   sing N N 279 
THR CA  C    sing N N 280 
THR CA  CB   sing N N 281 
THR CA  HA   sing N N 282 
THR C   O    doub N N 283 
THR C   OXT  sing N N 284 
THR CB  OG1  sing N N 285 
THR CB  CG2  sing N N 286 
THR CB  HB   sing N N 287 
THR OG1 HG1  sing N N 288 
THR CG2 HG21 sing N N 289 
THR CG2 HG22 sing N N 290 
THR CG2 HG23 sing N N 291 
THR OXT HXT  sing N N 292 
TRP N   CA   sing N N 293 
TRP N   H    sing N N 294 
TRP N   H2   sing N N 295 
TRP CA  C    sing N N 296 
TRP CA  CB   sing N N 297 
TRP CA  HA   sing N N 298 
TRP C   O    doub N N 299 
TRP C   OXT  sing N N 300 
TRP CB  CG   sing N N 301 
TRP CB  HB2  sing N N 302 
TRP CB  HB3  sing N N 303 
TRP CG  CD1  doub Y N 304 
TRP CG  CD2  sing Y N 305 
TRP CD1 NE1  sing Y N 306 
TRP CD1 HD1  sing N N 307 
TRP CD2 CE2  doub Y N 308 
TRP CD2 CE3  sing Y N 309 
TRP NE1 CE2  sing Y N 310 
TRP NE1 HE1  sing N N 311 
TRP CE2 CZ2  sing Y N 312 
TRP CE3 CZ3  doub Y N 313 
TRP CE3 HE3  sing N N 314 
TRP CZ2 CH2  doub Y N 315 
TRP CZ2 HZ2  sing N N 316 
TRP CZ3 CH2  sing Y N 317 
TRP CZ3 HZ3  sing N N 318 
TRP CH2 HH2  sing N N 319 
TRP OXT HXT  sing N N 320 
TYR N   CA   sing N N 321 
TYR N   H    sing N N 322 
TYR N   H2   sing N N 323 
TYR CA  C    sing N N 324 
TYR CA  CB   sing N N 325 
TYR CA  HA   sing N N 326 
TYR C   O    doub N N 327 
TYR C   OXT  sing N N 328 
TYR CB  CG   sing N N 329 
TYR CB  HB2  sing N N 330 
TYR CB  HB3  sing N N 331 
TYR CG  CD1  doub Y N 332 
TYR CG  CD2  sing Y N 333 
TYR CD1 CE1  sing Y N 334 
TYR CD1 HD1  sing N N 335 
TYR CD2 CE2  doub Y N 336 
TYR CD2 HD2  sing N N 337 
TYR CE1 CZ   doub Y N 338 
TYR CE1 HE1  sing N N 339 
TYR CE2 CZ   sing Y N 340 
TYR CE2 HE2  sing N N 341 
TYR CZ  OH   sing N N 342 
TYR OH  HH   sing N N 343 
TYR OXT HXT  sing N N 344 
VAL N   CA   sing N N 345 
VAL N   H    sing N N 346 
VAL N   H2   sing N N 347 
VAL CA  C    sing N N 348 
VAL CA  CB   sing N N 349 
VAL CA  HA   sing N N 350 
VAL C   O    doub N N 351 
VAL C   OXT  sing N N 352 
VAL CB  CG1  sing N N 353 
VAL CB  CG2  sing N N 354 
VAL CB  HB   sing N N 355 
VAL CG1 HG11 sing N N 356 
VAL CG1 HG12 sing N N 357 
VAL CG1 HG13 sing N N 358 
VAL CG2 HG21 sing N N 359 
VAL CG2 HG22 sing N N 360 
VAL CG2 HG23 sing N N 361 
VAL OXT HXT  sing N N 362 
# 
_atom_sites.entry_id                    3QFL 
_atom_sites.fract_transf_matrix[1][1]   -0.01011140 
_atom_sites.fract_transf_matrix[1][2]   0.00042132 
_atom_sites.fract_transf_matrix[1][3]   -0.00168811 
_atom_sites.fract_transf_matrix[2][1]   0.00550846 
_atom_sites.fract_transf_matrix[2][2]   0.00190083 
_atom_sites.fract_transf_matrix[2][3]   -0.03252004 
_atom_sites.fract_transf_matrix[3][1]   -0.00081348 
_atom_sites.fract_transf_matrix[3][2]   -0.02621426 
_atom_sites.fract_transf_matrix[3][3]   -0.00167005 
_atom_sites.fract_transf_vector[1]      0.963003 
_atom_sites.fract_transf_vector[2]      0.982483 
_atom_sites.fract_transf_vector[3]      0.751965 
# 
loop_
_atom_type.symbol 
C  
N  
O  
SE 
# 
loop_
_atom_site.group_PDB 
_atom_site.id 
_atom_site.type_symbol 
_atom_site.label_atom_id 
_atom_site.label_alt_id 
_atom_site.label_comp_id 
_atom_site.label_asym_id 
_atom_site.label_entity_id 
_atom_site.label_seq_id 
_atom_site.pdbx_PDB_ins_code 
_atom_site.Cartn_x 
_atom_site.Cartn_y 
_atom_site.Cartn_z 
_atom_site.occupancy 
_atom_site.B_iso_or_equiv 
_atom_site.pdbx_formal_charge 
_atom_site.auth_seq_id 
_atom_site.auth_comp_id 
_atom_site.auth_asym_id 
_atom_site.auth_atom_id 
_atom_site.pdbx_PDB_model_num 
ATOM   1   N  N   . ALA A 1 1   ? -34.403 -0.444  -9.389  1.00 59.22 ? 6   ALA A N   1 
ATOM   2   C  CA  . ALA A 1 1   ? -34.772 0.636   -10.301 1.00 74.24 ? 6   ALA A CA  1 
ATOM   3   C  C   . ALA A 1 1   ? -33.568 1.515   -10.646 1.00 80.55 ? 6   ALA A C   1 
ATOM   4   O  O   . ALA A 1 1   ? -32.700 1.751   -9.806  1.00 83.09 ? 6   ALA A O   1 
ATOM   5   C  CB  . ALA A 1 1   ? -35.903 1.477   -9.713  1.00 77.24 ? 6   ALA A CB  1 
ATOM   6   N  N   . ALA A 1 2   ? -33.527 1.994   -11.886 1.00 79.84 ? 7   ALA A N   1 
ATOM   7   C  CA  . ALA A 1 2   ? -32.427 2.823   -12.362 1.00 74.92 ? 7   ALA A CA  1 
ATOM   8   C  C   . ALA A 1 2   ? -32.551 4.245   -11.826 1.00 78.71 ? 7   ALA A C   1 
ATOM   9   O  O   . ALA A 1 2   ? -32.489 5.216   -12.580 1.00 84.32 ? 7   ALA A O   1 
ATOM   10  C  CB  . ALA A 1 2   ? -32.382 2.825   -13.887 1.00 70.67 ? 7   ALA A CB  1 
ATOM   11  N  N   . ILE A 1 3   ? -32.729 4.354   -10.514 1.00 78.18 ? 8   ILE A N   1 
ATOM   12  C  CA  . ILE A 1 3   ? -32.870 5.642   -9.842  1.00 74.31 ? 8   ILE A CA  1 
ATOM   13  C  C   . ILE A 1 3   ? -31.542 6.413   -9.851  1.00 68.38 ? 8   ILE A C   1 
ATOM   14  O  O   . ILE A 1 3   ? -31.518 7.639   -10.011 1.00 65.21 ? 8   ILE A O   1 
ATOM   15  C  CB  . ILE A 1 3   ? -33.341 5.449   -8.368  1.00 66.15 ? 8   ILE A CB  1 
ATOM   16  C  CG1 . ILE A 1 3   ? -33.961 4.057   -8.157  1.00 56.69 ? 8   ILE A CG1 1 
ATOM   17  C  CG2 . ILE A 1 3   ? -34.303 6.553   -7.957  1.00 59.87 ? 8   ILE A CG2 1 
ATOM   18  C  CD1 . ILE A 1 3   ? -34.194 3.685   -6.690  1.00 47.88 ? 8   ILE A CD1 1 
ATOM   19  N  N   . SER A 1 4   ? -30.439 5.680   -9.696  1.00 58.52 ? 9   SER A N   1 
ATOM   20  C  CA  . SER A 1 4   ? -29.120 6.280   -9.522  1.00 53.15 ? 9   SER A CA  1 
ATOM   21  C  C   . SER A 1 4   ? -27.985 5.462   -10.161 1.00 50.26 ? 9   SER A C   1 
ATOM   22  O  O   . SER A 1 4   ? -28.210 4.403   -10.760 1.00 42.66 ? 9   SER A O   1 
ATOM   23  C  CB  . SER A 1 4   ? -28.823 6.442   -8.032  1.00 50.74 ? 9   SER A CB  1 
ATOM   24  O  OG  . SER A 1 4   ? -28.523 5.178   -7.457  1.00 48.33 ? 9   SER A OG  1 
ATOM   25  N  N   . ASN A 1 5   ? -26.764 5.971   -10.009 1.00 50.99 ? 10  ASN A N   1 
ATOM   26  C  CA  . ASN A 1 5   ? -25.567 5.352   -10.562 1.00 40.68 ? 10  ASN A CA  1 
ATOM   27  C  C   . ASN A 1 5   ? -24.729 4.761   -9.436  1.00 33.62 ? 10  ASN A C   1 
ATOM   28  O  O   . ASN A 1 5   ? -23.511 4.606   -9.553  1.00 35.26 ? 10  ASN A O   1 
ATOM   29  C  CB  . ASN A 1 5   ? -24.752 6.388   -11.330 1.00 57.88 ? 10  ASN A CB  1 
ATOM   30  C  CG  . ASN A 1 5   ? -23.629 5.766   -12.138 1.00 71.97 ? 10  ASN A CG  1 
ATOM   31  O  OD1 . ASN A 1 5   ? -23.861 4.865   -12.943 1.00 80.58 ? 10  ASN A OD1 1 
ATOM   32  N  ND2 . ASN A 1 5   ? -22.405 6.248   -11.930 1.00 67.20 ? 10  ASN A ND2 1 
ATOM   33  N  N   . LEU A 1 6   ? -25.395 4.446   -8.332  1.00 27.99 ? 11  LEU A N   1 
ATOM   34  C  CA  . LEU A 1 6   ? -24.736 3.832   -7.189  1.00 28.05 ? 11  LEU A CA  1 
ATOM   35  C  C   . LEU A 1 6   ? -23.987 2.555   -7.568  1.00 27.03 ? 11  LEU A C   1 
ATOM   36  O  O   . LEU A 1 6   ? -22.831 2.375   -7.195  1.00 26.92 ? 11  LEU A O   1 
ATOM   37  C  CB  . LEU A 1 6   ? -25.755 3.517   -6.094  1.00 29.21 ? 11  LEU A CB  1 
ATOM   38  C  CG  . LEU A 1 6   ? -25.113 3.027   -4.794  1.00 33.87 ? 11  LEU A CG  1 
ATOM   39  C  CD1 . LEU A 1 6   ? -23.905 3.881   -4.460  1.00 27.17 ? 11  LEU A CD1 1 
ATOM   40  C  CD2 . LEU A 1 6   ? -26.117 3.031   -3.658  1.00 39.65 ? 11  LEU A CD2 1 
ATOM   41  N  N   . ILE A 1 7   ? -24.650 1.660   -8.294  1.00 17.59 ? 12  ILE A N   1 
ATOM   42  C  CA  . ILE A 1 7   ? -24.054 0.361   -8.602  1.00 20.69 ? 12  ILE A CA  1 
ATOM   43  C  C   . ILE A 1 7   ? -22.775 0.461   -9.452  1.00 16.92 ? 12  ILE A C   1 
ATOM   44  O  O   . ILE A 1 7   ? -21.788 -0.166  -9.139  1.00 21.13 ? 12  ILE A O   1 
ATOM   45  C  CB  . ILE A 1 7   ? -25.067 -0.624  -9.246  1.00 21.09 ? 12  ILE A CB  1 
ATOM   46  C  CG1 . ILE A 1 7   ? -26.181 -1.006  -8.251  1.00 19.03 ? 12  ILE A CG1 1 
ATOM   47  C  CG2 . ILE A 1 7   ? -24.342 -1.874  -9.724  1.00 23.34 ? 12  ILE A CG2 1 
ATOM   48  C  CD1 . ILE A 1 7   ? -25.664 -1.696  -6.968  1.00 19.12 ? 12  ILE A CD1 1 
ATOM   49  N  N   . PRO A 1 8   ? -22.805 1.231   -10.548 1.00 28.08 ? 13  PRO A N   1 
ATOM   50  C  CA  . PRO A 1 8   ? -21.573 1.375   -11.326 1.00 20.00 ? 13  PRO A CA  1 
ATOM   51  C  C   . PRO A 1 8   ? -20.432 1.984   -10.525 1.00 21.92 ? 13  PRO A C   1 
ATOM   52  O  O   . PRO A 1 8   ? -19.298 1.555   -10.665 1.00 19.05 ? 13  PRO A O   1 
ATOM   53  C  CB  . PRO A 1 8   ? -21.986 2.310   -12.456 1.00 23.95 ? 13  PRO A CB  1 
ATOM   54  C  CG  . PRO A 1 8   ? -23.450 1.957   -12.680 1.00 27.54 ? 13  PRO A CG  1 
ATOM   55  C  CD  . PRO A 1 8   ? -23.985 1.726   -11.281 1.00 30.15 ? 13  PRO A CD  1 
ATOM   56  N  N   . LYS A 1 9   ? -20.726 2.982   -9.702  1.00 25.87 ? 14  LYS A N   1 
ATOM   57  C  CA  . LYS A 1 9   ? -19.681 3.635   -8.940  1.00 25.77 ? 14  LYS A CA  1 
ATOM   58  C  C   . LYS A 1 9   ? -19.065 2.643   -7.945  1.00 23.97 ? 14  LYS A C   1 
ATOM   59  O  O   . LYS A 1 9   ? -17.844 2.598   -7.793  1.00 21.02 ? 14  LYS A O   1 
ATOM   60  C  CB  . LYS A 1 9   ? -20.217 4.894   -8.252  1.00 23.48 ? 14  LYS A CB  1 
ATOM   61  C  CG  . LYS A 1 9   ? -19.180 5.695   -7.489  1.00 29.35 ? 14  LYS A CG  1 
ATOM   62  C  CD  . LYS A 1 9   ? -17.984 6.099   -8.347  1.00 32.01 ? 14  LYS A CD  1 
ATOM   63  C  CE  . LYS A 1 9   ? -18.306 7.216   -9.325  1.00 32.74 ? 14  LYS A CE  1 
ATOM   64  N  NZ  . LYS A 1 9   ? -17.044 7.734   -9.960  1.00 28.95 ? 14  LYS A NZ  1 
ATOM   65  N  N   . LEU A 1 10  ? -19.899 1.832   -7.293  1.00 20.08 ? 15  LEU A N   1 
ATOM   66  C  CA  . LEU A 1 10  ? -19.370 0.791   -6.400  1.00 23.15 ? 15  LEU A CA  1 
ATOM   67  C  C   . LEU A 1 10  ? -18.582 -0.246  -7.198  1.00 17.90 ? 15  LEU A C   1 
ATOM   68  O  O   . LEU A 1 10  ? -17.567 -0.752  -6.731  1.00 19.72 ? 15  LEU A O   1 
ATOM   69  C  CB  . LEU A 1 10  ? -20.493 0.109   -5.617  1.00 19.17 ? 15  LEU A CB  1 
ATOM   70  C  CG  . LEU A 1 10  ? -21.296 0.976   -4.652  1.00 26.49 ? 15  LEU A CG  1 
ATOM   71  C  CD1 . LEU A 1 10  ? -22.490 0.186   -4.089  1.00 28.25 ? 15  LEU A CD1 1 
ATOM   72  C  CD2 . LEU A 1 10  ? -20.383 1.515   -3.535  1.00 20.92 ? 15  LEU A CD2 1 
ATOM   73  N  N   . GLY A 1 11  ? -19.062 -0.564  -8.403  1.00 21.99 ? 16  GLY A N   1 
ATOM   74  C  CA  . GLY A 1 11  ? -18.318 -1.426  -9.322  1.00 22.09 ? 16  GLY A CA  1 
ATOM   75  C  C   . GLY A 1 11  ? -16.927 -0.870  -9.616  1.00 22.66 ? 16  GLY A C   1 
ATOM   76  O  O   . GLY A 1 11  ? -15.936 -1.589  -9.568  1.00 18.77 ? 16  GLY A O   1 
ATOM   77  N  N   . GLU A 1 12  ? -16.858 0.426   -9.908  1.00 21.20 ? 17  GLU A N   1 
ATOM   78  C  CA  . GLU A 1 12  ? -15.584 1.096   -10.138 1.00 20.94 ? 17  GLU A CA  1 
ATOM   79  C  C   . GLU A 1 12  ? -14.681 0.987   -8.909  1.00 25.51 ? 17  GLU A C   1 
ATOM   80  O  O   . GLU A 1 12  ? -13.502 0.660   -9.020  1.00 20.79 ? 17  GLU A O   1 
ATOM   81  C  CB  . GLU A 1 12  ? -15.815 2.562   -10.539 1.00 23.43 ? 17  GLU A CB  1 
ATOM   82  C  CG  . GLU A 1 12  ? -14.548 3.351   -10.850 1.00 33.75 ? 17  GLU A CG  1 
ATOM   83  C  CD  . GLU A 1 12  ? -14.842 4.782   -11.300 1.00 38.63 ? 17  GLU A CD  1 
ATOM   84  O  OE1 . GLU A 1 12  ? -15.855 5.359   -10.845 1.00 30.31 ? 17  GLU A OE1 1 
ATOM   85  O  OE2 . GLU A 1 12  ? -14.061 5.321   -12.116 1.00 38.70 ? 17  GLU A OE2 1 
ATOM   86  N  N   . LEU A 1 13  ? -15.231 1.231   -7.728  1.00 24.58 ? 18  LEU A N   1 
ATOM   87  C  CA  . LEU A 1 13  ? -14.433 1.076   -6.516  1.00 25.16 ? 18  LEU A CA  1 
ATOM   88  C  C   . LEU A 1 13  ? -13.900 -0.360  -6.343  1.00 21.14 ? 18  LEU A C   1 
ATOM   89  O  O   . LEU A 1 13  ? -12.722 -0.553  -6.049  1.00 19.51 ? 18  LEU A O   1 
ATOM   90  C  CB  . LEU A 1 13  ? -15.239 1.501   -5.292  1.00 22.16 ? 18  LEU A CB  1 
ATOM   91  C  CG  . LEU A 1 13  ? -14.643 1.139   -3.942  1.00 24.25 ? 18  LEU A CG  1 
ATOM   92  C  CD1 . LEU A 1 13  ? -13.316 1.859   -3.720  1.00 21.62 ? 18  LEU A CD1 1 
ATOM   93  C  CD2 . LEU A 1 13  ? -15.639 1.435   -2.820  1.00 27.54 ? 18  LEU A CD2 1 
ATOM   94  N  N   . LEU A 1 14  ? -14.763 -1.360  -6.525  1.00 16.47 ? 19  LEU A N   1 
ATOM   95  C  CA  . LEU A 1 14  ? -14.354 -2.763  -6.383  1.00 22.51 ? 19  LEU A CA  1 
ATOM   96  C  C   . LEU A 1 14  ? -13.244 -3.143  -7.377  1.00 18.89 ? 19  LEU A C   1 
ATOM   97  O  O   . LEU A 1 14  ? -12.256 -3.800  -7.030  1.00 19.62 ? 19  LEU A O   1 
ATOM   98  C  CB  . LEU A 1 14  ? -15.569 -3.687  -6.563  1.00 19.06 ? 19  LEU A CB  1 
ATOM   99  C  CG  . LEU A 1 14  ? -15.298 -5.187  -6.519  1.00 21.31 ? 19  LEU A CG  1 
ATOM   100 C  CD1 . LEU A 1 14  ? -14.469 -5.557  -5.283  1.00 23.30 ? 19  LEU A CD1 1 
ATOM   101 C  CD2 . LEU A 1 14  ? -16.605 -5.931  -6.518  1.00 21.14 ? 19  LEU A CD2 1 
ATOM   102 N  N   . THR A 1 15  ? -13.418 -2.708  -8.615  1.00 20.19 ? 20  THR A N   1 
ATOM   103 C  CA  . THR A 1 15  ? -12.416 -2.866  -9.661  1.00 19.63 ? 20  THR A CA  1 
ATOM   104 C  C   . THR A 1 15  ? -11.044 -2.298  -9.254  1.00 20.75 ? 20  THR A C   1 
ATOM   105 O  O   . THR A 1 15  ? -10.040 -2.977  -9.385  1.00 19.20 ? 20  THR A O   1 
ATOM   106 C  CB  . THR A 1 15  ? -12.901 -2.209  -10.962 1.00 24.88 ? 20  THR A CB  1 
ATOM   107 O  OG1 . THR A 1 15  ? -14.040 -2.929  -11.436 1.00 25.70 ? 20  THR A OG1 1 
ATOM   108 C  CG2 . THR A 1 15  ? -11.812 -2.228  -12.027 1.00 28.32 ? 20  THR A CG2 1 
ATOM   109 N  N   . GLU A 1 16  ? -10.989 -1.067  -8.756  1.00 19.95 ? 21  GLU A N   1 
ATOM   110 C  CA  . GLU A 1 16  ? -9.693  -0.505  -8.351  1.00 17.18 ? 21  GLU A CA  1 
ATOM   111 C  C   . GLU A 1 16  ? -9.102  -1.211  -7.123  1.00 20.90 ? 21  GLU A C   1 
ATOM   112 O  O   . GLU A 1 16  ? -7.887  -1.334  -7.008  1.00 21.41 ? 21  GLU A O   1 
ATOM   113 C  CB  . GLU A 1 16  ? -9.754  1.011   -8.157  1.00 26.95 ? 21  GLU A CB  1 
ATOM   114 C  CG  . GLU A 1 16  ? -10.121 1.764   -9.445  1.00 34.63 ? 21  GLU A CG  1 
ATOM   115 C  CD  . GLU A 1 16  ? -9.260  1.357   -10.636 1.00 41.40 ? 21  GLU A CD  1 
ATOM   116 O  OE1 . GLU A 1 16  ? -9.824  1.065   -11.718 1.00 37.15 ? 21  GLU A OE1 1 
ATOM   117 O  OE2 . GLU A 1 16  ? -8.013  1.321   -10.487 1.00 41.79 ? 21  GLU A OE2 1 
ATOM   118 N  N   . GLU A 1 17  ? -9.960  -1.694  -6.226  1.00 26.40 ? 22  GLU A N   1 
ATOM   119 C  CA  . GLU A 1 17  ? -9.492  -2.497  -5.097  1.00 18.04 ? 22  GLU A CA  1 
ATOM   120 C  C   . GLU A 1 17  ? -8.823  -3.798  -5.567  1.00 14.47 ? 22  GLU A C   1 
ATOM   121 O  O   . GLU A 1 17  ? -7.727  -4.167  -5.081  1.00 14.44 ? 22  GLU A O   1 
ATOM   122 C  CB  . GLU A 1 17  ? -10.621 -2.771  -4.085  1.00 13.52 ? 22  GLU A CB  1 
ATOM   123 C  CG  . GLU A 1 17  ? -11.021 -1.514  -3.268  1.00 22.58 ? 22  GLU A CG  1 
ATOM   124 C  CD  . GLU A 1 17  ? -12.110 -1.769  -2.227  1.00 24.49 ? 22  GLU A CD  1 
ATOM   125 O  OE1 . GLU A 1 17  ? -12.581 -2.917  -2.113  1.00 33.93 ? 22  GLU A OE1 1 
ATOM   126 O  OE2 . GLU A 1 17  ? -12.497 -0.813  -1.517  1.00 32.40 ? 22  GLU A OE2 1 
ATOM   127 N  N   . PHE A 1 18  ? -9.463  -4.498  -6.501  1.00 15.17 ? 23  PHE A N   1 
ATOM   128 C  CA  . PHE A 1 18  ? -8.852  -5.694  -7.090  1.00 12.90 ? 23  PHE A CA  1 
ATOM   129 C  C   . PHE A 1 18  ? -7.481  -5.327  -7.643  1.00 20.33 ? 23  PHE A C   1 
ATOM   130 O  O   . PHE A 1 18  ? -6.488  -5.991  -7.367  1.00 19.88 ? 23  PHE A O   1 
ATOM   131 C  CB  . PHE A 1 18  ? -9.689  -6.271  -8.230  1.00 13.91 ? 23  PHE A CB  1 
ATOM   132 C  CG  . PHE A 1 18  ? -10.848 -7.129  -7.788  1.00 28.38 ? 23  PHE A CG  1 
ATOM   133 C  CD1 . PHE A 1 18  ? -12.145 -6.830  -8.203  1.00 31.53 ? 23  PHE A CD1 1 
ATOM   134 C  CD2 . PHE A 1 18  ? -10.646 -8.251  -6.994  1.00 30.92 ? 23  PHE A CD2 1 
ATOM   135 C  CE1 . PHE A 1 18  ? -13.222 -7.627  -7.814  1.00 33.71 ? 23  PHE A CE1 1 
ATOM   136 C  CE2 . PHE A 1 18  ? -11.725 -9.051  -6.599  1.00 29.95 ? 23  PHE A CE2 1 
ATOM   137 C  CZ  . PHE A 1 18  ? -13.015 -8.734  -7.011  1.00 27.06 ? 23  PHE A CZ  1 
ATOM   138 N  N   . LYS A 1 19  ? -7.429  -4.271  -8.441  1.00 21.98 ? 24  LYS A N   1 
ATOM   139 C  CA  . LYS A 1 19  ? -6.173  -3.879  -9.059  1.00 22.13 ? 24  LYS A CA  1 
ATOM   140 C  C   . LYS A 1 19  ? -5.110  -3.520  -8.011  1.00 22.06 ? 24  LYS A C   1 
ATOM   141 O  O   . LYS A 1 19  ? -3.958  -3.933  -8.118  1.00 21.77 ? 24  LYS A O   1 
ATOM   142 C  CB  . LYS A 1 19  ? -6.404  -2.725  -10.035 1.00 23.49 ? 24  LYS A CB  1 
ATOM   143 C  CG  . LYS A 1 19  ? -7.228  -3.113  -11.266 1.00 24.70 ? 24  LYS A CG  1 
ATOM   144 C  CD  . LYS A 1 19  ? -7.373  -1.914  -12.199 1.00 27.04 ? 24  LYS A CD  1 
ATOM   145 C  CE  . LYS A 1 19  ? -8.259  -2.223  -13.390 1.00 31.97 ? 24  LYS A CE  1 
ATOM   146 N  NZ  . LYS A 1 19  ? -8.636  -0.958  -14.114 1.00 37.56 ? 24  LYS A NZ  1 
ATOM   147 N  N   . LEU A 1 20  ? -5.512  -2.757  -7.002  1.00 16.73 ? 25  LEU A N   1 
ATOM   148 C  CA  . LEU A 1 20  ? -4.617  -2.346  -5.917  1.00 19.70 ? 25  LEU A CA  1 
ATOM   149 C  C   . LEU A 1 20  ? -4.073  -3.568  -5.155  1.00 21.02 ? 25  LEU A C   1 
ATOM   150 O  O   . LEU A 1 20  ? -2.883  -3.634  -4.831  1.00 20.00 ? 25  LEU A O   1 
ATOM   151 C  CB  . LEU A 1 20  ? -5.395  -1.447  -4.956  1.00 18.40 ? 25  LEU A CB  1 
ATOM   152 C  CG  . LEU A 1 20  ? -4.740  -0.423  -4.014  1.00 32.02 ? 25  LEU A CG  1 
ATOM   153 C  CD1 . LEU A 1 20  ? -5.337  -0.515  -2.617  1.00 22.58 ? 25  LEU A CD1 1 
ATOM   154 C  CD2 . LEU A 1 20  ? -3.224  -0.511  -3.982  1.00 22.68 ? 25  LEU A CD2 1 
ATOM   155 N  N   . HIS A 1 21  ? -4.961  -4.517  -4.859  1.00 15.70 ? 26  HIS A N   1 
ATOM   156 C  CA  . HIS A 1 21  ? -4.611  -5.762  -4.166  1.00 17.07 ? 26  HIS A CA  1 
ATOM   157 C  C   . HIS A 1 21  ? -3.527  -6.511  -4.956  1.00 22.51 ? 26  HIS A C   1 
ATOM   158 O  O   . HIS A 1 21  ? -2.513  -6.956  -4.406  1.00 18.56 ? 26  HIS A O   1 
ATOM   159 C  CB  . HIS A 1 21  ? -5.874  -6.629  -4.034  1.00 24.71 ? 26  HIS A CB  1 
ATOM   160 C  CG  . HIS A 1 21  ? -5.646  -7.968  -3.398  1.00 37.73 ? 26  HIS A CG  1 
ATOM   161 N  ND1 . HIS A 1 21  ? -5.442  -8.128  -2.043  1.00 42.11 ? 26  HIS A ND1 1 
ATOM   162 C  CD2 . HIS A 1 21  ? -5.632  -9.215  -3.929  1.00 39.87 ? 26  HIS A CD2 1 
ATOM   163 C  CE1 . HIS A 1 21  ? -5.291  -9.412  -1.767  1.00 35.30 ? 26  HIS A CE1 1 
ATOM   164 N  NE2 . HIS A 1 21  ? -5.405  -10.094 -2.897  1.00 38.59 ? 26  HIS A NE2 1 
ATOM   165 N  N   . LYS A 1 22  ? -3.732  -6.633  -6.261  1.00 17.73 ? 27  LYS A N   1 
ATOM   166 C  CA  . LYS A 1 22  ? -2.782  -7.361  -7.095  1.00 21.89 ? 27  LYS A CA  1 
ATOM   167 C  C   . LYS A 1 22  ? -1.428  -6.618  -7.189  1.00 17.15 ? 27  LYS A C   1 
ATOM   168 O  O   . LYS A 1 22  ? -0.366  -7.235  -7.186  1.00 18.80 ? 27  LYS A O   1 
ATOM   169 C  CB  . LYS A 1 22  ? -3.397  -7.594  -8.471  1.00 32.08 ? 27  LYS A CB  1 
ATOM   170 C  CG  . LYS A 1 22  ? -2.529  -8.345  -9.456  1.00 43.76 ? 27  LYS A CG  1 
ATOM   171 C  CD  . LYS A 1 22  ? -3.337  -8.630  -10.728 1.00 50.36 ? 27  LYS A CD  1 
ATOM   172 C  CE  . LYS A 1 22  ? -2.661  -9.662  -11.618 1.00 54.12 ? 27  LYS A CE  1 
ATOM   173 N  NZ  . LYS A 1 22  ? -3.537  -10.046 -12.770 1.00 53.80 ? 27  LYS A NZ  1 
ATOM   174 N  N   . GLY A 1 23  ? -1.483  -5.295  -7.265  1.00 21.15 ? 28  GLY A N   1 
ATOM   175 C  CA  . GLY A 1 23  ? -0.283  -4.483  -7.335  1.00 24.04 ? 28  GLY A CA  1 
ATOM   176 C  C   . GLY A 1 23  ? 0.519   -4.530  -6.041  1.00 23.36 ? 28  GLY A C   1 
ATOM   177 O  O   . GLY A 1 23  ? 1.737   -4.627  -6.074  1.00 21.60 ? 28  GLY A O   1 
ATOM   178 N  N   . VAL A 1 24  ? -0.158  -4.449  -4.901  1.00 18.29 ? 29  VAL A N   1 
ATOM   179 C  CA  . VAL A 1 24  ? 0.527   -4.528  -3.615  1.00 17.60 ? 29  VAL A CA  1 
ATOM   180 C  C   . VAL A 1 24  ? 1.195   -5.892  -3.431  1.00 17.93 ? 29  VAL A C   1 
ATOM   181 O  O   . VAL A 1 24  ? 2.294   -5.994  -2.880  1.00 19.33 ? 29  VAL A O   1 
ATOM   182 C  CB  . VAL A 1 24  ? -0.420  -4.262  -2.421  1.00 17.56 ? 29  VAL A CB  1 
ATOM   183 C  CG1 . VAL A 1 24  ? 0.354   -4.335  -1.113  1.00 24.09 ? 29  VAL A CG1 1 
ATOM   184 C  CG2 . VAL A 1 24  ? -1.051  -2.896  -2.536  1.00 24.66 ? 29  VAL A CG2 1 
ATOM   185 N  N   . LYS A 1 25  ? 0.520   -6.946  -3.873  1.00 22.87 ? 30  LYS A N   1 
ATOM   186 C  CA  . LYS A 1 25  ? 1.104   -8.284  -3.844  1.00 23.70 ? 30  LYS A CA  1 
ATOM   187 C  C   . LYS A 1 25  ? 2.411   -8.316  -4.625  1.00 25.66 ? 30  LYS A C   1 
ATOM   188 O  O   . LYS A 1 25  ? 3.406   -8.879  -4.159  1.00 22.04 ? 30  LYS A O   1 
ATOM   189 C  CB  . LYS A 1 25  ? 0.125   -9.314  -4.411  1.00 22.87 ? 30  LYS A CB  1 
ATOM   190 C  CG  . LYS A 1 25  ? 0.701   -10.716 -4.519  1.00 27.36 ? 30  LYS A CG  1 
ATOM   191 C  CD  . LYS A 1 25  ? -0.390  -11.699 -4.944  1.00 39.60 ? 30  LYS A CD  1 
ATOM   192 C  CE  . LYS A 1 25  ? 0.141   -13.127 -5.117  1.00 42.80 ? 30  LYS A CE  1 
ATOM   193 N  NZ  . LYS A 1 25  ? 1.066   -13.228 -6.287  1.00 43.11 ? 30  LYS A NZ  1 
ATOM   194 N  N   . LYS A 1 26  ? 2.415   -7.734  -5.821  1.00 20.94 ? 31  LYS A N   1 
ATOM   195 C  CA  . LYS A 1 26  ? 3.658   -7.664  -6.585  1.00 25.88 ? 31  LYS A CA  1 
ATOM   196 C  C   . LYS A 1 26  ? 4.730   -6.849  -5.855  1.00 22.54 ? 31  LYS A C   1 
ATOM   197 O  O   . LYS A 1 26  ? 5.882   -7.277  -5.783  1.00 24.01 ? 31  LYS A O   1 
ATOM   198 C  CB  . LYS A 1 26  ? 3.441   -7.098  -7.981  1.00 27.97 ? 31  LYS A CB  1 
ATOM   199 C  CG  . LYS A 1 26  ? 4.727   -6.959  -8.762  1.00 35.92 ? 31  LYS A CG  1 
ATOM   200 C  CD  . LYS A 1 26  ? 4.486   -6.680  -10.237 1.00 41.26 ? 31  LYS A CD  1 
ATOM   201 C  CE  . LYS A 1 26  ? 5.801   -6.321  -10.921 1.00 45.32 ? 31  LYS A CE  1 
ATOM   202 N  NZ  . LYS A 1 26  ? 6.899   -7.226  -10.480 1.00 37.35 ? 31  LYS A NZ  1 
ATOM   203 N  N   . ASN A 1 27  ? 4.350   -5.686  -5.323  1.00 20.67 ? 32  ASN A N   1 
ATOM   204 C  CA  . ASN A 1 27  ? 5.274   -4.864  -4.524  1.00 25.20 ? 32  ASN A CA  1 
ATOM   205 C  C   . ASN A 1 27  ? 5.893   -5.653  -3.377  1.00 24.69 ? 32  ASN A C   1 
ATOM   206 O  O   . ASN A 1 27  ? 7.113   -5.663  -3.206  1.00 18.99 ? 32  ASN A O   1 
ATOM   207 C  CB  . ASN A 1 27  ? 4.574   -3.614  -3.988  1.00 19.83 ? 32  ASN A CB  1 
ATOM   208 C  CG  . ASN A 1 27  ? 4.246   -2.626  -5.082  1.00 31.40 ? 32  ASN A CG  1 
ATOM   209 O  OD1 . ASN A 1 27  ? 4.806   -2.693  -6.176  1.00 33.22 ? 32  ASN A OD1 1 
ATOM   210 N  ND2 . ASN A 1 27  ? 3.334   -1.697  -4.795  1.00 29.92 ? 32  ASN A ND2 1 
ATOM   211 N  N   . ILE A 1 28  ? 5.048   -6.333  -2.606  1.00 18.51 ? 33  ILE A N   1 
ATOM   212 C  CA  . ILE A 1 28  ? 5.507   -7.172  -1.492  1.00 14.77 ? 33  ILE A CA  1 
ATOM   213 C  C   . ILE A 1 28  ? 6.538   -8.239  -1.912  1.00 22.65 ? 33  ILE A C   1 
ATOM   214 O  O   . ILE A 1 28  ? 7.567   -8.406  -1.266  1.00 21.54 ? 33  ILE A O   1 
ATOM   215 C  CB  . ILE A 1 28  ? 4.308   -7.880  -0.822  1.00 15.30 ? 33  ILE A CB  1 
ATOM   216 C  CG1 . ILE A 1 28  ? 3.518   -6.903  0.030   1.00 20.84 ? 33  ILE A CG1 1 
ATOM   217 C  CG2 . ILE A 1 28  ? 4.786   -9.080  -0.002  1.00 17.43 ? 33  ILE A CG2 1 
ATOM   218 C  CD1 . ILE A 1 28  ? 2.084   -7.407  0.386   1.00 17.94 ? 33  ILE A CD1 1 
ATOM   219 N  N   . GLU A 1 29  ? 6.254   -8.973  -2.990  1.00 20.72 ? 34  GLU A N   1 
ATOM   220 C  CA  . GLU A 1 29  ? 7.205   -9.971  -3.490  1.00 21.61 ? 34  GLU A CA  1 
ATOM   221 C  C   . GLU A 1 29  ? 8.524   -9.351  -3.947  1.00 20.91 ? 34  GLU A C   1 
ATOM   222 O  O   . GLU A 1 29  ? 9.589   -9.873  -3.652  1.00 22.59 ? 34  GLU A O   1 
ATOM   223 C  CB  . GLU A 1 29  ? 6.586   -10.792 -4.620  1.00 27.08 ? 34  GLU A CB  1 
ATOM   224 C  CG  . GLU A 1 29  ? 5.463   -11.714 -4.148  1.00 34.77 ? 34  GLU A CG  1 
ATOM   225 C  CD  . GLU A 1 29  ? 5.907   -12.659 -3.026  1.00 49.40 ? 34  GLU A CD  1 
ATOM   226 O  OE1 . GLU A 1 29  ? 6.818   -13.489 -3.258  1.00 57.35 ? 34  GLU A OE1 1 
ATOM   227 O  OE2 . GLU A 1 29  ? 5.341   -12.571 -1.911  1.00 43.56 ? 34  GLU A OE2 1 
ATOM   228 N  N   . ASP A 1 30  ? 8.444   -8.240  -4.671  1.00 20.78 ? 35  ASP A N   1 
ATOM   229 C  CA  . ASP A 1 30  ? 9.637   -7.578  -5.174  1.00 23.94 ? 35  ASP A CA  1 
ATOM   230 C  C   . ASP A 1 30  ? 10.460  -7.032  -4.002  1.00 24.75 ? 35  ASP A C   1 
ATOM   231 O  O   . ASP A 1 30  ? 11.686  -7.170  -3.972  1.00 23.97 ? 35  ASP A O   1 
ATOM   232 C  CB  . ASP A 1 30  ? 9.254   -6.422  -6.110  1.00 24.08 ? 35  ASP A CB  1 
ATOM   233 C  CG  . ASP A 1 30  ? 8.693   -6.894  -7.436  1.00 25.50 ? 35  ASP A CG  1 
ATOM   234 O  OD1 . ASP A 1 30  ? 8.890   -8.073  -7.799  1.00 30.79 ? 35  ASP A OD1 1 
ATOM   235 O  OD2 . ASP A 1 30  ? 8.061   -6.073  -8.127  1.00 27.17 ? 35  ASP A OD2 1 
ATOM   236 N  N   . LEU A 1 31  ? 9.781   -6.407  -3.047  1.00 22.58 ? 36  LEU A N   1 
ATOM   237 C  CA  . LEU A 1 31  ? 10.470  -5.757  -1.934  1.00 24.85 ? 36  LEU A CA  1 
ATOM   238 C  C   . LEU A 1 31  ? 11.111  -6.770  -0.986  1.00 24.85 ? 36  LEU A C   1 
ATOM   239 O  O   . LEU A 1 31  ? 12.199  -6.534  -0.433  1.00 19.84 ? 36  LEU A O   1 
ATOM   240 C  CB  . LEU A 1 31  ? 9.521   -4.858  -1.157  1.00 22.31 ? 36  LEU A CB  1 
ATOM   241 C  CG  . LEU A 1 31  ? 10.139  -4.060  -0.008  1.00 25.20 ? 36  LEU A CG  1 
ATOM   242 C  CD1 . LEU A 1 31  ? 11.268  -3.164  -0.521  1.00 31.94 ? 36  LEU A CD1 1 
ATOM   243 C  CD2 . LEU A 1 31  ? 9.073   -3.235  0.677   1.00 23.81 ? 36  LEU A CD2 1 
ATOM   244 N  N   . GLY A 1 32  ? 10.432  -7.893  -0.789  1.00 21.34 ? 37  GLY A N   1 
ATOM   245 C  CA  . GLY A 1 32  ? 10.959  -8.932  0.070   1.00 19.53 ? 37  GLY A CA  1 
ATOM   246 C  C   . GLY A 1 32  ? 12.266  -9.464  -0.490  1.00 24.55 ? 37  GLY A C   1 
ATOM   247 O  O   . GLY A 1 32  ? 13.197  -9.737  0.254   1.00 18.44 ? 37  GLY A O   1 
ATOM   248 N  N   . LYS A 1 33  ? 12.328  -9.620  -1.808  1.00 18.27 ? 38  LYS A N   1 
ATOM   249 C  CA  . LYS A 1 33  ? 13.545  -10.082 -2.466  1.00 17.13 ? 38  LYS A CA  1 
ATOM   250 C  C   . LYS A 1 33  ? 14.650  -9.029  -2.397  1.00 13.41 ? 38  LYS A C   1 
ATOM   251 O  O   . LYS A 1 33  ? 15.809  -9.337  -2.118  1.00 22.48 ? 38  LYS A O   1 
ATOM   252 C  CB  . LYS A 1 33  ? 13.260  -10.390 -3.936  1.00 18.48 ? 38  LYS A CB  1 
ATOM   253 C  CG  . LYS A 1 33  ? 12.323  -11.554 -4.195  1.00 31.31 ? 38  LYS A CG  1 
ATOM   254 C  CD  . LYS A 1 33  ? 12.113  -11.683 -5.707  1.00 35.61 ? 38  LYS A CD  1 
ATOM   255 C  CE  . LYS A 1 33  ? 11.007  -12.630 -6.066  1.00 37.44 ? 38  LYS A CE  1 
ATOM   256 N  NZ  . LYS A 1 33  ? 10.614  -12.413 -7.490  1.00 36.22 ? 38  LYS A NZ  1 
ATOM   257 N  N   . GLU A 1 34  ? 14.287  -7.776  -2.646  1.00 17.48 ? 39  GLU A N   1 
ATOM   258 C  CA  . GLU A 1 34  ? 15.288  -6.710  -2.667  1.00 20.82 ? 39  GLU A CA  1 
ATOM   259 C  C   . GLU A 1 34  ? 15.870  -6.546  -1.284  1.00 24.13 ? 39  GLU A C   1 
ATOM   260 O  O   . GLU A 1 34  ? 17.084  -6.419  -1.112  1.00 20.53 ? 39  GLU A O   1 
ATOM   261 C  CB  . GLU A 1 34  ? 14.671  -5.387  -3.067  1.00 30.81 ? 39  GLU A CB  1 
ATOM   262 C  CG  . GLU A 1 34  ? 14.316  -5.290  -4.515  1.00 44.71 ? 39  GLU A CG  1 
ATOM   263 C  CD  . GLU A 1 34  ? 13.543  -4.029  -4.788  1.00 48.53 ? 39  GLU A CD  1 
ATOM   264 O  OE1 . GLU A 1 34  ? 12.309  -4.113  -4.981  1.00 56.06 ? 39  GLU A OE1 1 
ATOM   265 O  OE2 . GLU A 1 34  ? 14.175  -2.956  -4.781  1.00 35.72 ? 39  GLU A OE2 1 
ATOM   266 N  N   . LEU A 1 35  ? 14.987  -6.558  -0.293  1.00 17.78 ? 40  LEU A N   1 
ATOM   267 C  CA  . LEU A 1 35  ? 15.402  -6.396  1.093   1.00 22.80 ? 40  LEU A CA  1 
ATOM   268 C  C   . LEU A 1 35  ? 16.337  -7.531  1.506   1.00 27.58 ? 40  LEU A C   1 
ATOM   269 O  O   . LEU A 1 35  ? 17.359  -7.311  2.164   1.00 21.50 ? 40  LEU A O   1 
ATOM   270 C  CB  . LEU A 1 35  ? 14.169  -6.361  1.989   1.00 31.01 ? 40  LEU A CB  1 
ATOM   271 C  CG  . LEU A 1 35  ? 14.337  -5.957  3.447   1.00 34.78 ? 40  LEU A CG  1 
ATOM   272 C  CD1 . LEU A 1 35  ? 15.140  -4.659  3.567   1.00 29.93 ? 40  LEU A CD1 1 
ATOM   273 C  CD2 . LEU A 1 35  ? 12.944  -5.822  4.068   1.00 22.49 ? 40  LEU A CD2 1 
ATOM   274 N  N   . GLU A 1 36  ? 15.987  -8.752  1.112   1.00 24.99 ? 41  GLU A N   1 
ATOM   275 C  CA  . GLU A 1 36  ? 16.816  -9.900  1.445   1.00 24.93 ? 41  GLU A CA  1 
ATOM   276 C  C   . GLU A 1 36  ? 18.184  -9.823  0.777   1.00 20.59 ? 41  GLU A C   1 
ATOM   277 O  O   . GLU A 1 36  ? 19.185  -10.152 1.390   1.00 20.28 ? 41  GLU A O   1 
ATOM   278 C  CB  . GLU A 1 36  ? 16.107  -11.213 1.121   1.00 36.94 ? 41  GLU A CB  1 
ATOM   279 C  CG  . GLU A 1 36  ? 15.057  -11.575 2.168   1.00 46.93 ? 41  GLU A CG  1 
ATOM   280 C  CD  . GLU A 1 36  ? 14.262  -12.806 1.810   1.00 65.46 ? 41  GLU A CD  1 
ATOM   281 O  OE1 . GLU A 1 36  ? 14.632  -13.485 0.828   1.00 71.79 ? 41  GLU A OE1 1 
ATOM   282 O  OE2 . GLU A 1 36  ? 13.268  -13.097 2.516   1.00 69.00 ? 41  GLU A OE2 1 
ATOM   283 N  N   . SER A 1 37  ? 18.239  -9.395  -0.478  1.00 18.93 ? 42  SER A N   1 
ATOM   284 C  CA  A SER A 1 37  ? 19.518  -9.294  -1.173  0.51 16.74 ? 42  SER A CA  1 
ATOM   285 C  CA  B SER A 1 37  ? 19.520  -9.299  -1.167  0.49 16.61 ? 42  SER A CA  1 
ATOM   286 C  C   . SER A 1 37  ? 20.387  -8.215  -0.546  1.00 18.88 ? 42  SER A C   1 
ATOM   287 O  O   . SER A 1 37  ? 21.577  -8.406  -0.343  1.00 23.18 ? 42  SER A O   1 
ATOM   288 C  CB  A SER A 1 37  ? 19.305  -9.004  -2.661  0.51 21.93 ? 42  SER A CB  1 
ATOM   289 C  CB  B SER A 1 37  ? 19.325  -9.016  -2.655  0.49 21.92 ? 42  SER A CB  1 
ATOM   290 O  OG  A SER A 1 37  ? 18.701  -10.108 -3.315  0.51 23.75 ? 42  SER A OG  1 
ATOM   291 O  OG  B SER A 1 37  ? 20.580  -8.826  -3.287  0.49 26.09 ? 42  SER A OG  1 
HETATM 292 N  N   . MSE A 1 38  ? 19.781  -7.073  -0.240  1.00 18.11 ? 43  MSE A N   1 
HETATM 293 C  CA  . MSE A 1 38  ? 20.547  -5.953  0.302   1.00 20.88 ? 43  MSE A CA  1 
HETATM 294 C  C   . MSE A 1 38  ? 21.057  -6.281  1.688   1.00 24.67 ? 43  MSE A C   1 
HETATM 295 O  O   . MSE A 1 38  ? 22.230  -6.043  2.030   1.00 21.28 ? 43  MSE A O   1 
HETATM 296 C  CB  . MSE A 1 38  ? 19.671  -4.716  0.368   1.00 20.93 ? 43  MSE A CB  1 
HETATM 297 C  CG  . MSE A 1 38  ? 20.457  -3.432  0.411   1.00 39.99 ? 43  MSE A CG  1 
HETATM 298 SE SE  . MSE A 1 38  ? 19.242  -1.965  0.024   1.00 63.08 ? 43  MSE A SE  1 
HETATM 299 C  CE  . MSE A 1 38  ? 18.798  -2.396  -1.829  1.00 37.49 ? 43  MSE A CE  1 
ATOM   300 N  N   . ASN A 1 39  ? 20.168  -6.831  2.504   1.00 23.14 ? 44  ASN A N   1 
ATOM   301 C  CA  . ASN A 1 39  ? 20.591  -7.330  3.803   1.00 26.59 ? 44  ASN A CA  1 
ATOM   302 C  C   . ASN A 1 39  ? 21.716  -8.386  3.740   1.00 32.08 ? 44  ASN A C   1 
ATOM   303 O  O   . ASN A 1 39  ? 22.628  -8.368  4.569   1.00 27.62 ? 44  ASN A O   1 
ATOM   304 C  CB  . ASN A 1 39  ? 19.403  -7.848  4.592   1.00 27.27 ? 44  ASN A CB  1 
ATOM   305 C  CG  . ASN A 1 39  ? 19.733  -8.057  6.039   1.00 35.22 ? 44  ASN A CG  1 
ATOM   306 O  OD1 . ASN A 1 39  ? 19.808  -9.187  6.507   1.00 41.51 ? 44  ASN A OD1 1 
ATOM   307 N  ND2 . ASN A 1 39  ? 19.960  -6.968  6.758   1.00 32.42 ? 44  ASN A ND2 1 
ATOM   308 N  N   . ALA A 1 40  ? 21.670  -9.305  2.775   1.00 25.35 ? 45  ALA A N   1 
ATOM   309 C  CA  . ALA A 1 40  ? 22.781  -10.253 2.636   1.00 17.11 ? 45  ALA A CA  1 
ATOM   310 C  C   . ALA A 1 40  ? 24.107  -9.578  2.256   1.00 15.50 ? 45  ALA A C   1 
ATOM   311 O  O   . ALA A 1 40  ? 25.191  -9.986  2.719   1.00 19.52 ? 45  ALA A O   1 
ATOM   312 C  CB  . ALA A 1 40  ? 22.436  -11.369 1.637   1.00 15.91 ? 45  ALA A CB  1 
ATOM   313 N  N   . ALA A 1 41  ? 24.042  -8.569  1.384   1.00 17.64 ? 46  ALA A N   1 
ATOM   314 C  CA  . ALA A 1 41  ? 25.248  -7.858  0.961   1.00 15.66 ? 46  ALA A CA  1 
ATOM   315 C  C   . ALA A 1 41  ? 25.851  -7.135  2.165   1.00 21.66 ? 46  ALA A C   1 
ATOM   316 O  O   . ALA A 1 41  ? 27.066  -7.179  2.387   1.00 18.96 ? 46  ALA A O   1 
ATOM   317 C  CB  . ALA A 1 41  ? 24.924  -6.856  -0.131  1.00 13.98 ? 46  ALA A CB  1 
ATOM   318 N  N   . LEU A 1 42  ? 24.991  -6.466  2.933   1.00 20.32 ? 47  LEU A N   1 
ATOM   319 C  CA  . LEU A 1 42  ? 25.432  -5.699  4.094   1.00 22.15 ? 47  LEU A CA  1 
ATOM   320 C  C   . LEU A 1 42  ? 26.078  -6.616  5.123   1.00 19.72 ? 47  LEU A C   1 
ATOM   321 O  O   . LEU A 1 42  ? 27.077  -6.246  5.736   1.00 22.53 ? 47  LEU A O   1 
ATOM   322 C  CB  . LEU A 1 42  ? 24.281  -4.877  4.691   1.00 21.88 ? 47  LEU A CB  1 
ATOM   323 C  CG  . LEU A 1 42  ? 23.828  -3.728  3.770   1.00 26.93 ? 47  LEU A CG  1 
ATOM   324 C  CD1 . LEU A 1 42  ? 22.483  -3.142  4.193   1.00 24.02 ? 47  LEU A CD1 1 
ATOM   325 C  CD2 . LEU A 1 42  ? 24.887  -2.617  3.644   1.00 24.92 ? 47  LEU A CD2 1 
ATOM   326 N  N   . ILE A 1 43  ? 25.546  -7.824  5.282   1.00 20.31 ? 48  ILE A N   1 
ATOM   327 C  CA  . ILE A 1 43  ? 26.170  -8.786  6.198   1.00 27.67 ? 48  ILE A CA  1 
ATOM   328 C  C   . ILE A 1 43  ? 27.594  -9.135  5.785   1.00 28.80 ? 48  ILE A C   1 
ATOM   329 O  O   . ILE A 1 43  ? 28.500  -9.161  6.623   1.00 29.11 ? 48  ILE A O   1 
ATOM   330 C  CB  . ILE A 1 43  ? 25.359  -10.087 6.330   1.00 30.52 ? 48  ILE A CB  1 
ATOM   331 C  CG1 . ILE A 1 43  ? 24.101  -9.841  7.167   1.00 33.26 ? 48  ILE A CG1 1 
ATOM   332 C  CG2 . ILE A 1 43  ? 26.225  -11.183 6.947   1.00 32.01 ? 48  ILE A CG2 1 
ATOM   333 C  CD1 . ILE A 1 43  ? 23.102  -10.978 7.123   1.00 33.51 ? 48  ILE A CD1 1 
ATOM   334 N  N   . LYS A 1 44  ? 27.802  -9.421  4.500   1.00 20.71 ? 49  LYS A N   1 
ATOM   335 C  CA  . LYS A 1 44  ? 29.150  -9.758  4.047   1.00 21.55 ? 49  LYS A CA  1 
ATOM   336 C  C   . LYS A 1 44  ? 30.066  -8.530  4.143   1.00 23.93 ? 49  LYS A C   1 
ATOM   337 O  O   . LYS A 1 44  ? 31.229  -8.628  4.557   1.00 25.83 ? 49  LYS A O   1 
ATOM   338 C  CB  . LYS A 1 44  ? 29.117  -10.305 2.618   1.00 27.43 ? 49  LYS A CB  1 
ATOM   339 C  CG  . LYS A 1 44  ? 28.256  -11.557 2.469   1.00 36.67 ? 49  LYS A CG  1 
ATOM   340 C  CD  . LYS A 1 44  ? 28.092  -11.945 1.010   1.00 48.39 ? 49  LYS A CD  1 
ATOM   341 C  CE  . LYS A 1 44  ? 26.862  -12.819 0.790   1.00 58.37 ? 49  LYS A CE  1 
ATOM   342 N  NZ  . LYS A 1 44  ? 26.440  -12.856 -0.649  1.00 58.75 ? 49  LYS A NZ  1 
ATOM   343 N  N   . ILE A 1 45  ? 29.544  -7.369  3.764   1.00 18.64 ? 50  ILE A N   1 
ATOM   344 C  CA  . ILE A 1 45  ? 30.327  -6.129  3.854   1.00 18.78 ? 50  ILE A CA  1 
ATOM   345 C  C   . ILE A 1 45  ? 30.728  -5.918  5.322   1.00 25.45 ? 50  ILE A C   1 
ATOM   346 O  O   . ILE A 1 45  ? 31.869  -5.568  5.618   1.00 22.24 ? 50  ILE A O   1 
ATOM   347 C  CB  . ILE A 1 45  ? 29.545  -4.913  3.311   1.00 18.94 ? 50  ILE A CB  1 
ATOM   348 C  CG1 . ILE A 1 45  ? 29.461  -4.979  1.784   1.00 19.20 ? 50  ILE A CG1 1 
ATOM   349 C  CG2 . ILE A 1 45  ? 30.209  -3.606  3.750   1.00 25.19 ? 50  ILE A CG2 1 
ATOM   350 C  CD1 . ILE A 1 45  ? 28.393  -4.036  1.189   1.00 18.02 ? 50  ILE A CD1 1 
ATOM   351 N  N   . GLY A 1 46  ? 29.791  -6.169  6.235   1.00 25.16 ? 51  GLY A N   1 
ATOM   352 C  CA  . GLY A 1 46  ? 30.048  -6.035  7.661   1.00 21.89 ? 51  GLY A CA  1 
ATOM   353 C  C   . GLY A 1 46  ? 31.156  -6.936  8.182   1.00 28.30 ? 51  GLY A C   1 
ATOM   354 O  O   . GLY A 1 46  ? 31.624  -6.762  9.306   1.00 30.60 ? 51  GLY A O   1 
ATOM   355 N  N   . GLU A 1 47  ? 31.590  -7.895  7.371   1.00 29.02 ? 52  GLU A N   1 
ATOM   356 C  CA  . GLU A 1 47  ? 32.671  -8.802  7.772   1.00 35.91 ? 52  GLU A CA  1 
ATOM   357 C  C   . GLU A 1 47  ? 34.051  -8.369  7.284   1.00 42.44 ? 52  GLU A C   1 
ATOM   358 O  O   . GLU A 1 47  ? 35.070  -8.999  7.604   1.00 40.73 ? 52  GLU A O   1 
ATOM   359 C  CB  . GLU A 1 47  ? 32.384  -10.212 7.273   1.00 42.10 ? 52  GLU A CB  1 
ATOM   360 C  CG  . GLU A 1 47  ? 31.149  -10.815 7.883   1.00 41.41 ? 52  GLU A CG  1 
ATOM   361 C  CD  . GLU A 1 47  ? 30.745  -12.100 7.210   1.00 43.03 ? 52  GLU A CD  1 
ATOM   362 O  OE1 . GLU A 1 47  ? 31.471  -12.549 6.299   1.00 47.88 ? 52  GLU A OE1 1 
ATOM   363 O  OE2 . GLU A 1 47  ? 29.699  -12.659 7.592   1.00 42.75 ? 52  GLU A OE2 1 
ATOM   364 N  N   . VAL A 1 48  ? 34.095  -7.303  6.499   1.00 35.23 ? 53  VAL A N   1 
ATOM   365 C  CA  . VAL A 1 48  ? 35.372  -6.828  5.981   1.00 34.50 ? 53  VAL A CA  1 
ATOM   366 C  C   . VAL A 1 48  ? 36.211  -6.256  7.122   1.00 37.77 ? 53  VAL A C   1 
ATOM   367 O  O   . VAL A 1 48  ? 35.746  -5.373  7.844   1.00 31.92 ? 53  VAL A O   1 
ATOM   368 C  CB  . VAL A 1 48  ? 35.171  -5.736  4.925   1.00 29.38 ? 53  VAL A CB  1 
ATOM   369 C  CG1 . VAL A 1 48  ? 36.523  -5.111  4.539   1.00 33.37 ? 53  VAL A CG1 1 
ATOM   370 C  CG2 . VAL A 1 48  ? 34.443  -6.301  3.706   1.00 25.15 ? 53  VAL A CG2 1 
ATOM   371 N  N   . PRO A 1 49  ? 37.445  -6.766  7.302   1.00 43.43 ? 54  PRO A N   1 
ATOM   372 C  CA  . PRO A 1 49  ? 38.331  -6.190  8.317   1.00 46.18 ? 54  PRO A CA  1 
ATOM   373 C  C   . PRO A 1 49  ? 38.450  -4.676  8.176   1.00 41.92 ? 54  PRO A C   1 
ATOM   374 O  O   . PRO A 1 49  ? 38.695  -4.173  7.077   1.00 40.93 ? 54  PRO A O   1 
ATOM   375 C  CB  . PRO A 1 49  ? 39.678  -6.861  8.021   1.00 45.73 ? 54  PRO A CB  1 
ATOM   376 C  CG  . PRO A 1 49  ? 39.295  -8.203  7.493   1.00 44.67 ? 54  PRO A CG  1 
ATOM   377 C  CD  . PRO A 1 49  ? 38.017  -7.987  6.703   1.00 39.87 ? 54  PRO A CD  1 
ATOM   378 N  N   . ARG A 1 50  ? 38.275  -3.975  9.294   1.00 41.12 ? 55  ARG A N   1 
ATOM   379 C  CA  . ARG A 1 50  ? 38.358  -2.519  9.366   1.00 48.74 ? 55  ARG A CA  1 
ATOM   380 C  C   . ARG A 1 50  ? 39.660  -1.983  8.774   1.00 45.89 ? 55  ARG A C   1 
ATOM   381 O  O   . ARG A 1 50  ? 39.679  -0.907  8.181   1.00 50.94 ? 55  ARG A O   1 
ATOM   382 C  CB  . ARG A 1 50  ? 38.230  -2.076  10.830  1.00 64.44 ? 55  ARG A CB  1 
ATOM   383 C  CG  . ARG A 1 50  ? 38.202  -0.568  11.060  1.00 75.96 ? 55  ARG A CG  1 
ATOM   384 C  CD  . ARG A 1 50  ? 38.205  -0.220  12.561  1.00 83.20 ? 55  ARG A CD  1 
ATOM   385 N  NE  . ARG A 1 50  ? 37.041  -0.748  13.280  1.00 85.66 ? 55  ARG A NE  1 
ATOM   386 C  CZ  . ARG A 1 50  ? 37.081  -1.763  14.141  1.00 84.42 ? 55  ARG A CZ  1 
ATOM   387 N  NH1 . ARG A 1 50  ? 38.230  -2.371  14.405  1.00 83.22 ? 55  ARG A NH1 1 
ATOM   388 N  NH2 . ARG A 1 50  ? 35.970  -2.171  14.743  1.00 81.37 ? 55  ARG A NH2 1 
ATOM   389 N  N   . GLU A 1 51  ? 40.741  -2.740  8.940   1.00 43.30 ? 56  GLU A N   1 
ATOM   390 C  CA  . GLU A 1 51  ? 42.071  -2.339  8.475   1.00 43.33 ? 56  GLU A CA  1 
ATOM   391 C  C   . GLU A 1 51  ? 42.123  -2.222  6.957   1.00 36.67 ? 56  GLU A C   1 
ATOM   392 O  O   . GLU A 1 51  ? 42.992  -1.545  6.413   1.00 40.95 ? 56  GLU A O   1 
ATOM   393 C  CB  . GLU A 1 51  ? 43.111  -3.360  8.927   1.00 52.84 ? 56  GLU A CB  1 
ATOM   394 C  CG  . GLU A 1 51  ? 43.099  -4.626  8.085   1.00 58.18 ? 56  GLU A CG  1 
ATOM   395 C  CD  . GLU A 1 51  ? 43.416  -5.865  8.886   1.00 64.42 ? 56  GLU A CD  1 
ATOM   396 O  OE1 . GLU A 1 51  ? 44.423  -5.853  9.630   1.00 68.18 ? 56  GLU A OE1 1 
ATOM   397 O  OE2 . GLU A 1 51  ? 42.658  -6.851  8.769   1.00 62.87 ? 56  GLU A OE2 1 
ATOM   398 N  N   . GLN A 1 52  ? 41.186  -2.888  6.282   1.00 35.32 ? 57  GLN A N   1 
ATOM   399 C  CA  . GLN A 1 52  ? 41.127  -2.886  4.826   1.00 29.31 ? 57  GLN A CA  1 
ATOM   400 C  C   . GLN A 1 52  ? 40.208  -1.798  4.256   1.00 31.43 ? 57  GLN A C   1 
ATOM   401 O  O   . GLN A 1 52  ? 40.028  -1.712  3.046   1.00 36.52 ? 57  GLN A O   1 
ATOM   402 C  CB  . GLN A 1 52  ? 40.705  -4.263  4.314   1.00 31.92 ? 57  GLN A CB  1 
ATOM   403 C  CG  . GLN A 1 52  ? 41.732  -5.353  4.596   1.00 40.33 ? 57  GLN A CG  1 
ATOM   404 C  CD  . GLN A 1 52  ? 41.185  -6.752  4.379   1.00 52.22 ? 57  GLN A CD  1 
ATOM   405 O  OE1 . GLN A 1 52  ? 41.515  -7.682  5.119   1.00 61.19 ? 57  GLN A OE1 1 
ATOM   406 N  NE2 . GLN A 1 52  ? 40.337  -6.907  3.371   1.00 42.23 ? 57  GLN A NE2 1 
ATOM   407 N  N   . LEU A 1 53  ? 39.634  -0.968  5.122   1.00 30.13 ? 58  LEU A N   1 
ATOM   408 C  CA  . LEU A 1 53  ? 38.784  0.130   4.662   1.00 38.21 ? 58  LEU A CA  1 
ATOM   409 C  C   . LEU A 1 53  ? 39.642  1.371   4.409   1.00 43.14 ? 58  LEU A C   1 
ATOM   410 O  O   . LEU A 1 53  ? 40.414  1.788   5.273   1.00 40.04 ? 58  LEU A O   1 
ATOM   411 C  CB  . LEU A 1 53  ? 37.676  0.426   5.680   1.00 36.65 ? 58  LEU A CB  1 
ATOM   412 C  CG  . LEU A 1 53  ? 36.790  -0.755  6.093   1.00 35.40 ? 58  LEU A CG  1 
ATOM   413 C  CD1 . LEU A 1 53  ? 35.965  -0.410  7.322   1.00 35.65 ? 58  LEU A CD1 1 
ATOM   414 C  CD2 . LEU A 1 53  ? 35.894  -1.245  4.949   1.00 32.42 ? 58  LEU A CD2 1 
ATOM   415 N  N   . ASP A 1 54  ? 39.518  1.957   3.223   1.00 42.15 ? 59  ASP A N   1 
ATOM   416 C  CA  . ASP A 1 54  ? 40.350  3.109   2.871   1.00 35.62 ? 59  ASP A CA  1 
ATOM   417 C  C   . ASP A 1 54  ? 39.507  4.306   2.448   1.00 35.62 ? 59  ASP A C   1 
ATOM   418 O  O   . ASP A 1 54  ? 38.309  4.355   2.726   1.00 30.54 ? 59  ASP A O   1 
ATOM   419 C  CB  . ASP A 1 54  ? 41.321  2.726   1.757   1.00 41.35 ? 59  ASP A CB  1 
ATOM   420 C  CG  . ASP A 1 54  ? 40.612  2.215   0.509   1.00 42.92 ? 59  ASP A CG  1 
ATOM   421 O  OD1 . ASP A 1 54  ? 39.397  2.461   0.344   1.00 47.81 ? 59  ASP A OD1 1 
ATOM   422 O  OD2 . ASP A 1 54  ? 41.277  1.570   -0.323  1.00 38.56 ? 59  ASP A OD2 1 
ATOM   423 N  N   . SER A 1 55  ? 40.133  5.263   1.766   1.00 32.65 ? 60  SER A N   1 
ATOM   424 C  CA  . SER A 1 55  ? 39.448  6.495   1.370   1.00 34.74 ? 60  SER A CA  1 
ATOM   425 C  C   . SER A 1 55  ? 38.250  6.262   0.436   1.00 27.30 ? 60  SER A C   1 
ATOM   426 O  O   . SER A 1 55  ? 37.234  6.962   0.519   1.00 27.86 ? 60  SER A O   1 
ATOM   427 C  CB  . SER A 1 55  ? 40.441  7.459   0.723   1.00 46.53 ? 60  SER A CB  1 
ATOM   428 O  OG  . SER A 1 55  ? 41.033  6.863   -0.419  1.00 54.56 ? 60  SER A OG  1 
ATOM   429 N  N   . GLN A 1 56  ? 38.365  5.282   -0.452  1.00 20.98 ? 61  GLN A N   1 
ATOM   430 C  CA  . GLN A 1 56  ? 37.270  4.958   -1.361  1.00 25.10 ? 61  GLN A CA  1 
ATOM   431 C  C   . GLN A 1 56  ? 36.085  4.315   -0.630  1.00 31.54 ? 61  GLN A C   1 
ATOM   432 O  O   . GLN A 1 56  ? 34.912  4.563   -0.972  1.00 26.34 ? 61  GLN A O   1 
ATOM   433 C  CB  . GLN A 1 56  ? 37.764  4.070   -2.512  1.00 30.74 ? 61  GLN A CB  1 
ATOM   434 C  CG  . GLN A 1 56  ? 36.733  3.849   -3.616  1.00 29.36 ? 61  GLN A CG  1 
ATOM   435 C  CD  . GLN A 1 56  ? 36.167  5.152   -4.196  1.00 44.07 ? 61  GLN A CD  1 
ATOM   436 O  OE1 . GLN A 1 56  ? 35.011  5.514   -3.949  1.00 47.17 ? 61  GLN A OE1 1 
ATOM   437 N  NE2 . GLN A 1 56  ? 36.978  5.848   -4.984  1.00 42.62 ? 61  GLN A NE2 1 
ATOM   438 N  N   . ASP A 1 57  ? 36.385  3.497   0.380   1.00 36.35 ? 62  ASP A N   1 
ATOM   439 C  CA  . ASP A 1 57  ? 35.338  2.902   1.210   1.00 31.00 ? 62  ASP A CA  1 
ATOM   440 C  C   . ASP A 1 57  ? 34.582  3.992   1.955   1.00 29.36 ? 62  ASP A C   1 
ATOM   441 O  O   . ASP A 1 57  ? 33.362  3.931   2.091   1.00 30.52 ? 62  ASP A O   1 
ATOM   442 C  CB  . ASP A 1 57  ? 35.929  1.918   2.223   1.00 37.40 ? 62  ASP A CB  1 
ATOM   443 C  CG  . ASP A 1 57  ? 36.293  0.595   1.598   1.00 34.98 ? 62  ASP A CG  1 
ATOM   444 O  OD1 . ASP A 1 57  ? 35.385  -0.076  1.051   1.00 30.78 ? 62  ASP A OD1 1 
ATOM   445 O  OD2 . ASP A 1 57  ? 37.484  0.232   1.649   1.00 33.59 ? 62  ASP A OD2 1 
ATOM   446 N  N   . LYS A 1 58  ? 35.311  4.978   2.459   1.00 23.32 ? 63  LYS A N   1 
ATOM   447 C  CA  . LYS A 1 58  ? 34.675  6.062   3.198   1.00 29.83 ? 63  LYS A CA  1 
ATOM   448 C  C   . LYS A 1 58  ? 33.759  6.858   2.278   1.00 25.84 ? 63  LYS A C   1 
ATOM   449 O  O   . LYS A 1 58  ? 32.672  7.271   2.677   1.00 27.52 ? 63  LYS A O   1 
ATOM   450 C  CB  . LYS A 1 58  ? 35.734  6.975   3.824   1.00 35.37 ? 63  LYS A CB  1 
ATOM   451 C  CG  . LYS A 1 58  ? 36.624  6.278   4.853   1.00 44.26 ? 63  LYS A CG  1 
ATOM   452 C  CD  . LYS A 1 58  ? 37.709  7.221   5.373   1.00 50.99 ? 63  LYS A CD  1 
ATOM   453 C  CE  . LYS A 1 58  ? 38.500  6.603   6.524   1.00 55.33 ? 63  LYS A CE  1 
ATOM   454 N  NZ  . LYS A 1 58  ? 39.382  7.604   7.212   1.00 53.49 ? 63  LYS A NZ  1 
ATOM   455 N  N   . LEU A 1 59  ? 34.205  7.073   1.043   1.00 26.82 ? 64  LEU A N   1 
ATOM   456 C  CA  . LEU A 1 59  ? 33.396  7.801   0.069   1.00 28.74 ? 64  LEU A CA  1 
ATOM   457 C  C   . LEU A 1 59  ? 32.118  7.023   -0.221  1.00 29.60 ? 64  LEU A C   1 
ATOM   458 O  O   . LEU A 1 59  ? 31.017  7.593   -0.284  1.00 21.82 ? 64  LEU A O   1 
ATOM   459 C  CB  . LEU A 1 59  ? 34.194  8.036   -1.215  1.00 23.21 ? 64  LEU A CB  1 
ATOM   460 C  CG  . LEU A 1 59  ? 34.949  9.357   -1.381  1.00 30.38 ? 64  LEU A CG  1 
ATOM   461 C  CD1 . LEU A 1 59  ? 35.299  9.996   -0.049  1.00 39.61 ? 64  LEU A CD1 1 
ATOM   462 C  CD2 . LEU A 1 59  ? 36.175  9.170   -2.241  1.00 23.57 ? 64  LEU A CD2 1 
ATOM   463 N  N   . TRP A 1 60  ? 32.262  5.710   -0.384  1.00 25.35 ? 65  TRP A N   1 
ATOM   464 C  CA  . TRP A 1 60  ? 31.121  4.863   -0.694  1.00 23.03 ? 65  TRP A CA  1 
ATOM   465 C  C   . TRP A 1 60  ? 30.161  4.764   0.481   1.00 22.99 ? 65  TRP A C   1 
ATOM   466 O  O   . TRP A 1 60  ? 28.952  4.744   0.294   1.00 27.25 ? 65  TRP A O   1 
ATOM   467 C  CB  . TRP A 1 60  ? 31.573  3.467   -1.117  1.00 24.42 ? 65  TRP A CB  1 
ATOM   468 C  CG  . TRP A 1 60  ? 32.113  3.399   -2.519  1.00 27.69 ? 65  TRP A CG  1 
ATOM   469 C  CD1 . TRP A 1 60  ? 31.783  4.215   -3.571  1.00 29.54 ? 65  TRP A CD1 1 
ATOM   470 C  CD2 . TRP A 1 60  ? 33.062  2.450   -3.029  1.00 25.90 ? 65  TRP A CD2 1 
ATOM   471 N  NE1 . TRP A 1 60  ? 32.469  3.827   -4.700  1.00 30.65 ? 65  TRP A NE1 1 
ATOM   472 C  CE2 . TRP A 1 60  ? 33.261  2.750   -4.395  1.00 28.13 ? 65  TRP A CE2 1 
ATOM   473 C  CE3 . TRP A 1 60  ? 33.764  1.370   -2.463  1.00 24.96 ? 65  TRP A CE3 1 
ATOM   474 C  CZ2 . TRP A 1 60  ? 34.142  2.021   -5.202  1.00 22.94 ? 65  TRP A CZ2 1 
ATOM   475 C  CZ3 . TRP A 1 60  ? 34.629  0.639   -3.274  1.00 19.46 ? 65  TRP A CZ3 1 
ATOM   476 C  CH2 . TRP A 1 60  ? 34.809  0.968   -4.621  1.00 25.88 ? 65  TRP A CH2 1 
ATOM   477 N  N   . ALA A 1 61  ? 30.693  4.687   1.695   1.00 27.18 ? 66  ALA A N   1 
ATOM   478 C  CA  . ALA A 1 61  ? 29.837  4.590   2.878   1.00 26.91 ? 66  ALA A CA  1 
ATOM   479 C  C   . ALA A 1 61  ? 28.984  5.835   2.996   1.00 31.44 ? 66  ALA A C   1 
ATOM   480 O  O   . ALA A 1 61  ? 27.789  5.754   3.293   1.00 30.31 ? 66  ALA A O   1 
ATOM   481 C  CB  . ALA A 1 61  ? 30.681  4.406   4.142   1.00 32.46 ? 66  ALA A CB  1 
ATOM   482 N  N   . ASP A 1 62  ? 29.603  6.995   2.771   1.00 26.93 ? 67  ASP A N   1 
ATOM   483 C  CA  . ASP A 1 62  ? 28.880  8.250   2.908   1.00 32.18 ? 67  ASP A CA  1 
ATOM   484 C  C   . ASP A 1 62  ? 27.794  8.361   1.841   1.00 22.57 ? 67  ASP A C   1 
ATOM   485 O  O   . ASP A 1 62  ? 26.695  8.816   2.125   1.00 31.73 ? 67  ASP A O   1 
ATOM   486 C  CB  . ASP A 1 62  ? 29.837  9.452   2.869   1.00 44.72 ? 67  ASP A CB  1 
ATOM   487 C  CG  . ASP A 1 62  ? 29.174  10.745  3.327   1.00 57.38 ? 67  ASP A CG  1 
ATOM   488 O  OD1 . ASP A 1 62  ? 29.469  11.807  2.735   1.00 70.24 ? 67  ASP A OD1 1 
ATOM   489 O  OD2 . ASP A 1 62  ? 28.360  10.705  4.276   1.00 50.45 ? 67  ASP A OD2 1 
ATOM   490 N  N   . GLU A 1 63  ? 28.091  7.914   0.622   1.00 17.83 ? 68  GLU A N   1 
ATOM   491 C  CA  . GLU A 1 63  ? 27.102  7.925   -0.457  1.00 23.12 ? 68  GLU A CA  1 
ATOM   492 C  C   . GLU A 1 63  ? 25.935  6.974   -0.154  1.00 23.39 ? 68  GLU A C   1 
ATOM   493 O  O   . GLU A 1 63  ? 24.770  7.307   -0.366  1.00 23.05 ? 68  GLU A O   1 
ATOM   494 C  CB  . GLU A 1 63  ? 27.767  7.573   -1.793  1.00 24.60 ? 68  GLU A CB  1 
ATOM   495 C  CG  . GLU A 1 63  ? 28.749  8.649   -2.235  1.00 29.75 ? 68  GLU A CG  1 
ATOM   496 C  CD  . GLU A 1 63  ? 29.769  8.167   -3.254  1.00 29.98 ? 68  GLU A CD  1 
ATOM   497 O  OE1 . GLU A 1 63  ? 29.638  7.025   -3.741  1.00 30.86 ? 68  GLU A OE1 1 
ATOM   498 O  OE2 . GLU A 1 63  ? 30.704  8.939   -3.562  1.00 25.32 ? 68  GLU A OE2 1 
ATOM   499 N  N   . VAL A 1 64  ? 26.252  5.792   0.355   1.00 19.30 ? 69  VAL A N   1 
ATOM   500 C  CA  . VAL A 1 64  ? 25.198  4.887   0.807   1.00 19.56 ? 69  VAL A CA  1 
ATOM   501 C  C   . VAL A 1 64  ? 24.335  5.497   1.923   1.00 15.84 ? 69  VAL A C   1 
ATOM   502 O  O   . VAL A 1 64  ? 23.111  5.397   1.876   1.00 25.59 ? 69  VAL A O   1 
ATOM   503 C  CB  . VAL A 1 64  ? 25.766  3.521   1.210   1.00 25.01 ? 69  VAL A CB  1 
ATOM   504 C  CG1 . VAL A 1 64  ? 24.705  2.690   1.945   1.00 32.32 ? 69  VAL A CG1 1 
ATOM   505 C  CG2 . VAL A 1 64  ? 26.269  2.799   -0.055  1.00 16.72 ? 69  VAL A CG2 1 
ATOM   506 N  N   . ARG A 1 65  ? 24.962  6.171   2.879   1.00 16.69 ? 70  ARG A N   1 
ATOM   507 C  CA  . ARG A 1 65  ? 24.205  6.867   3.925   1.00 23.18 ? 70  ARG A CA  1 
ATOM   508 C  C   . ARG A 1 65  ? 23.313  7.941   3.330   1.00 23.86 ? 70  ARG A C   1 
ATOM   509 O  O   . ARG A 1 65  ? 22.127  7.982   3.619   1.00 24.54 ? 70  ARG A O   1 
ATOM   510 C  CB  . ARG A 1 65  ? 25.116  7.480   4.987   1.00 25.12 ? 70  ARG A CB  1 
ATOM   511 C  CG  . ARG A 1 65  ? 25.644  6.489   5.995   1.00 42.41 ? 70  ARG A CG  1 
ATOM   512 C  CD  . ARG A 1 65  ? 26.325  7.190   7.167   1.00 52.86 ? 70  ARG A CD  1 
ATOM   513 N  NE  . ARG A 1 65  ? 27.544  7.905   6.781   1.00 54.88 ? 70  ARG A NE  1 
ATOM   514 C  CZ  . ARG A 1 65  ? 28.778  7.422   6.920   1.00 52.77 ? 70  ARG A CZ  1 
ATOM   515 N  NH1 . ARG A 1 65  ? 28.965  6.212   7.430   1.00 48.61 ? 70  ARG A NH1 1 
ATOM   516 N  NH2 . ARG A 1 65  ? 29.827  8.152   6.549   1.00 54.09 ? 70  ARG A NH2 1 
ATOM   517 N  N   . GLU A 1 66  ? 23.871  8.811   2.492   1.00 22.47 ? 71  GLU A N   1 
ATOM   518 C  CA  . GLU A 1 66  ? 23.051  9.860   1.870   1.00 23.99 ? 71  GLU A CA  1 
ATOM   519 C  C   . GLU A 1 66  ? 21.868  9.273   1.118   1.00 23.07 ? 71  GLU A C   1 
ATOM   520 O  O   . GLU A 1 66  ? 20.752  9.786   1.205   1.00 25.75 ? 71  GLU A O   1 
ATOM   521 C  CB  . GLU A 1 66  ? 23.874  10.736  0.921   1.00 24.22 ? 71  GLU A CB  1 
ATOM   522 C  CG  . GLU A 1 66  ? 24.852  11.654  1.626   1.00 31.37 ? 71  GLU A CG  1 
ATOM   523 C  CD  . GLU A 1 66  ? 24.178  12.541  2.673   1.00 41.83 ? 71  GLU A CD  1 
ATOM   524 O  OE1 . GLU A 1 66  ? 23.075  13.067  2.403   1.00 39.77 ? 71  GLU A OE1 1 
ATOM   525 O  OE2 . GLU A 1 66  ? 24.757  12.707  3.767   1.00 45.35 ? 71  GLU A OE2 1 
ATOM   526 N  N   . LEU A 1 67  ? 22.133  8.216   0.353   1.00 23.48 ? 72  LEU A N   1 
ATOM   527 C  CA  . LEU A 1 67  ? 21.094  7.502   -0.377  1.00 22.63 ? 72  LEU A CA  1 
ATOM   528 C  C   . LEU A 1 67  ? 20.019  6.971   0.567   1.00 22.80 ? 72  LEU A C   1 
ATOM   529 O  O   . LEU A 1 67  ? 18.833  7.046   0.263   1.00 22.57 ? 72  LEU A O   1 
ATOM   530 C  CB  . LEU A 1 67  ? 21.692  6.344   -1.180  1.00 19.83 ? 72  LEU A CB  1 
ATOM   531 C  CG  . LEU A 1 67  ? 22.254  6.697   -2.559  1.00 28.35 ? 72  LEU A CG  1 
ATOM   532 C  CD1 . LEU A 1 67  ? 23.081  5.547   -3.136  1.00 27.48 ? 72  LEU A CD1 1 
ATOM   533 C  CD2 . LEU A 1 67  ? 21.135  7.078   -3.523  1.00 30.70 ? 72  LEU A CD2 1 
ATOM   534 N  N   . SER A 1 68  ? 20.430  6.445   1.716   1.00 22.84 ? 73  SER A N   1 
ATOM   535 C  CA  . SER A 1 68  ? 19.454  5.862   2.636   1.00 23.42 ? 73  SER A CA  1 
ATOM   536 C  C   . SER A 1 68  ? 18.512  6.934   3.162   1.00 21.84 ? 73  SER A C   1 
ATOM   537 O  O   . SER A 1 68  ? 17.351  6.670   3.399   1.00 21.42 ? 73  SER A O   1 
ATOM   538 C  CB  . SER A 1 68  ? 20.149  5.158   3.797   1.00 27.78 ? 73  SER A CB  1 
ATOM   539 O  OG  . SER A 1 68  ? 20.571  6.087   4.775   1.00 34.46 ? 73  SER A OG  1 
ATOM   540 N  N   . TYR A 1 69  ? 19.032  8.145   3.338   1.00 21.84 ? 74  TYR A N   1 
ATOM   541 C  CA  . TYR A 1 69  ? 18.239  9.279   3.783   1.00 28.22 ? 74  TYR A CA  1 
ATOM   542 C  C   . TYR A 1 69  ? 17.183  9.656   2.754   1.00 27.61 ? 74  TYR A C   1 
ATOM   543 O  O   . TYR A 1 69  ? 16.020  9.898   3.096   1.00 28.77 ? 74  TYR A O   1 
ATOM   544 C  CB  . TYR A 1 69  ? 19.157  10.471  4.083   1.00 27.55 ? 74  TYR A CB  1 
ATOM   545 C  CG  . TYR A 1 69  ? 20.070  10.222  5.251   1.00 28.65 ? 74  TYR A CG  1 
ATOM   546 C  CD1 . TYR A 1 69  ? 19.708  9.328   6.255   1.00 35.52 ? 74  TYR A CD1 1 
ATOM   547 C  CD2 . TYR A 1 69  ? 21.288  10.889  5.369   1.00 32.53 ? 74  TYR A CD2 1 
ATOM   548 C  CE1 . TYR A 1 69  ? 20.538  9.092   7.342   1.00 31.01 ? 74  TYR A CE1 1 
ATOM   549 C  CE2 . TYR A 1 69  ? 22.119  10.672  6.457   1.00 29.22 ? 74  TYR A CE2 1 
ATOM   550 C  CZ  . TYR A 1 69  ? 21.739  9.767   7.437   1.00 35.17 ? 74  TYR A CZ  1 
ATOM   551 O  OH  . TYR A 1 69  ? 22.553  9.540   8.523   1.00 31.16 ? 74  TYR A OH  1 
ATOM   552 N  N   . VAL A 1 70  ? 17.580  9.706   1.489   1.00 24.30 ? 75  VAL A N   1 
ATOM   553 C  CA  . VAL A 1 70  ? 16.628  10.032  0.430   1.00 24.75 ? 75  VAL A CA  1 
ATOM   554 C  C   . VAL A 1 70  ? 15.587  8.928   0.286   1.00 23.69 ? 75  VAL A C   1 
ATOM   555 O  O   . VAL A 1 70  ? 14.406  9.197   0.086   1.00 24.46 ? 75  VAL A O   1 
ATOM   556 C  CB  . VAL A 1 70  ? 17.309  10.254  -0.938  1.00 32.40 ? 75  VAL A CB  1 
ATOM   557 C  CG1 . VAL A 1 70  ? 16.254  10.648  -1.980  1.00 32.00 ? 75  VAL A CG1 1 
ATOM   558 C  CG2 . VAL A 1 70  ? 18.405  11.319  -0.839  1.00 32.92 ? 75  VAL A CG2 1 
ATOM   559 N  N   . ILE A 1 71  ? 16.027  7.681   0.388   1.00 22.11 ? 76  ILE A N   1 
ATOM   560 C  CA  . ILE A 1 71  ? 15.103  6.546   0.291   1.00 22.38 ? 76  ILE A CA  1 
ATOM   561 C  C   . ILE A 1 71  ? 14.083  6.614   1.415   1.00 22.20 ? 76  ILE A C   1 
ATOM   562 O  O   . ILE A 1 71  ? 12.896  6.396   1.184   1.00 24.14 ? 76  ILE A O   1 
ATOM   563 C  CB  . ILE A 1 71  ? 15.843  5.183   0.287   1.00 23.05 ? 76  ILE A CB  1 
ATOM   564 C  CG1 . ILE A 1 71  ? 16.563  4.973   -1.059  1.00 23.44 ? 76  ILE A CG1 1 
ATOM   565 C  CG2 . ILE A 1 71  ? 14.860  4.027   0.592   1.00 16.81 ? 76  ILE A CG2 1 
ATOM   566 C  CD1 . ILE A 1 71  ? 17.696  3.919   -1.031  1.00 17.47 ? 76  ILE A CD1 1 
ATOM   567 N  N   . GLU A 1 72  ? 14.541  6.950   2.621   1.00 25.91 ? 77  GLU A N   1 
ATOM   568 C  CA  . GLU A 1 72  ? 13.632  7.123   3.754   1.00 25.16 ? 77  GLU A CA  1 
ATOM   569 C  C   . GLU A 1 72  ? 12.551  8.139   3.442   1.00 16.74 ? 77  GLU A C   1 
ATOM   570 O  O   . GLU A 1 72  ? 11.391  7.897   3.712   1.00 21.71 ? 77  GLU A O   1 
ATOM   571 C  CB  . GLU A 1 72  ? 14.384  7.572   5.025   1.00 27.61 ? 77  GLU A CB  1 
ATOM   572 C  CG  . GLU A 1 72  ? 15.174  6.448   5.709   1.00 40.47 ? 77  GLU A CG  1 
ATOM   573 C  CD  . GLU A 1 72  ? 15.525  6.787   7.150   1.00 57.97 ? 77  GLU A CD  1 
ATOM   574 O  OE1 . GLU A 1 72  ? 16.725  6.726   7.508   1.00 65.67 ? 77  GLU A OE1 1 
ATOM   575 O  OE2 . GLU A 1 72  ? 14.600  7.131   7.918   1.00 58.56 ? 77  GLU A OE2 1 
ATOM   576 N  N   . ASP A 1 73  ? 12.935  9.290   2.898   1.00 22.49 ? 78  ASP A N   1 
ATOM   577 C  CA  . ASP A 1 73  ? 11.960  10.349  2.625   1.00 30.43 ? 78  ASP A CA  1 
ATOM   578 C  C   . ASP A 1 73  ? 10.915  9.879   1.611   1.00 33.07 ? 78  ASP A C   1 
ATOM   579 O  O   . ASP A 1 73  ? 9.728   10.202  1.734   1.00 27.88 ? 78  ASP A O   1 
ATOM   580 C  CB  . ASP A 1 73  ? 12.652  11.636  2.167   1.00 30.16 ? 78  ASP A CB  1 
ATOM   581 C  CG  . ASP A 1 73  ? 13.536  12.238  3.254   1.00 38.38 ? 78  ASP A CG  1 
ATOM   582 O  OD1 . ASP A 1 73  ? 13.291  11.945  4.446   1.00 37.77 ? 78  ASP A OD1 1 
ATOM   583 O  OD2 . ASP A 1 73  ? 14.466  13.008  2.921   1.00 37.49 ? 78  ASP A OD2 1 
ATOM   584 N  N   . VAL A 1 74  ? 11.351  9.094   0.629   1.00 26.57 ? 79  VAL A N   1 
ATOM   585 C  CA  . VAL A 1 74  ? 10.445  8.552   -0.390  1.00 21.68 ? 79  VAL A CA  1 
ATOM   586 C  C   . VAL A 1 74  ? 9.502   7.526   0.225   1.00 25.45 ? 79  VAL A C   1 
ATOM   587 O  O   . VAL A 1 74  ? 8.290   7.544   -0.035  1.00 23.61 ? 79  VAL A O   1 
ATOM   588 C  CB  . VAL A 1 74  ? 11.227  7.889   -1.574  1.00 28.87 ? 79  VAL A CB  1 
ATOM   589 C  CG1 . VAL A 1 74  ? 10.274  7.192   -2.538  1.00 29.30 ? 79  VAL A CG1 1 
ATOM   590 C  CG2 . VAL A 1 74  ? 12.079  8.920   -2.295  1.00 30.98 ? 79  VAL A CG2 1 
ATOM   591 N  N   . VAL A 1 75  ? 10.072  6.635   1.034   1.00 23.27 ? 80  VAL A N   1 
ATOM   592 C  CA  . VAL A 1 75  ? 9.314   5.619   1.760   1.00 25.63 ? 80  VAL A CA  1 
ATOM   593 C  C   . VAL A 1 75  ? 8.289   6.257   2.693   1.00 27.51 ? 80  VAL A C   1 
ATOM   594 O  O   . VAL A 1 75  ? 7.145   5.802   2.771   1.00 24.83 ? 80  VAL A O   1 
ATOM   595 C  CB  . VAL A 1 75  ? 10.251  4.691   2.572   1.00 25.26 ? 80  VAL A CB  1 
ATOM   596 C  CG1 . VAL A 1 75  ? 9.456   3.872   3.575   1.00 22.33 ? 80  VAL A CG1 1 
ATOM   597 C  CG2 . VAL A 1 75  ? 11.044  3.797   1.636   1.00 24.75 ? 80  VAL A CG2 1 
ATOM   598 N  N   . ASP A 1 76  ? 8.695   7.312   3.400   1.00 22.99 ? 81  ASP A N   1 
ATOM   599 C  CA  . ASP A 1 76  ? 7.760   8.053   4.237   1.00 21.00 ? 81  ASP A CA  1 
ATOM   600 C  C   . ASP A 1 76  ? 6.543   8.546   3.436   1.00 25.06 ? 81  ASP A C   1 
ATOM   601 O  O   . ASP A 1 76  ? 5.423   8.503   3.932   1.00 22.98 ? 81  ASP A O   1 
ATOM   602 C  CB  . ASP A 1 76  ? 8.435   9.240   4.923   1.00 21.14 ? 81  ASP A CB  1 
ATOM   603 C  CG  . ASP A 1 76  ? 9.275   8.822   6.143   1.00 18.78 ? 81  ASP A CG  1 
ATOM   604 O  OD1 . ASP A 1 76  ? 9.348   7.612   6.465   1.00 24.35 ? 81  ASP A OD1 1 
ATOM   605 O  OD2 . ASP A 1 76  ? 9.846   9.716   6.791   1.00 24.64 ? 81  ASP A OD2 1 
ATOM   606 N  N   . LYS A 1 77  ? 6.768   9.029   2.217   1.00 24.64 ? 82  LYS A N   1 
ATOM   607 C  CA  . LYS A 1 77  ? 5.658   9.449   1.349   1.00 30.12 ? 82  LYS A CA  1 
ATOM   608 C  C   . LYS A 1 77  ? 4.677   8.302   1.075   1.00 33.39 ? 82  LYS A C   1 
ATOM   609 O  O   . LYS A 1 77  ? 3.458   8.505   1.083   1.00 34.68 ? 82  LYS A O   1 
ATOM   610 C  CB  . LYS A 1 77  ? 6.166   10.064  0.042   1.00 36.59 ? 82  LYS A CB  1 
ATOM   611 C  CG  . LYS A 1 77  ? 6.900   11.379  0.241   1.00 48.29 ? 82  LYS A CG  1 
ATOM   612 C  CD  . LYS A 1 77  ? 7.286   12.028  -1.080  1.00 53.51 ? 82  LYS A CD  1 
ATOM   613 C  CE  . LYS A 1 77  ? 8.093   13.301  -0.849  1.00 52.16 ? 82  LYS A CE  1 
ATOM   614 N  NZ  . LYS A 1 77  ? 7.348   14.268  0.006   1.00 52.20 ? 82  LYS A NZ  1 
ATOM   615 N  N   . PHE A 1 78  ? 5.192   7.102   0.830   1.00 30.25 ? 83  PHE A N   1 
ATOM   616 C  CA  A PHE A 1 78  ? 4.352   5.912   0.672   0.57 29.50 ? 83  PHE A CA  1 
ATOM   617 C  CA  B PHE A 1 78  ? 4.301   5.963   0.665   0.43 29.49 ? 83  PHE A CA  1 
ATOM   618 C  C   . PHE A 1 78  ? 3.604   5.637   1.970   1.00 31.01 ? 83  PHE A C   1 
ATOM   619 O  O   . PHE A 1 78  ? 2.404   5.397   1.980   1.00 35.95 ? 83  PHE A O   1 
ATOM   620 C  CB  A PHE A 1 78  ? 5.201   4.675   0.341   0.57 28.35 ? 83  PHE A CB  1 
ATOM   621 C  CB  B PHE A 1 78  ? 5.027   4.724   0.158   0.43 28.16 ? 83  PHE A CB  1 
ATOM   622 C  CG  A PHE A 1 78  ? 5.953   4.757   -0.969  0.57 30.44 ? 83  PHE A CG  1 
ATOM   623 C  CG  B PHE A 1 78  ? 4.118   3.547   -0.045  0.43 26.19 ? 83  PHE A CG  1 
ATOM   624 C  CD1 A PHE A 1 78  ? 5.456   5.483   -2.035  0.57 34.52 ? 83  PHE A CD1 1 
ATOM   625 C  CD1 B PHE A 1 78  ? 3.434   3.382   -1.239  0.43 22.68 ? 83  PHE A CD1 1 
ATOM   626 C  CD2 A PHE A 1 78  ? 7.142   4.059   -1.138  0.57 25.44 ? 83  PHE A CD2 1 
ATOM   627 C  CD2 B PHE A 1 78  ? 3.928   2.618   0.964   0.43 22.59 ? 83  PHE A CD2 1 
ATOM   628 C  CE1 A PHE A 1 78  ? 6.142   5.535   -3.229  0.57 33.18 ? 83  PHE A CE1 1 
ATOM   629 C  CE1 B PHE A 1 78  ? 2.603   2.310   -1.433  0.43 20.01 ? 83  PHE A CE1 1 
ATOM   630 C  CE2 A PHE A 1 78  ? 7.824   4.101   -2.323  0.57 21.23 ? 83  PHE A CE2 1 
ATOM   631 C  CE2 B PHE A 1 78  ? 3.097   1.533   0.774   0.43 28.24 ? 83  PHE A CE2 1 
ATOM   632 C  CZ  A PHE A 1 78  ? 7.332   4.844   -3.372  0.57 30.97 ? 83  PHE A CZ  1 
ATOM   633 C  CZ  B PHE A 1 78  ? 2.427   1.383   -0.425  0.43 26.90 ? 83  PHE A CZ  1 
ATOM   634 N  N   . LEU A 1 79  ? 4.350   5.648   3.072   1.00 26.92 ? 84  LEU A N   1 
ATOM   635 C  CA  . LEU A 1 79  ? 3.771   5.347   4.378   1.00 24.68 ? 84  LEU A CA  1 
ATOM   636 C  C   . LEU A 1 79  ? 2.594   6.278   4.687   1.00 32.79 ? 84  LEU A C   1 
ATOM   637 O  O   . LEU A 1 79  ? 1.531   5.827   5.126   1.00 29.65 ? 84  LEU A O   1 
ATOM   638 C  CB  . LEU A 1 79  ? 4.832   5.409   5.481   1.00 24.27 ? 84  LEU A CB  1 
ATOM   639 C  CG  . LEU A 1 79  ? 5.888   4.309   5.435   1.00 22.68 ? 84  LEU A CG  1 
ATOM   640 C  CD1 . LEU A 1 79  ? 6.953   4.533   6.506   1.00 25.70 ? 84  LEU A CD1 1 
ATOM   641 C  CD2 . LEU A 1 79  ? 5.200   2.967   5.612   1.00 22.53 ? 84  LEU A CD2 1 
ATOM   642 N  N   . VAL A 1 80  ? 2.784   7.573   4.445   1.00 27.35 ? 85  VAL A N   1 
ATOM   643 C  CA  . VAL A 1 80  ? 1.718   8.551   4.639   1.00 27.90 ? 85  VAL A CA  1 
ATOM   644 C  C   . VAL A 1 80  ? 0.501   8.293   3.742   1.00 32.12 ? 85  VAL A C   1 
ATOM   645 O  O   . VAL A 1 80  ? -0.631  8.429   4.183   1.00 34.41 ? 85  VAL A O   1 
ATOM   646 C  CB  . VAL A 1 80  ? 2.218   9.966   4.361   1.00 30.43 ? 85  VAL A CB  1 
ATOM   647 C  CG1 . VAL A 1 80  ? 1.047   10.947  4.335   1.00 31.67 ? 85  VAL A CG1 1 
ATOM   648 C  CG2 . VAL A 1 80  ? 3.279   10.359  5.398   1.00 29.32 ? 85  VAL A CG2 1 
ATOM   649 N  N   . GLN A 1 81  ? 0.744   7.934   2.488   1.00 40.79 ? 86  GLN A N   1 
ATOM   650 C  CA  . GLN A 1 81  ? -0.336  7.614   1.559   1.00 51.62 ? 86  GLN A CA  1 
ATOM   651 C  C   . GLN A 1 81  ? -1.170  6.437   2.056   1.00 54.48 ? 86  GLN A C   1 
ATOM   652 O  O   . GLN A 1 81  ? -2.394  6.523   2.134   1.00 61.22 ? 86  GLN A O   1 
ATOM   653 C  CB  . GLN A 1 81  ? 0.227   7.292   0.174   1.00 56.26 ? 86  GLN A CB  1 
ATOM   654 C  CG  . GLN A 1 81  ? 0.944   8.442   -0.495  1.00 63.26 ? 86  GLN A CG  1 
ATOM   655 C  CD  . GLN A 1 81  ? 1.539   8.048   -1.830  1.00 69.64 ? 86  GLN A CD  1 
ATOM   656 O  OE1 . GLN A 1 81  ? 2.727   7.739   -1.931  1.00 66.60 ? 86  GLN A OE1 1 
ATOM   657 N  NE2 . GLN A 1 81  ? 0.710   8.056   -2.868  1.00 76.07 ? 86  GLN A NE2 1 
ATOM   658 N  N   . VAL A 1 82  ? -0.501  5.335   2.377   1.00 50.10 ? 87  VAL A N   1 
ATOM   659 C  CA  . VAL A 1 82  ? -1.173  4.176   2.943   1.00 42.78 ? 87  VAL A CA  1 
ATOM   660 C  C   . VAL A 1 82  ? -2.035  4.576   4.133   1.00 46.71 ? 87  VAL A C   1 
ATOM   661 O  O   . VAL A 1 82  ? -3.082  3.981   4.371   1.00 51.97 ? 87  VAL A O   1 
ATOM   662 C  CB  . VAL A 1 82  ? -0.164  3.119   3.398   1.00 43.17 ? 87  VAL A CB  1 
ATOM   663 C  CG1 . VAL A 1 82  ? -0.878  1.934   4.027   1.00 46.96 ? 87  VAL A CG1 1 
ATOM   664 C  CG2 . VAL A 1 82  ? 0.693   2.676   2.234   1.00 38.51 ? 87  VAL A CG2 1 
ATOM   665 N  N   . ASP A 1 83  ? -1.595  5.589   4.875   1.00 46.97 ? 88  ASP A N   1 
ATOM   666 C  CA  . ASP A 1 83  ? -2.316  6.050   6.064   1.00 57.15 ? 88  ASP A CA  1 
ATOM   667 C  C   . ASP A 1 83  ? -3.688  6.647   5.741   1.00 64.80 ? 88  ASP A C   1 
ATOM   668 O  O   . ASP A 1 83  ? -4.570  6.698   6.602   1.00 61.75 ? 88  ASP A O   1 
ATOM   669 C  CB  . ASP A 1 83  ? -1.479  7.059   6.845   1.00 63.64 ? 88  ASP A CB  1 
ATOM   670 C  CG  . ASP A 1 83  ? -0.371  6.400   7.639   1.00 75.01 ? 88  ASP A CG  1 
ATOM   671 O  OD1 . ASP A 1 83  ? 0.617   7.090   7.967   1.00 81.18 ? 88  ASP A OD1 1 
ATOM   672 O  OD2 . ASP A 1 83  ? -0.489  5.191   7.936   1.00 74.95 ? 88  ASP A OD2 1 
ATOM   673 N  N   . GLY A 1 84  ? -3.854  7.114   4.508   1.00 65.58 ? 89  GLY A N   1 
ATOM   674 C  CA  . GLY A 1 84  ? -5.155  7.531   4.027   1.00 67.46 ? 89  GLY A CA  1 
ATOM   675 C  C   . GLY A 1 84  ? -5.978  6.305   3.677   1.00 71.63 ? 89  GLY A C   1 
ATOM   676 O  O   . GLY A 1 84  ? -6.977  6.013   4.338   1.00 75.99 ? 89  GLY A O   1 
ATOM   677 N  N   . ILE A 1 85  ? -5.550  5.583   2.640   1.00 69.36 ? 90  ILE A N   1 
ATOM   678 C  CA  . ILE A 1 85  ? -6.190  4.326   2.248   1.00 68.63 ? 90  ILE A CA  1 
ATOM   679 C  C   . ILE A 1 85  ? -6.535  3.474   3.471   1.00 64.04 ? 90  ILE A C   1 
ATOM   680 O  O   . ILE A 1 85  ? -5.726  2.659   3.927   1.00 50.21 ? 90  ILE A O   1 
ATOM   681 C  CB  . ILE A 1 85  ? -5.285  3.482   1.327   1.00 70.21 ? 90  ILE A CB  1 
ATOM   682 C  CG1 . ILE A 1 85  ? -4.703  4.329   0.195   1.00 76.23 ? 90  ILE A CG1 1 
ATOM   683 C  CG2 . ILE A 1 85  ? -6.061  2.304   0.757   1.00 68.44 ? 90  ILE A CG2 1 
ATOM   684 C  CD1 . ILE A 1 85  ? -5.663  4.544   -0.948  1.00 81.95 ? 90  ILE A CD1 1 
ATOM   685 N  N   . ASN A 1 91  ? -13.734 3.079   6.237   1.00 67.10 ? 96  ASN A N   1 
ATOM   686 C  CA  . ASN A 1 91  ? -14.191 4.446   6.464   1.00 64.31 ? 96  ASN A CA  1 
ATOM   687 C  C   . ASN A 1 91  ? -15.590 4.517   7.076   1.00 62.16 ? 96  ASN A C   1 
ATOM   688 O  O   . ASN A 1 91  ? -16.534 3.900   6.575   1.00 53.88 ? 96  ASN A O   1 
ATOM   689 C  CB  . ASN A 1 91  ? -14.145 5.247   5.166   1.00 60.36 ? 96  ASN A CB  1 
ATOM   690 C  CG  . ASN A 1 91  ? -14.669 6.659   5.334   1.00 60.07 ? 96  ASN A CG  1 
ATOM   691 O  OD1 . ASN A 1 91  ? -15.661 7.035   4.714   1.00 50.57 ? 96  ASN A OD1 1 
ATOM   692 N  ND2 . ASN A 1 91  ? -14.005 7.448   6.176   1.00 66.50 ? 96  ASN A ND2 1 
ATOM   693 N  N   . ASN A 1 92  ? -15.704 5.288   8.157   1.00 61.21 ? 97  ASN A N   1 
ATOM   694 C  CA  . ASN A 1 92  ? -16.931 5.386   8.939   1.00 58.78 ? 97  ASN A CA  1 
ATOM   695 C  C   . ASN A 1 92  ? -18.090 6.001   8.160   1.00 48.07 ? 97  ASN A C   1 
ATOM   696 O  O   . ASN A 1 92  ? -19.230 5.555   8.267   1.00 42.48 ? 97  ASN A O   1 
ATOM   697 C  CB  . ASN A 1 92  ? -16.674 6.196   10.214  1.00 71.51 ? 97  ASN A CB  1 
ATOM   698 C  CG  . ASN A 1 92  ? -17.692 5.913   11.306  1.00 83.59 ? 97  ASN A CG  1 
ATOM   699 O  OD1 . ASN A 1 92  ? -17.802 6.666   12.277  1.00 89.89 ? 97  ASN A OD1 1 
ATOM   700 N  ND2 . ASN A 1 92  ? -18.436 4.820   11.156  1.00 82.66 ? 97  ASN A ND2 1 
ATOM   701 N  N   . LYS A 1 93  ? -17.807 7.034   7.381   1.00 44.33 ? 98  LYS A N   1 
ATOM   702 C  CA  . LYS A 1 93  ? -18.860 7.673   6.612   1.00 41.44 ? 98  LYS A CA  1 
ATOM   703 C  C   . LYS A 1 93  ? -19.422 6.735   5.542   1.00 35.03 ? 98  LYS A C   1 
ATOM   704 O  O   . LYS A 1 93  ? -20.642 6.628   5.405   1.00 34.79 ? 98  LYS A O   1 
ATOM   705 C  CB  . LYS A 1 93  ? -18.392 8.994   5.996   1.00 48.22 ? 98  LYS A CB  1 
ATOM   706 C  CG  . LYS A 1 93  ? -19.524 9.771   5.322   1.00 56.33 ? 98  LYS A CG  1 
ATOM   707 C  CD  . LYS A 1 93  ? -19.143 11.216  4.999   1.00 60.41 ? 98  LYS A CD  1 
ATOM   708 C  CE  . LYS A 1 93  ? -20.296 11.926  4.284   1.00 57.87 ? 98  LYS A CE  1 
ATOM   709 N  NZ  . LYS A 1 93  ? -21.586 11.772  5.025   1.00 54.66 ? 98  LYS A NZ  1 
ATOM   710 N  N   . PHE A 1 94  ? -18.543 6.061   4.793   1.00 24.19 ? 99  PHE A N   1 
ATOM   711 C  CA  . PHE A 1 94  ? -18.987 5.091   3.784   1.00 24.01 ? 99  PHE A CA  1 
ATOM   712 C  C   . PHE A 1 94  ? -19.931 4.051   4.387   1.00 24.83 ? 99  PHE A C   1 
ATOM   713 O  O   . PHE A 1 94  ? -20.983 3.738   3.816   1.00 19.07 ? 99  PHE A O   1 
ATOM   714 C  CB  . PHE A 1 94  ? -17.793 4.393   3.115   1.00 27.68 ? 99  PHE A CB  1 
ATOM   715 C  CG  . PHE A 1 94  ? -18.178 3.387   2.035   1.00 27.99 ? 99  PHE A CG  1 
ATOM   716 C  CD1 . PHE A 1 94  ? -18.571 3.812   0.779   1.00 21.33 ? 99  PHE A CD1 1 
ATOM   717 C  CD2 . PHE A 1 94  ? -18.118 2.018   2.278   1.00 33.09 ? 99  PHE A CD2 1 
ATOM   718 C  CE1 . PHE A 1 94  ? -18.907 2.894   -0.223  1.00 19.53 ? 99  PHE A CE1 1 
ATOM   719 C  CE2 . PHE A 1 94  ? -18.461 1.086   1.286   1.00 28.53 ? 99  PHE A CE2 1 
ATOM   720 C  CZ  . PHE A 1 94  ? -18.856 1.523   0.035   1.00 22.05 ? 99  PHE A CZ  1 
ATOM   721 N  N   . LYS A 1 95  ? -19.555 3.502   5.539   1.00 23.59 ? 100 LYS A N   1 
ATOM   722 C  CA  . LYS A 1 95  ? -20.358 2.445   6.152   1.00 31.26 ? 100 LYS A CA  1 
ATOM   723 C  C   . LYS A 1 95  ? -21.734 2.944   6.608   1.00 29.90 ? 100 LYS A C   1 
ATOM   724 O  O   . LYS A 1 95  ? -22.733 2.230   6.513   1.00 25.12 ? 100 LYS A O   1 
ATOM   725 C  CB  . LYS A 1 95  ? -19.589 1.776   7.298   1.00 34.99 ? 100 LYS A CB  1 
ATOM   726 C  CG  . LYS A 1 95  ? -18.688 0.639   6.828   1.00 45.79 ? 100 LYS A CG  1 
ATOM   727 C  CD  . LYS A 1 95  ? -17.304 0.670   7.486   1.00 54.58 ? 100 LYS A CD  1 
ATOM   728 C  CE  . LYS A 1 95  ? -17.370 0.489   8.999   1.00 58.86 ? 100 LYS A CE  1 
ATOM   729 N  NZ  . LYS A 1 95  ? -16.010 0.468   9.623   1.00 59.28 ? 100 LYS A NZ  1 
ATOM   730 N  N   . GLY A 1 96  ? -21.787 4.173   7.105   1.00 25.45 ? 101 GLY A N   1 
ATOM   731 C  CA  . GLY A 1 96  ? -23.058 4.726   7.539   1.00 32.96 ? 101 GLY A CA  1 
ATOM   732 C  C   . GLY A 1 96  ? -24.004 4.941   6.368   1.00 28.48 ? 101 GLY A C   1 
ATOM   733 O  O   . GLY A 1 96  ? -25.198 4.653   6.457   1.00 20.94 ? 101 GLY A O   1 
ATOM   734 N  N   . LEU A 1 97  ? -23.465 5.463   5.266   1.00 25.48 ? 102 LEU A N   1 
ATOM   735 C  CA  . LEU A 1 97  ? -24.267 5.727   4.072   1.00 23.66 ? 102 LEU A CA  1 
ATOM   736 C  C   . LEU A 1 97  ? -24.814 4.452   3.465   1.00 21.51 ? 102 LEU A C   1 
ATOM   737 O  O   . LEU A 1 97  ? -25.958 4.401   3.049   1.00 20.68 ? 102 LEU A O   1 
ATOM   738 C  CB  . LEU A 1 97  ? -23.425 6.446   3.023   1.00 18.09 ? 102 LEU A CB  1 
ATOM   739 C  CG  . LEU A 1 97  ? -22.905 7.829   3.410   1.00 25.78 ? 102 LEU A CG  1 
ATOM   740 C  CD1 . LEU A 1 97  ? -21.812 8.257   2.437   1.00 22.85 ? 102 LEU A CD1 1 
ATOM   741 C  CD2 . LEU A 1 97  ? -24.058 8.849   3.436   1.00 27.77 ? 102 LEU A CD2 1 
HETATM 742 N  N   . MSE A 1 98  ? -23.973 3.428   3.370   1.00 23.63 ? 103 MSE A N   1 
HETATM 743 C  CA  . MSE A 1 98  ? -24.403 2.148   2.818   1.00 19.67 ? 103 MSE A CA  1 
HETATM 744 C  C   . MSE A 1 98  ? -25.458 1.475   3.702   1.00 18.31 ? 103 MSE A C   1 
HETATM 745 O  O   . MSE A 1 98  ? -26.389 0.865   3.205   1.00 23.53 ? 103 MSE A O   1 
HETATM 746 C  CB  . MSE A 1 98  ? -23.192 1.236   2.658   1.00 17.75 ? 103 MSE A CB  1 
HETATM 747 C  CG  . MSE A 1 98  ? -22.211 1.770   1.644   1.00 18.97 ? 103 MSE A CG  1 
HETATM 748 SE SE  . MSE A 1 98  ? -22.888 1.506   -0.166  1.00 34.90 ? 103 MSE A SE  1 
HETATM 749 C  CE  . MSE A 1 98  ? -22.646 -0.431  -0.303  1.00 34.99 ? 103 MSE A CE  1 
ATOM   750 N  N   . LYS A 1 99  ? -25.300 1.597   5.013   1.00 24.38 ? 104 LYS A N   1 
ATOM   751 C  CA  . LYS A 1 99  ? -26.281 1.053   5.956   1.00 27.77 ? 104 LYS A CA  1 
ATOM   752 C  C   . LYS A 1 99  ? -27.655 1.720   5.785   1.00 27.83 ? 104 LYS A C   1 
ATOM   753 O  O   . LYS A 1 99  ? -28.696 1.051   5.745   1.00 22.90 ? 104 LYS A O   1 
ATOM   754 C  CB  . LYS A 1 99  ? -25.795 1.228   7.396   1.00 30.97 ? 104 LYS A CB  1 
ATOM   755 C  CG  . LYS A 1 99  ? -26.739 0.630   8.438   1.00 36.30 ? 104 LYS A CG  1 
ATOM   756 C  CD  . LYS A 1 99  ? -26.330 1.020   9.852   1.00 49.59 ? 104 LYS A CD  1 
ATOM   757 C  CE  . LYS A 1 99  ? -27.370 0.558   10.870  1.00 60.23 ? 104 LYS A CE  1 
ATOM   758 N  NZ  . LYS A 1 99  ? -27.170 1.195   12.209  1.00 69.85 ? 104 LYS A NZ  1 
ATOM   759 N  N   . ARG A 1 100 ? -27.659 3.045   5.704   1.00 21.12 ? 105 ARG A N   1 
ATOM   760 C  CA  . ARG A 1 100 ? -28.903 3.777   5.476   1.00 23.34 ? 105 ARG A CA  1 
ATOM   761 C  C   . ARG A 1 100 ? -29.490 3.356   4.137   1.00 18.76 ? 105 ARG A C   1 
ATOM   762 O  O   . ARG A 1 100 ? -30.684 3.111   4.017   1.00 19.78 ? 105 ARG A O   1 
ATOM   763 C  CB  . ARG A 1 100 ? -28.647 5.285   5.491   1.00 23.99 ? 105 ARG A CB  1 
ATOM   764 C  CG  . ARG A 1 100 ? -29.848 6.139   5.097   1.00 20.08 ? 105 ARG A CG  1 
ATOM   765 C  CD  . ARG A 1 100 ? -31.027 6.000   6.074   1.00 29.97 ? 105 ARG A CD  1 
ATOM   766 N  NE  . ARG A 1 100 ? -32.093 6.960   5.772   1.00 27.30 ? 105 ARG A NE  1 
ATOM   767 C  CZ  . ARG A 1 100 ? -33.330 6.881   6.246   1.00 32.03 ? 105 ARG A CZ  1 
ATOM   768 N  NH1 . ARG A 1 100 ? -33.672 5.878   7.043   1.00 36.55 ? 105 ARG A NH1 1 
ATOM   769 N  NH2 . ARG A 1 100 ? -34.229 7.808   5.921   1.00 32.98 ? 105 ARG A NH2 1 
ATOM   770 N  N   . THR A 1 101 ? -28.642 3.265   3.120   1.00 20.33 ? 106 THR A N   1 
ATOM   771 C  CA  . THR A 1 101 ? -29.133 2.883   1.801   1.00 16.17 ? 106 THR A CA  1 
ATOM   772 C  C   . THR A 1 101 ? -29.793 1.504   1.845   1.00 21.12 ? 106 THR A C   1 
ATOM   773 O  O   . THR A 1 101 ? -30.889 1.305   1.311   1.00 20.39 ? 106 THR A O   1 
ATOM   774 C  CB  . THR A 1 101 ? -28.012 2.907   0.757   1.00 19.95 ? 106 THR A CB  1 
ATOM   775 O  OG1 . THR A 1 101 ? -27.477 4.240   0.666   1.00 20.59 ? 106 THR A OG1 1 
ATOM   776 C  CG2 . THR A 1 101 ? -28.565 2.501   -0.603  1.00 22.58 ? 106 THR A CG2 1 
ATOM   777 N  N   . THR A 1 102 ? -29.130 0.558   2.498   1.00 23.65 ? 107 THR A N   1 
ATOM   778 C  CA  . THR A 1 102 ? -29.708 -0.773  2.685   1.00 20.90 ? 107 THR A CA  1 
ATOM   779 C  C   . THR A 1 102 ? -31.042 -0.712  3.432   1.00 23.44 ? 107 THR A C   1 
ATOM   780 O  O   . THR A 1 102 ? -31.983 -1.413  3.068   1.00 20.36 ? 107 THR A O   1 
ATOM   781 C  CB  . THR A 1 102 ? -28.727 -1.738  3.402   1.00 26.42 ? 107 THR A CB  1 
ATOM   782 O  OG1 . THR A 1 102 ? -27.589 -1.959  2.564   1.00 26.33 ? 107 THR A OG1 1 
ATOM   783 C  CG2 . THR A 1 102 ? -29.380 -3.076  3.681   1.00 22.14 ? 107 THR A CG2 1 
ATOM   784 N  N   . GLU A 1 103 ? -31.122 0.108   4.479   1.00 20.87 ? 108 GLU A N   1 
ATOM   785 C  CA  . GLU A 1 103 ? -32.376 0.235   5.206   1.00 24.16 ? 108 GLU A CA  1 
ATOM   786 C  C   . GLU A 1 103 ? -33.492 0.742   4.301   1.00 21.20 ? 108 GLU A C   1 
ATOM   787 O  O   . GLU A 1 103 ? -34.601 0.209   4.326   1.00 20.74 ? 108 GLU A O   1 
ATOM   788 C  CB  . GLU A 1 103 ? -32.224 1.133   6.442   1.00 26.87 ? 108 GLU A CB  1 
ATOM   789 C  CG  . GLU A 1 103 ? -31.368 0.510   7.531   1.00 41.38 ? 108 GLU A CG  1 
ATOM   790 C  CD  . GLU A 1 103 ? -31.940 -0.800  8.069   1.00 60.29 ? 108 GLU A CD  1 
ATOM   791 O  OE1 . GLU A 1 103 ? -33.151 -0.842  8.380   1.00 61.82 ? 108 GLU A OE1 1 
ATOM   792 O  OE2 . GLU A 1 103 ? -31.174 -1.787  8.182   1.00 64.06 ? 108 GLU A OE2 1 
ATOM   793 N  N   . LEU A 1 104 ? -33.210 1.775   3.505   1.00 20.53 ? 109 LEU A N   1 
ATOM   794 C  CA  . LEU A 1 104 ? -34.240 2.292   2.594   1.00 24.74 ? 109 LEU A CA  1 
ATOM   795 C  C   . LEU A 1 104 ? -34.706 1.233   1.581   1.00 27.80 ? 109 LEU A C   1 
ATOM   796 O  O   . LEU A 1 104 ? -35.904 1.129   1.288   1.00 23.97 ? 109 LEU A O   1 
ATOM   797 C  CB  . LEU A 1 104 ? -33.764 3.550   1.873   1.00 22.47 ? 109 LEU A CB  1 
ATOM   798 C  CG  . LEU A 1 104 ? -33.619 4.797   2.744   1.00 28.97 ? 109 LEU A CG  1 
ATOM   799 C  CD1 . LEU A 1 104 ? -32.946 5.940   1.985   1.00 24.68 ? 109 LEU A CD1 1 
ATOM   800 C  CD2 . LEU A 1 104 ? -34.963 5.220   3.298   1.00 27.62 ? 109 LEU A CD2 1 
ATOM   801 N  N   . LEU A 1 105 ? -33.769 0.446   1.049   1.00 22.59 ? 110 LEU A N   1 
ATOM   802 C  CA  . LEU A 1 105 ? -34.135 -0.595  0.082   1.00 18.76 ? 110 LEU A CA  1 
ATOM   803 C  C   . LEU A 1 105 ? -35.029 -1.645  0.743   1.00 17.65 ? 110 LEU A C   1 
ATOM   804 O  O   . LEU A 1 105 ? -35.945 -2.148  0.117   1.00 21.31 ? 110 LEU A O   1 
ATOM   805 C  CB  . LEU A 1 105 ? -32.898 -1.240  -0.572  1.00 17.31 ? 110 LEU A CB  1 
ATOM   806 C  CG  . LEU A 1 105 ? -31.996 -0.302  -1.391  1.00 22.89 ? 110 LEU A CG  1 
ATOM   807 C  CD1 . LEU A 1 105 ? -30.866 -1.078  -2.041  1.00 24.49 ? 110 LEU A CD1 1 
ATOM   808 C  CD2 . LEU A 1 105 ? -32.793 0.441   -2.453  1.00 20.98 ? 110 LEU A CD2 1 
ATOM   809 N  N   . LYS A 1 106 ? -34.772 -1.948  2.011   1.00 19.23 ? 111 LYS A N   1 
ATOM   810 C  CA  . LYS A 1 106 ? -35.612 -2.885  2.764   1.00 28.59 ? 111 LYS A CA  1 
ATOM   811 C  C   . LYS A 1 106 ? -37.033 -2.358  2.984   1.00 31.78 ? 111 LYS A C   1 
ATOM   812 O  O   . LYS A 1 106 ? -37.997 -3.113  2.891   1.00 22.72 ? 111 LYS A O   1 
ATOM   813 C  CB  . LYS A 1 106 ? -34.958 -3.259  4.096   1.00 40.72 ? 111 LYS A CB  1 
ATOM   814 C  CG  . LYS A 1 106 ? -33.641 -4.013  3.929   1.00 47.79 ? 111 LYS A CG  1 
ATOM   815 C  CD  . LYS A 1 106 ? -33.161 -4.630  5.236   1.00 58.52 ? 111 LYS A CD  1 
ATOM   816 C  CE  . LYS A 1 106 ? -32.640 -3.582  6.207   1.00 59.83 ? 111 LYS A CE  1 
ATOM   817 N  NZ  . LYS A 1 106 ? -31.840 -4.214  7.298   1.00 59.69 ? 111 LYS A NZ  1 
ATOM   818 N  N   . LYS A 1 107 ? -37.148 -1.063  3.270   1.00 25.35 ? 112 LYS A N   1 
ATOM   819 C  CA  . LYS A 1 107 ? -38.436 -0.394  3.367   1.00 27.59 ? 112 LYS A CA  1 
ATOM   820 C  C   . LYS A 1 107 ? -39.222 -0.487  2.063   1.00 27.15 ? 112 LYS A C   1 
ATOM   821 O  O   . LYS A 1 107 ? -40.421 -0.780  2.072   1.00 23.85 ? 112 LYS A O   1 
ATOM   822 C  CB  . LYS A 1 107 ? -38.230 1.057   3.767   1.00 29.88 ? 112 LYS A CB  1 
ATOM   823 C  CG  . LYS A 1 107 ? -37.593 1.175   5.141   1.00 41.73 ? 112 LYS A CG  1 
ATOM   824 C  CD  . LYS A 1 107 ? -37.060 2.556   5.390   1.00 45.52 ? 112 LYS A CD  1 
ATOM   825 C  CE  . LYS A 1 107 ? -38.142 3.601   5.259   1.00 50.00 ? 112 LYS A CE  1 
ATOM   826 N  NZ  . LYS A 1 107 ? -37.606 4.923   5.660   1.00 57.11 ? 112 LYS A NZ  1 
ATOM   827 N  N   . VAL A 1 108 ? -38.541 -0.261  0.945   1.00 24.24 ? 113 VAL A N   1 
ATOM   828 C  CA  . VAL A 1 108 ? -39.213 -0.289  -0.343  1.00 19.70 ? 113 VAL A CA  1 
ATOM   829 C  C   . VAL A 1 108 ? -39.708 -1.698  -0.617  1.00 28.81 ? 113 VAL A C   1 
ATOM   830 O  O   . VAL A 1 108 ? -40.845 -1.889  -1.020  1.00 27.34 ? 113 VAL A O   1 
ATOM   831 C  CB  . VAL A 1 108 ? -38.300 0.153   -1.493  1.00 19.48 ? 113 VAL A CB  1 
ATOM   832 C  CG1 . VAL A 1 108 ? -39.023 0.010   -2.809  1.00 21.41 ? 113 VAL A CG1 1 
ATOM   833 C  CG2 . VAL A 1 108 ? -37.811 1.598   -1.302  1.00 20.90 ? 113 VAL A CG2 1 
ATOM   834 N  N   . LYS A 1 109 ? -38.855 -2.691  -0.382  1.00 29.20 ? 114 LYS A N   1 
ATOM   835 C  CA  . LYS A 1 109 ? -39.233 -4.072  -0.640  1.00 27.43 ? 114 LYS A CA  1 
ATOM   836 C  C   . LYS A 1 109 ? -40.403 -4.485  0.244   1.00 28.88 ? 114 LYS A C   1 
ATOM   837 O  O   . LYS A 1 109 ? -41.364 -5.051  -0.242  1.00 29.08 ? 114 LYS A O   1 
ATOM   838 C  CB  . LYS A 1 109 ? -38.039 -5.024  -0.472  1.00 27.87 ? 114 LYS A CB  1 
ATOM   839 C  CG  . LYS A 1 109 ? -36.941 -4.809  -1.506  1.00 22.09 ? 114 LYS A CG  1 
ATOM   840 C  CD  . LYS A 1 109 ? -35.968 -5.963  -1.511  1.00 30.93 ? 114 LYS A CD  1 
ATOM   841 C  CE  . LYS A 1 109 ? -35.434 -6.241  -0.124  1.00 36.73 ? 114 LYS A CE  1 
ATOM   842 N  NZ  . LYS A 1 109 ? -34.835 -7.606  -0.039  1.00 41.23 ? 114 LYS A NZ  1 
ATOM   843 N  N   . HIS A 1 110 ? -40.344 -4.184  1.537   1.00 30.78 ? 115 HIS A N   1 
ATOM   844 C  CA  A HIS A 1 110 ? -41.448 -4.564  2.398   0.39 29.40 ? 115 HIS A CA  1 
ATOM   845 C  CA  B HIS A 1 110 ? -41.439 -4.494  2.472   0.61 28.67 ? 115 HIS A CA  1 
ATOM   846 C  C   . HIS A 1 110 ? -42.747 -3.825  2.046   1.00 31.65 ? 115 HIS A C   1 
ATOM   847 O  O   . HIS A 1 110 ? -43.819 -4.428  2.079   1.00 32.88 ? 115 HIS A O   1 
ATOM   848 C  CB  A HIS A 1 110 ? -41.059 -4.466  3.872   0.39 30.38 ? 115 HIS A CB  1 
ATOM   849 C  CB  B HIS A 1 110 ? -41.067 -4.056  3.898   0.61 28.45 ? 115 HIS A CB  1 
ATOM   850 C  CG  A HIS A 1 110 ? -40.410 -5.712  4.394   0.39 35.10 ? 115 HIS A CG  1 
ATOM   851 C  CG  B HIS A 1 110 ? -42.173 -4.210  4.903   0.61 33.95 ? 115 HIS A CG  1 
ATOM   852 N  ND1 A HIS A 1 110 ? -39.463 -6.413  3.675   0.39 32.69 ? 115 HIS A ND1 1 
ATOM   853 N  ND1 B HIS A 1 110 ? -42.915 -3.145  5.368   0.61 34.11 ? 115 HIS A ND1 1 
ATOM   854 C  CD2 A HIS A 1 110 ? -40.587 -6.398  5.549   0.39 33.43 ? 115 HIS A CD2 1 
ATOM   855 C  CD2 B HIS A 1 110 ? -42.643 -5.303  5.551   0.61 34.51 ? 115 HIS A CD2 1 
ATOM   856 C  CE1 A HIS A 1 110 ? -39.077 -7.467  4.370   0.39 32.91 ? 115 HIS A CE1 1 
ATOM   857 C  CE1 B HIS A 1 110 ? -43.801 -3.577  6.247   0.61 34.68 ? 115 HIS A CE1 1 
ATOM   858 N  NE2 A HIS A 1 110 ? -39.745 -7.483  5.511   0.39 31.32 ? 115 HIS A NE2 1 
ATOM   859 N  NE2 B HIS A 1 110 ? -43.659 -4.882  6.376   0.61 24.56 ? 115 HIS A NE2 1 
ATOM   860 N  N   . LYS A 1 111 ? -42.659 -2.557  1.650   1.00 27.07 ? 116 LYS A N   1 
ATOM   861 C  CA  . LYS A 1 111 ? -43.852 -1.855  1.181   1.00 32.06 ? 116 LYS A CA  1 
ATOM   862 C  C   . LYS A 1 111 ? -44.569 -2.635  0.069   1.00 37.19 ? 116 LYS A C   1 
ATOM   863 O  O   . LYS A 1 111 ? -45.808 -2.711  0.040   1.00 31.55 ? 116 LYS A O   1 
ATOM   864 C  CB  . LYS A 1 111 ? -43.502 -0.450  0.676   1.00 30.29 ? 116 LYS A CB  1 
ATOM   865 C  CG  . LYS A 1 111 ? -44.707 0.293   0.113   1.00 35.19 ? 116 LYS A CG  1 
ATOM   866 C  CD  . LYS A 1 111 ? -44.328 1.661   -0.420  1.00 41.92 ? 116 LYS A CD  1 
ATOM   867 C  CE  . LYS A 1 111 ? -45.544 2.392   -0.972  1.00 46.74 ? 116 LYS A CE  1 
ATOM   868 N  NZ  . LYS A 1 111 ? -46.347 3.044   0.093   1.00 48.60 ? 116 LYS A NZ  1 
ATOM   869 N  N   . HIS A 1 112 ? -43.791 -3.216  -0.842  1.00 33.99 ? 117 HIS A N   1 
ATOM   870 C  CA  . HIS A 1 112 ? -44.362 -3.870  -2.020  1.00 36.42 ? 117 HIS A CA  1 
ATOM   871 C  C   . HIS A 1 112 ? -44.435 -5.403  -1.939  1.00 34.59 ? 117 HIS A C   1 
ATOM   872 O  O   . HIS A 1 112 ? -44.516 -6.090  -2.960  1.00 28.90 ? 117 HIS A O   1 
ATOM   873 C  CB  . HIS A 1 112 ? -43.625 -3.414  -3.281  1.00 26.21 ? 117 HIS A CB  1 
ATOM   874 C  CG  . HIS A 1 112 ? -43.683 -1.935  -3.495  1.00 28.86 ? 117 HIS A CG  1 
ATOM   875 N  ND1 . HIS A 1 112 ? -44.809 -1.300  -3.974  1.00 28.66 ? 117 HIS A ND1 1 
ATOM   876 C  CD2 . HIS A 1 112 ? -42.768 -0.961  -3.269  1.00 24.63 ? 117 HIS A CD2 1 
ATOM   877 C  CE1 . HIS A 1 112 ? -44.580 -0.003  -4.055  1.00 29.44 ? 117 HIS A CE1 1 
ATOM   878 N  NE2 . HIS A 1 112 ? -43.350 0.231   -3.636  1.00 30.50 ? 117 HIS A NE2 1 
ATOM   879 N  N   . GLY A 1 113 ? -44.427 -5.930  -0.721  1.00 31.27 ? 118 GLY A N   1 
ATOM   880 C  CA  . GLY A 1 113 ? -44.550 -7.367  -0.520  1.00 32.15 ? 118 GLY A CA  1 
ATOM   881 C  C   . GLY A 1 113 ? -43.415 -8.149  -1.147  1.00 33.57 ? 118 GLY A C   1 
ATOM   882 O  O   . GLY A 1 113 ? -43.621 -9.237  -1.670  1.00 34.85 ? 118 GLY A O   1 
ATOM   883 N  N   . ILE A 1 114 ? -42.208 -7.595  -1.112  1.00 28.61 ? 119 ILE A N   1 
ATOM   884 C  CA  . ILE A 1 114 ? -41.031 -8.328  -1.596  1.00 34.01 ? 119 ILE A CA  1 
ATOM   885 C  C   . ILE A 1 114 ? -40.093 -8.718  -0.454  1.00 33.50 ? 119 ILE A C   1 
ATOM   886 O  O   . ILE A 1 114 ? -39.731 -7.879  0.377   1.00 29.60 ? 119 ILE A O   1 
ATOM   887 C  CB  . ILE A 1 114 ? -40.211 -7.504  -2.613  1.00 39.07 ? 119 ILE A CB  1 
ATOM   888 C  CG1 . ILE A 1 114 ? -41.045 -7.186  -3.849  1.00 41.01 ? 119 ILE A CG1 1 
ATOM   889 C  CG2 . ILE A 1 114 ? -38.927 -8.251  -3.007  1.00 37.68 ? 119 ILE A CG2 1 
ATOM   890 C  CD1 . ILE A 1 114 ? -40.406 -6.119  -4.733  1.00 41.27 ? 119 ILE A CD1 1 
ATOM   891 N  N   . ALA A 1 115 ? -39.690 -9.984  -0.419  1.00 31.77 ? 120 ALA A N   1 
ATOM   892 C  CA  . ALA A 1 115 ? -38.779 -10.449 0.617   1.00 38.68 ? 120 ALA A CA  1 
ATOM   893 C  C   . ALA A 1 115 ? -37.356 -10.019 0.269   1.00 39.84 ? 120 ALA A C   1 
ATOM   894 O  O   . ALA A 1 115 ? -36.985 -9.959  -0.901  1.00 44.08 ? 120 ALA A O   1 
ATOM   895 C  CB  . ALA A 1 115 ? -38.869 -11.959 0.770   1.00 36.07 ? 120 ALA A CB  1 
ATOM   896 O  OXT . ALA A 1 115 ? -36.547 -9.707  1.142   1.00 42.50 ? 120 ALA A OXT 1 
HETATM 897 O  O   . HOH B 2 .   ? -30.750 2.791   -8.836  1.00 28.21 ? 1   HOH A O   1 
HETATM 898 O  O   . HOH B 2 .   ? 9.141   12.525  3.170   1.00 33.04 ? 2   HOH A O   1 
HETATM 899 O  O   . HOH B 2 .   ? 28.291  -8.758  9.165   1.00 27.05 ? 3   HOH A O   1 
HETATM 900 O  O   . HOH B 2 .   ? -27.640 2.157   -9.466  1.00 32.70 ? 4   HOH A O   1 
HETATM 901 O  O   . HOH B 2 .   ? -16.702 9.143   -12.285 1.00 25.09 ? 5   HOH A O   1 
HETATM 902 O  O   . HOH B 2 .   ? -45.178 -10.900 -2.734  1.00 27.13 ? 121 HOH A O   1 
HETATM 903 O  O   . HOH B 2 .   ? 24.642  9.215   -2.509  1.00 29.46 ? 122 HOH A O   1 
HETATM 904 O  O   . HOH B 2 .   ? 25.608  -10.281 -1.324  1.00 25.55 ? 123 HOH A O   1 
HETATM 905 O  O   . HOH B 2 .   ? 8.237   -10.485 -7.895  1.00 43.81 ? 124 HOH A O   1 
HETATM 906 O  O   . HOH B 2 .   ? 32.161  11.907  1.467   1.00 35.47 ? 125 HOH A O   1 
HETATM 907 O  O   . HOH B 2 .   ? 11.650  -12.785 0.072   1.00 35.42 ? 126 HOH A O   1 
HETATM 908 O  O   . HOH B 2 .   ? -21.216 8.681   -12.000 1.00 32.01 ? 127 HOH A O   1 
HETATM 909 O  O   . HOH B 2 .   ? 28.439  11.741  -0.284  1.00 33.67 ? 128 HOH A O   1 
HETATM 910 O  O   . HOH B 2 .   ? 0.496   -9.612  -8.118  1.00 31.84 ? 129 HOH A O   1 
HETATM 911 O  O   . HOH B 2 .   ? 37.769  9.564   2.278   1.00 36.22 ? 130 HOH A O   1 
HETATM 912 O  O   . HOH B 2 .   ? 1.632   3.534   6.363   1.00 32.78 ? 131 HOH A O   1 
HETATM 913 O  O   . HOH B 2 .   ? -3.034  -11.215 -3.704  1.00 38.41 ? 132 HOH A O   1 
HETATM 914 O  O   . HOH B 2 .   ? 20.476  12.500  1.431   1.00 36.98 ? 133 HOH A O   1 
HETATM 915 O  O   . HOH B 2 .   ? -32.186 3.994   8.706   1.00 33.55 ? 134 HOH A O   1 
HETATM 916 O  O   . HOH B 2 .   ? 10.821  11.830  5.800   1.00 36.01 ? 135 HOH A O   1 
HETATM 917 O  O   . HOH B 2 .   ? -22.527 -0.380  6.082   1.00 33.65 ? 136 HOH A O   1 
HETATM 918 O  O   . HOH B 2 .   ? -35.343 -0.360  7.563   1.00 39.75 ? 137 HOH A O   1 
HETATM 919 O  O   . HOH B 2 .   ? -2.681  -4.161  -10.736 1.00 30.73 ? 138 HOH A O   1 
HETATM 920 O  O   . HOH B 2 .   ? 39.762  -6.329  0.973   1.00 38.97 ? 139 HOH A O   1 
HETATM 921 O  O   . HOH B 2 .   ? 15.907  -8.154  -6.109  1.00 31.55 ? 140 HOH A O   1 
HETATM 922 O  O   . HOH B 2 .   ? 29.003  -11.144 9.943   1.00 43.41 ? 141 HOH A O   1 
HETATM 923 O  O   . HOH B 2 .   ? 3.581   13.055  1.957   1.00 36.07 ? 142 HOH A O   1 
HETATM 924 O  O   . HOH B 2 .   ? 23.172  -9.868  -1.865  1.00 30.09 ? 143 HOH A O   1 
HETATM 925 O  O   . HOH B 2 .   ? 15.891  13.581  0.700   1.00 41.90 ? 144 HOH A O   1 
HETATM 926 O  O   . HOH B 2 .   ? 43.929  1.373   -0.063  1.00 49.04 ? 145 HOH A O   1 
HETATM 927 O  O   . HOH B 2 .   ? -5.989  2.216   -12.398 1.00 41.28 ? 146 HOH A O   1 
HETATM 928 O  O   . HOH B 2 .   ? -2.077  -13.134 -2.673  1.00 43.81 ? 147 HOH A O   1 
HETATM 929 O  O   . HOH B 2 .   ? 16.632  -11.924 -3.075  1.00 35.95 ? 148 HOH A O   1 
HETATM 930 O  O   . HOH B 2 .   ? 13.664  -1.013  -6.393  1.00 29.31 ? 149 HOH A O   1 
HETATM 931 O  O   . HOH B 2 .   ? 16.709  -3.392  -5.153  1.00 34.05 ? 150 HOH A O   1 
HETATM 932 O  O   . HOH B 2 .   ? 9.489   -11.885 -1.444  1.00 33.83 ? 151 HOH A O   1 
HETATM 933 O  O   . HOH B 2 .   ? 30.316  14.320  2.528   1.00 49.66 ? 152 HOH A O   1 
HETATM 934 O  O   . HOH B 2 .   ? 2.616   11.070  0.604   1.00 38.10 ? 153 HOH A O   1 
HETATM 935 O  O   . HOH B 2 .   ? -22.366 0.528   10.651  1.00 39.21 ? 154 HOH A O   1 
HETATM 936 O  O   . HOH B 2 .   ? -22.023 -1.485  8.665   1.00 33.97 ? 155 HOH A O   1 
HETATM 937 O  O   . HOH B 2 .   ? 13.509  -7.775  -6.771  1.00 37.78 ? 156 HOH A O   1 
HETATM 938 O  O   . HOH B 2 .   ? 31.011  -13.943 3.824   1.00 41.27 ? 157 HOH A O   1 
HETATM 939 O  O   . HOH B 2 .   ? 40.274  1.853   7.769   1.00 49.71 ? 158 HOH A O   1 
HETATM 940 O  O   . HOH B 2 .   ? 23.318  13.913  5.848   1.00 42.35 ? 159 HOH A O   1 
HETATM 941 O  O   . HOH B 2 .   ? -6.835  -9.003  -6.750  1.00 32.70 ? 160 HOH A O   1 
HETATM 942 O  O   . HOH B 2 .   ? 8.025   -2.356  -3.867  1.00 41.71 ? 161 HOH A O   1 
HETATM 943 O  O   . HOH B 2 .   ? 26.595  -14.196 5.074   1.00 39.03 ? 162 HOH A O   1 
HETATM 944 O  O   . HOH B 2 .   ? 14.419  -13.669 -1.644  1.00 40.41 ? 163 HOH A O   1 
HETATM 945 O  O   . HOH B 2 .   ? 10.484  15.000  2.931   1.00 42.94 ? 164 HOH A O   1 
HETATM 946 O  O   . HOH B 2 .   ? -29.924 2.602   8.778   1.00 49.58 ? 165 HOH A O   1 
HETATM 947 O  O   . HOH B 2 .   ? -4.215  -10.869 -5.934  1.00 43.42 ? 166 HOH A O   1 
HETATM 948 O  O   . HOH B 2 .   ? 7.335   0.515   -3.993  1.00 44.05 ? 167 HOH A O   1 
HETATM 949 O  O   . HOH B 2 .   ? 33.588  -3.698  7.524   1.00 42.71 ? 168 HOH A O   1 
HETATM 950 O  O   . HOH B 2 .   ? 31.632  -4.096  10.598  1.00 43.09 ? 169 HOH A O   1 
HETATM 951 O  O   . HOH B 2 .   ? -31.722 9.130   4.012   1.00 35.05 ? 170 HOH A O   1 
HETATM 952 O  O   . HOH B 2 .   ? 25.026  -12.780 3.438   1.00 33.77 ? 171 HOH A O   1 
HETATM 953 O  O   . HOH B 2 .   ? 25.970  -7.870  9.876   1.00 43.89 ? 172 HOH A O   1 
HETATM 954 O  O   . HOH B 2 .   ? 10.168  -2.715  -5.353  1.00 45.77 ? 173 HOH A O   1 
HETATM 955 O  O   . HOH B 2 .   ? -41.912 -0.207  4.502   1.00 33.99 ? 174 HOH A O   1 
HETATM 956 O  O   . HOH B 2 .   ? 8.463   16.869  2.730   1.00 45.23 ? 175 HOH A O   1 
HETATM 957 O  O   . HOH B 2 .   ? 33.688  3.101   6.235   1.00 43.80 ? 176 HOH A O   1 
HETATM 958 O  O   . HOH B 2 .   ? 43.049  5.440   1.530   1.00 42.94 ? 177 HOH A O   1 
HETATM 959 O  O   . HOH B 2 .   ? -8.033  -10.565 -8.467  1.00 49.67 ? 178 HOH A O   1 
HETATM 960 O  O   . HOH B 2 .   ? -47.963 -1.835  1.556   1.00 37.44 ? 179 HOH A O   1 
HETATM 961 O  O   . HOH B 2 .   ? -35.533 2.424   9.574   1.00 59.23 ? 180 HOH A O   1 
HETATM 962 O  O   . HOH B 2 .   ? -24.447 -1.801  5.094   1.00 40.74 ? 181 HOH A O   1 
HETATM 963 O  O   . HOH B 2 .   ? -44.567 -6.269  -5.689  1.00 45.70 ? 182 HOH A O   1 
HETATM 964 O  O   . HOH B 2 .   ? 32.553  0.731   4.528   1.00 45.07 ? 183 HOH A O   1 
HETATM 965 O  O   . HOH B 2 .   ? -21.899 8.476   6.853   1.00 41.25 ? 184 HOH A O   1 
# 
loop_
_atom_site_anisotrop.id 
_atom_site_anisotrop.type_symbol 
_atom_site_anisotrop.pdbx_label_atom_id 
_atom_site_anisotrop.pdbx_label_alt_id 
_atom_site_anisotrop.pdbx_label_comp_id 
_atom_site_anisotrop.pdbx_label_asym_id 
_atom_site_anisotrop.pdbx_label_seq_id 
_atom_site_anisotrop.pdbx_PDB_ins_code 
_atom_site_anisotrop.U[1][1] 
_atom_site_anisotrop.U[2][2] 
_atom_site_anisotrop.U[3][3] 
_atom_site_anisotrop.U[1][2] 
_atom_site_anisotrop.U[1][3] 
_atom_site_anisotrop.U[2][3] 
_atom_site_anisotrop.pdbx_auth_seq_id 
_atom_site_anisotrop.pdbx_auth_comp_id 
_atom_site_anisotrop.pdbx_auth_asym_id 
_atom_site_anisotrop.pdbx_auth_atom_id 
1   N  N   . ALA A 1   ? 0.6642 0.8248 0.7612 0.0659  -0.1061 0.0691  6   ALA A N   
2   C  CA  . ALA A 1   ? 0.8441 1.0206 0.9561 0.0680  -0.1115 0.0892  6   ALA A CA  
3   C  C   . ALA A 1   ? 0.9257 1.0937 1.0412 0.0693  -0.1113 0.0985  6   ALA A C   
4   O  O   . ALA A 1   ? 0.9653 1.1103 1.0817 0.0720  -0.1068 0.0907  6   ALA A O   
5   C  CB  . ALA A 1   ? 0.8747 1.0494 1.0105 0.0760  -0.1124 0.0957  6   ALA A CB  
6   N  N   . ALA A 2   ? 0.9092 1.0973 1.0270 0.0670  -0.1161 0.1155  7   ALA A N   
7   C  CA  . ALA A 2   ? 0.8473 1.0303 0.9690 0.0678  -0.1160 0.1262  7   ALA A CA  
8   C  C   . ALA A 2   ? 0.8902 1.0602 1.0401 0.0771  -0.1147 0.1369  7   ALA A C   
9   O  O   . ALA A 2   ? 0.9532 1.1329 1.1177 0.0795  -0.1171 0.1559  7   ALA A O   
10  C  CB  . ALA A 2   ? 0.7863 0.9978 0.9010 0.0620  -0.1214 0.1414  7   ALA A CB  
11  N  N   . ILE A 3   ? 0.8879 1.0363 1.0462 0.0821  -0.1101 0.1244  8   ILE A N   
12  C  CA  . ILE A 3   ? 0.8344 0.9683 1.0206 0.0903  -0.1071 0.1304  8   ILE A CA  
13  C  C   . ILE A 3   ? 0.7626 0.8816 0.9538 0.0913  -0.1040 0.1335  8   ILE A C   
14  O  O   . ILE A 3   ? 0.7152 0.8317 0.9309 0.0964  -0.1028 0.1474  8   ILE A O   
15  C  CB  . ILE A 3   ? 0.7355 0.8511 0.9268 0.0940  -0.1023 0.1131  8   ILE A CB  
16  C  CG1 . ILE A 3   ? 0.6202 0.7430 0.7909 0.0896  -0.1034 0.0998  8   ILE A CG1 
17  C  CG2 . ILE A 3   ? 0.6464 0.7596 0.8687 0.1016  -0.1009 0.1218  8   ILE A CG2 
18  C  CD1 . ILE A 3   ? 0.5147 0.6192 0.6852 0.0922  -0.0984 0.0814  8   ILE A CD1 
19  N  N   . SER A 4   ? 0.6483 0.7576 0.8175 0.0863  -0.1022 0.1209  9   SER A N   
20  C  CA  . SER A 4   ? 0.5849 0.6778 0.7568 0.0868  -0.0987 0.1199  9   SER A CA  
21  C  C   . SER A 4   ? 0.5560 0.6516 0.7022 0.0796  -0.0996 0.1160  9   SER A C   
22  O  O   . SER A 4   ? 0.4615 0.5717 0.5878 0.0737  -0.1024 0.1133  9   SER A O   
23  C  CB  . SER A 4   ? 0.5603 0.6295 0.7382 0.0902  -0.0927 0.1030  9   SER A CB  
24  O  OG  . SER A 4   ? 0.5394 0.6036 0.6932 0.0859  -0.0915 0.0855  9   SER A OG  
25  N  N   . ASN A 5   ? 0.5694 0.6505 0.7175 0.0799  -0.0964 0.1150  10  ASN A N   
26  C  CA  . ASN A 5   ? 0.4460 0.5268 0.5729 0.0737  -0.0964 0.1118  10  ASN A CA  
27  C  C   . ASN A 5   ? 0.3669 0.4281 0.4824 0.0726  -0.0917 0.0924  10  ASN A C   
28  O  O   . ASN A 5   ? 0.3936 0.4472 0.4990 0.0696  -0.0898 0.0891  10  ASN A O   
29  C  CB  . ASN A 5   ? 0.6601 0.7411 0.7981 0.0747  -0.0966 0.1271  10  ASN A CB  
30  C  CG  . ASN A 5   ? 0.8442 0.9294 0.9607 0.0677  -0.0972 0.1267  10  ASN A CG  
31  O  OD1 . ASN A 5   ? 0.9535 1.0561 1.0520 0.0618  -0.1003 0.1273  10  ASN A OD1 
32  N  ND2 . ASN A 5   ? 0.7881 0.8579 0.9070 0.0682  -0.0940 0.1249  10  ASN A ND2 
33  N  N   . LEU A 6   ? 0.2972 0.3512 0.4153 0.0753  -0.0895 0.0804  11  LEU A N   
34  C  CA  . LEU A 6   ? 0.3066 0.3451 0.4142 0.0746  -0.0852 0.0627  11  LEU A CA  
35  C  C   . LEU A 6   ? 0.3010 0.3426 0.3833 0.0678  -0.0848 0.0558  11  LEU A C   
36  O  O   . LEU A 6   ? 0.3058 0.3364 0.3805 0.0662  -0.0818 0.0489  11  LEU A O   
37  C  CB  . LEU A 6   ? 0.3209 0.3561 0.4328 0.0777  -0.0835 0.0522  11  LEU A CB  
38  C  CG  . LEU A 6   ? 0.3873 0.4081 0.4914 0.0778  -0.0789 0.0353  11  LEU A CG  
39  C  CD1 . LEU A 6   ? 0.3043 0.3122 0.4158 0.0787  -0.0761 0.0342  11  LEU A CD1 
40  C  CD2 . LEU A 6   ? 0.4587 0.4760 0.5718 0.0818  -0.0769 0.0265  11  LEU A CD2 
41  N  N   . ILE A 7   ? 0.1801 0.2376 0.2505 0.0638  -0.0873 0.0572  12  ILE A N   
42  C  CA  . ILE A 7   ? 0.2257 0.2862 0.2742 0.0570  -0.0855 0.0490  12  ILE A CA  
43  C  C   . ILE A 7   ? 0.1807 0.2411 0.2210 0.0526  -0.0853 0.0542  12  ILE A C   
44  O  O   . ILE A 7   ? 0.2409 0.2921 0.2699 0.0500  -0.0817 0.0454  12  ILE A O   
45  C  CB  . ILE A 7   ? 0.2279 0.3066 0.2667 0.0525  -0.0874 0.0480  12  ILE A CB  
46  C  CG1 . ILE A 7   ? 0.2010 0.2774 0.2447 0.0561  -0.0861 0.0393  12  ILE A CG1 
47  C  CG2 . ILE A 7   ? 0.2619 0.3441 0.2808 0.0448  -0.0844 0.0401  12  ILE A CG2 
48  C  CD1 . ILE A 7   ? 0.2096 0.2697 0.2472 0.0573  -0.0805 0.0243  12  ILE A CD1 
49  N  N   . PRO A 8   ? 0.3164 0.3878 0.3627 0.0521  -0.0892 0.0692  13  PRO A N   
50  C  CA  . PRO A 8   ? 0.2166 0.2875 0.2557 0.0482  -0.0888 0.0744  13  PRO A CA  
51  C  C   . PRO A 8   ? 0.2457 0.2959 0.2911 0.0514  -0.0854 0.0703  13  PRO A C   
52  O  O   . PRO A 8   ? 0.2153 0.2597 0.2491 0.0476  -0.0830 0.0659  13  PRO A O   
53  C  CB  . PRO A 8   ? 0.2579 0.3447 0.3075 0.0488  -0.0936 0.0933  13  PRO A CB  
54  C  CG  . PRO A 8   ? 0.2971 0.4012 0.3481 0.0487  -0.0970 0.0955  13  PRO A CG  
55  C  CD  . PRO A 8   ? 0.3332 0.4227 0.3896 0.0534  -0.0941 0.0824  13  PRO A CD  
56  N  N   . LYS A 9   ? 0.2929 0.3327 0.3572 0.0582  -0.0848 0.0713  14  LYS A N   
57  C  CA  . LYS A 9   ? 0.2951 0.3172 0.3669 0.0607  -0.0814 0.0665  14  LYS A CA  
58  C  C   . LYS A 9   ? 0.2804 0.2924 0.3382 0.0589  -0.0775 0.0499  14  LYS A C   
59  O  O   . LYS A 9   ? 0.2477 0.2508 0.3000 0.0571  -0.0751 0.0461  14  LYS A O   
60  C  CB  . LYS A 9   ? 0.2603 0.2747 0.3570 0.0676  -0.0806 0.0695  14  LYS A CB  
61  C  CG  . LYS A 9   ? 0.3367 0.3344 0.4441 0.0698  -0.0765 0.0641  14  LYS A CG  
62  C  CD  . LYS A 9   ? 0.3716 0.3676 0.4770 0.0671  -0.0765 0.0725  14  LYS A CD  
63  C  CE  . LYS A 9   ? 0.3724 0.3755 0.4961 0.0698  -0.0784 0.0911  14  LYS A CE  
64  N  NZ  . LYS A 9   ? 0.3256 0.3242 0.4502 0.0679  -0.0772 0.0980  14  LYS A NZ  
65  N  N   . LEU A 10  ? 0.2320 0.2463 0.2846 0.0593  -0.0769 0.0409  15  LEU A N   
66  C  CA  . LEU A 10  ? 0.2775 0.2849 0.3172 0.0577  -0.0729 0.0271  15  LEU A CA  
67  C  C   . LEU A 10  ? 0.2155 0.2275 0.2371 0.0511  -0.0717 0.0263  15  LEU A C   
68  O  O   . LEU A 10  ? 0.2438 0.2478 0.2576 0.0495  -0.0681 0.0193  15  LEU A O   
69  C  CB  . LEU A 10  ? 0.2265 0.2367 0.2652 0.0595  -0.0721 0.0189  15  LEU A CB  
70  C  CG  . LEU A 10  ? 0.3151 0.3202 0.3710 0.0656  -0.0722 0.0168  15  LEU A CG  
71  C  CD1 . LEU A 10  ? 0.3367 0.3470 0.3899 0.0668  -0.0717 0.0101  15  LEU A CD1 
72  C  CD2 . LEU A 10  ? 0.2472 0.2390 0.3088 0.0679  -0.0688 0.0088  15  LEU A CD2 
73  N  N   . GLY A 11  ? 0.2647 0.2907 0.2803 0.0471  -0.0743 0.0335  16  GLY A N   
74  C  CA  . GLY A 11  ? 0.2691 0.3011 0.2692 0.0400  -0.0727 0.0332  16  GLY A CA  
75  C  C   . GLY A 11  ? 0.2792 0.3029 0.2790 0.0390  -0.0718 0.0373  16  GLY A C   
76  O  O   . GLY A 11  ? 0.2351 0.2537 0.2245 0.0354  -0.0680 0.0312  16  GLY A O   
77  N  N   . GLU A 12  ? 0.2568 0.2790 0.2697 0.0424  -0.0748 0.0478  17  GLU A N   
78  C  CA  . GLU A 12  ? 0.2555 0.2692 0.2711 0.0421  -0.0739 0.0521  17  GLU A CA  
79  C  C   . GLU A 12  ? 0.3187 0.3163 0.3344 0.0440  -0.0699 0.0408  17  GLU A C   
80  O  O   . GLU A 12  ? 0.2633 0.2556 0.2710 0.0409  -0.0673 0.0382  17  GLU A O   
81  C  CB  . GLU A 12  ? 0.2806 0.2952 0.3144 0.0463  -0.0769 0.0655  17  GLU A CB  
82  C  CG  . GLU A 12  ? 0.4125 0.4186 0.4512 0.0460  -0.0758 0.0710  17  GLU A CG  
83  C  CD  . GLU A 12  ? 0.4670 0.4746 0.5262 0.0505  -0.0778 0.0856  17  GLU A CD  
84  O  OE1 . GLU A 12  ? 0.3563 0.3647 0.4308 0.0554  -0.0788 0.0877  17  GLU A OE1 
85  O  OE2 . GLU A 12  ? 0.4667 0.4755 0.5282 0.0490  -0.0779 0.0955  17  GLU A OE2 
86  N  N   . LEU A 13  ? 0.3059 0.2974 0.3307 0.0489  -0.0692 0.0340  18  LEU A N   
87  C  CA  . LEU A 13  ? 0.3173 0.2973 0.3414 0.0503  -0.0657 0.0230  18  LEU A CA  
88  C  C   . LEU A 13  ? 0.2717 0.2526 0.2790 0.0462  -0.0622 0.0152  18  LEU A C   
89  O  O   . LEU A 13  ? 0.2546 0.2291 0.2576 0.0448  -0.0595 0.0116  18  LEU A O   
90  C  CB  . LEU A 13  ? 0.2767 0.2530 0.3124 0.0554  -0.0653 0.0164  18  LEU A CB  
91  C  CG  . LEU A 13  ? 0.3063 0.2756 0.3395 0.0564  -0.0617 0.0042  18  LEU A CG  
92  C  CD1 . LEU A 13  ? 0.2742 0.2351 0.3121 0.0560  -0.0603 0.0032  18  LEU A CD1 
93  C  CD2 . LEU A 13  ? 0.3449 0.3137 0.3880 0.0608  -0.0613 -0.0026 18  LEU A CD2 
94  N  N   . LEU A 14  ? 0.2124 0.2016 0.2116 0.0444  -0.0619 0.0127  19  LEU A N   
95  C  CA  . LEU A 14  ? 0.2929 0.2831 0.2791 0.0407  -0.0573 0.0055  19  LEU A CA  
96  C  C   . LEU A 14  ? 0.2500 0.2408 0.2270 0.0350  -0.0555 0.0087  19  LEU A C   
97  O  O   . LEU A 14  ? 0.2629 0.2484 0.2342 0.0332  -0.0512 0.0040  19  LEU A O   
98  C  CB  . LEU A 14  ? 0.2476 0.2474 0.2291 0.0393  -0.0569 0.0026  19  LEU A CB  
99  C  CG  . LEU A 14  ? 0.2790 0.2808 0.2497 0.0352  -0.0511 -0.0044 19  LEU A CG  
100 C  CD1 . LEU A 14  ? 0.3072 0.2998 0.2782 0.0379  -0.0467 -0.0108 19  LEU A CD1 
101 C  CD2 . LEU A 14  ? 0.2744 0.2849 0.2440 0.0346  -0.0504 -0.0081 19  LEU A CD2 
102 N  N   . THR A 15  ? 0.2642 0.2624 0.2404 0.0321  -0.0586 0.0173  20  THR A N   
103 C  CA  . THR A 15  ? 0.2592 0.2592 0.2276 0.0265  -0.0574 0.0214  20  THR A CA  
104 C  C   . THR A 15  ? 0.2763 0.2640 0.2481 0.0280  -0.0560 0.0217  20  THR A C   
105 O  O   . THR A 15  ? 0.2604 0.2447 0.2244 0.0243  -0.0520 0.0186  20  THR A O   
106 C  CB  . THR A 15  ? 0.3212 0.3331 0.2908 0.0242  -0.0619 0.0328  20  THR A CB  
107 O  OG1 . THR A 15  ? 0.3288 0.3545 0.2931 0.0213  -0.0626 0.0314  20  THR A OG1 
108 C  CG2 . THR A 15  ? 0.3666 0.3805 0.3290 0.0187  -0.0607 0.0376  20  THR A CG2 
109 N  N   . GLU A 16  ? 0.2642 0.2453 0.2485 0.0331  -0.0587 0.0251  21  GLU A N   
110 C  CA  . GLU A 16  ? 0.2314 0.2016 0.2196 0.0340  -0.0572 0.0242  21  GLU A CA  
111 C  C   . GLU A 16  ? 0.2817 0.2456 0.2667 0.0350  -0.0533 0.0137  21  GLU A C   
112 O  O   . GLU A 16  ? 0.2910 0.2495 0.2733 0.0334  -0.0508 0.0122  21  GLU A O   
113 C  CB  . GLU A 16  ? 0.3514 0.3164 0.3561 0.0385  -0.0600 0.0295  21  GLU A CB  
114 C  CG  . GLU A 16  ? 0.4448 0.4168 0.4542 0.0377  -0.0634 0.0428  21  GLU A CG  
115 C  CD  . GLU A 16  ? 0.5329 0.5091 0.5310 0.0319  -0.0625 0.0483  21  GLU A CD  
116 O  OE1 . GLU A 16  ? 0.4770 0.4659 0.4686 0.0284  -0.0645 0.0550  21  GLU A OE1 
117 O  OE2 . GLU A 16  ? 0.5415 0.5094 0.5370 0.0303  -0.0599 0.0455  21  GLU A OE2 
118 N  N   . GLU A 17  ? 0.3505 0.3165 0.3361 0.0377  -0.0528 0.0073  22  GLU A N   
119 C  CA  . GLU A 17  ? 0.2467 0.2101 0.2287 0.0386  -0.0488 -0.0012 22  GLU A CA  
120 C  C   . GLU A 17  ? 0.2047 0.1698 0.1753 0.0339  -0.0441 -0.0023 22  GLU A C   
121 O  O   . GLU A 17  ? 0.2063 0.1675 0.1750 0.0333  -0.0408 -0.0049 22  GLU A O   
122 C  CB  . GLU A 17  ? 0.1873 0.1538 0.1724 0.0424  -0.0488 -0.0070 22  GLU A CB  
123 C  CG  . GLU A 17  ? 0.2989 0.2619 0.2970 0.0472  -0.0517 -0.0088 22  GLU A CG  
124 C  CD  . GLU A 17  ? 0.3210 0.2873 0.3221 0.0508  -0.0514 -0.0152 22  GLU A CD  
125 O  OE1 . GLU A 17  ? 0.4416 0.4126 0.4350 0.0501  -0.0492 -0.0176 22  GLU A OE1 
126 O  OE2 . GLU A 17  ? 0.4182 0.3824 0.4306 0.0542  -0.0528 -0.0181 22  GLU A OE2 
127 N  N   . PHE A 18  ? 0.2135 0.1854 0.1776 0.0301  -0.0432 -0.0007 23  PHE A N   
128 C  CA  . PHE A 18  ? 0.1870 0.1609 0.1423 0.0246  -0.0378 -0.0024 23  PHE A CA  
129 C  C   . PHE A 18  ? 0.2834 0.2520 0.2370 0.0219  -0.0370 0.0014  23  PHE A C   
130 O  O   . PHE A 18  ? 0.2796 0.2446 0.2309 0.0204  -0.0321 -0.0011 23  PHE A O   
131 C  CB  . PHE A 18  ? 0.1985 0.1821 0.1478 0.0196  -0.0373 -0.0015 23  PHE A CB  
132 C  CG  . PHE A 18  ? 0.3800 0.3692 0.3290 0.0204  -0.0353 -0.0071 23  PHE A CG  
133 C  CD1 . PHE A 18  ? 0.4168 0.4144 0.3669 0.0206  -0.0395 -0.0052 23  PHE A CD1 
134 C  CD2 . PHE A 18  ? 0.4132 0.4001 0.3617 0.0208  -0.0288 -0.0134 23  PHE A CD2 
135 C  CE1 . PHE A 18  ? 0.4426 0.4454 0.3928 0.0212  -0.0375 -0.0108 23  PHE A CE1 
136 C  CE2 . PHE A 18  ? 0.3989 0.3908 0.3482 0.0216  -0.0263 -0.0183 23  PHE A CE2 
137 C  CZ  . PHE A 18  ? 0.3596 0.3592 0.3095 0.0216  -0.0307 -0.0175 23  PHE A CZ  
138 N  N   . LYS A 19  ? 0.3034 0.2724 0.2594 0.0213  -0.0415 0.0084  24  LYS A N   
139 C  CA  . LYS A 19  ? 0.3073 0.2717 0.2619 0.0186  -0.0407 0.0126  24  LYS A CA  
140 C  C   . LYS A 19  ? 0.3077 0.2628 0.2678 0.0218  -0.0397 0.0098  24  LYS A C   
141 O  O   . LYS A 19  ? 0.3063 0.2577 0.2631 0.0192  -0.0360 0.0093  24  LYS A O   
142 C  CB  . LYS A 19  ? 0.3222 0.2896 0.2806 0.0182  -0.0459 0.0219  24  LYS A CB  
143 C  CG  . LYS A 19  ? 0.3356 0.3158 0.2869 0.0134  -0.0469 0.0259  24  LYS A CG  
144 C  CD  . LYS A 19  ? 0.3621 0.3468 0.3183 0.0137  -0.0519 0.0374  24  LYS A CD  
145 C  CE  . LYS A 19  ? 0.4213 0.4225 0.3709 0.0090  -0.0538 0.0422  24  LYS A CE  
146 N  NZ  . LYS A 19  ? 0.4872 0.4948 0.4448 0.0110  -0.0593 0.0554  24  LYS A NZ  
147 N  N   . LEU A 20  ? 0.2382 0.1905 0.2069 0.0272  -0.0426 0.0076  25  LEU A N   
148 C  CA  . LEU A 20  ? 0.2758 0.2223 0.2503 0.0299  -0.0420 0.0036  25  LEU A CA  
149 C  C   . LEU A 20  ? 0.2940 0.2418 0.2631 0.0294  -0.0369 -0.0017 25  LEU A C   
150 O  O   . LEU A 20  ? 0.2819 0.2267 0.2514 0.0286  -0.0348 -0.0024 25  LEU A O   
151 C  CB  . LEU A 20  ? 0.2561 0.2021 0.2409 0.0350  -0.0451 0.0003  25  LEU A CB  
152 C  CG  . LEU A 20  ? 0.4267 0.3680 0.4218 0.0375  -0.0459 -0.0036 25  LEU A CG  
153 C  CD1 . LEU A 20  ? 0.3047 0.2496 0.3035 0.0411  -0.0457 -0.0117 25  LEU A CD1 
154 C  CD2 . LEU A 20  ? 0.3103 0.2482 0.3033 0.0351  -0.0437 -0.0038 25  LEU A CD2 
155 N  N   . HIS A 21  ? 0.2260 0.1790 0.1917 0.0299  -0.0350 -0.0048 26  HIS A N   
156 C  CA  . HIS A 21  ? 0.2435 0.1989 0.2061 0.0299  -0.0293 -0.0083 26  HIS A CA  
157 C  C   . HIS A 21  ? 0.3147 0.2680 0.2725 0.0251  -0.0243 -0.0059 26  HIS A C   
158 O  O   . HIS A 21  ? 0.2647 0.2169 0.2235 0.0252  -0.0207 -0.0062 26  HIS A O   
159 C  CB  . HIS A 21  ? 0.3391 0.3000 0.2996 0.0305  -0.0275 -0.0111 26  HIS A CB  
160 C  CG  . HIS A 21  ? 0.5034 0.4672 0.4629 0.0307  -0.0208 -0.0136 26  HIS A CG  
161 N  ND1 . HIS A 21  ? 0.5568 0.5232 0.5200 0.0349  -0.0197 -0.0157 26  HIS A ND1 
162 C  CD2 . HIS A 21  ? 0.5309 0.4964 0.4874 0.0272  -0.0141 -0.0140 26  HIS A CD2 
163 C  CE1 . HIS A 21  ? 0.4695 0.4390 0.4327 0.0346  -0.0129 -0.0157 26  HIS A CE1 
164 N  NE2 . HIS A 21  ? 0.5128 0.4809 0.4727 0.0298  -0.0089 -0.0153 26  HIS A NE2 
165 N  N   . LYS A 22  ? 0.2556 0.2096 0.2085 0.0204  -0.0240 -0.0033 27  LYS A N   
166 C  CA  . LYS A 22  ? 0.3102 0.2628 0.2587 0.0150  -0.0184 -0.0019 27  LYS A CA  
167 C  C   . LYS A 22  ? 0.2516 0.1980 0.2021 0.0147  -0.0196 0.0015  27  LYS A C   
168 O  O   . LYS A 22  ? 0.2734 0.2174 0.2235 0.0126  -0.0144 0.0015  27  LYS A O   
169 C  CB  . LYS A 22  ? 0.4397 0.3971 0.3821 0.0095  -0.0181 -0.0007 27  LYS A CB  
170 C  CG  . LYS A 22  ? 0.5893 0.5466 0.5270 0.0028  -0.0118 -0.0007 27  LYS A CG  
171 C  CD  . LYS A 22  ? 0.6721 0.6381 0.6033 -0.0034 -0.0114 -0.0011 27  LYS A CD  
172 C  CE  . LYS A 22  ? 0.7205 0.6881 0.6475 -0.0111 -0.0030 -0.0041 27  LYS A CE  
173 N  NZ  . LYS A 22  ? 0.7147 0.6940 0.6353 -0.0178 -0.0021 -0.0065 27  LYS A NZ  
174 N  N   . GLY A 23  ? 0.3019 0.2457 0.2560 0.0167  -0.0258 0.0043  28  GLY A N   
175 C  CA  . GLY A 23  ? 0.3394 0.2773 0.2968 0.0165  -0.0270 0.0071  28  GLY A CA  
176 C  C   . GLY A 23  ? 0.3296 0.2661 0.2919 0.0196  -0.0258 0.0036  28  GLY A C   
177 O  O   . GLY A 23  ? 0.3082 0.2417 0.2710 0.0180  -0.0232 0.0048  28  GLY A O   
178 N  N   . VAL A 24  ? 0.2630 0.2030 0.2291 0.0240  -0.0276 -0.0006 29  VAL A N   
179 C  CA  . VAL A 24  ? 0.2521 0.1946 0.2222 0.0266  -0.0265 -0.0039 29  VAL A CA  
180 C  C   . VAL A 24  ? 0.2562 0.2017 0.2232 0.0252  -0.0201 -0.0030 29  VAL A C   
181 O  O   . VAL A 24  ? 0.2727 0.2195 0.2424 0.0254  -0.0184 -0.0025 29  VAL A O   
182 C  CB  . VAL A 24  ? 0.2485 0.1964 0.2224 0.0310  -0.0292 -0.0091 29  VAL A CB  
183 C  CG1 . VAL A 24  ? 0.3281 0.2818 0.3054 0.0329  -0.0283 -0.0123 29  VAL A CG1 
184 C  CG2 . VAL A 24  ? 0.3375 0.2821 0.3175 0.0326  -0.0345 -0.0101 29  VAL A CG2 
185 N  N   . LYS A 25  ? 0.3195 0.2668 0.2826 0.0238  -0.0161 -0.0028 30  LYS A N   
186 C  CA  . LYS A 25  ? 0.3295 0.2786 0.2923 0.0221  -0.0083 -0.0014 30  LYS A CA  
187 C  C   . LYS A 25  ? 0.3562 0.3002 0.3186 0.0181  -0.0054 0.0018  30  LYS A C   
188 O  O   . LYS A 25  ? 0.3087 0.2541 0.2747 0.0184  -0.0010 0.0038  30  LYS A O   
189 C  CB  . LYS A 25  ? 0.3194 0.2704 0.2792 0.0200  -0.0037 -0.0028 30  LYS A CB  
190 C  CG  . LYS A 25  ? 0.3752 0.3269 0.3375 0.0176  0.0059  -0.0018 30  LYS A CG  
191 C  CD  . LYS A 25  ? 0.5297 0.4841 0.4909 0.0156  0.0109  -0.0050 30  LYS A CD  
192 C  CE  . LYS A 25  ? 0.5684 0.5229 0.5350 0.0128  0.0223  -0.0046 30  LYS A CE  
193 N  NZ  . LYS A 25  ? 0.5745 0.5242 0.5391 0.0065  0.0262  -0.0041 30  LYS A NZ  
194 N  N   . LYS A 26  ? 0.2994 0.2385 0.2577 0.0144  -0.0076 0.0033  31  LYS A N   
195 C  CA  . LYS A 26  ? 0.3639 0.2980 0.3216 0.0105  -0.0050 0.0063  31  LYS A CA  
196 C  C   . LYS A 26  ? 0.3204 0.2527 0.2832 0.0129  -0.0081 0.0074  31  LYS A C   
197 O  O   . LYS A 26  ? 0.3386 0.2699 0.3038 0.0115  -0.0039 0.0094  31  LYS A O   
198 C  CB  . LYS A 26  ? 0.3930 0.3243 0.3454 0.0060  -0.0072 0.0084  31  LYS A CB  
199 C  CG  . LYS A 26  ? 0.4957 0.4219 0.4473 0.0020  -0.0047 0.0116  31  LYS A CG  
200 C  CD  . LYS A 26  ? 0.5655 0.4916 0.5106 -0.0032 -0.0053 0.0140  31  LYS A CD  
201 C  CE  . LYS A 26  ? 0.6186 0.5395 0.5639 -0.0066 -0.0036 0.0176  31  LYS A CE  
202 N  NZ  . LYS A 26  ? 0.5173 0.4356 0.4661 -0.0074 0.0033  0.0164  31  LYS A NZ  
203 N  N   . ASN A 27  ? 0.2957 0.2281 0.2615 0.0161  -0.0147 0.0058  32  ASN A N   
204 C  CA  . ASN A 27  ? 0.3512 0.2836 0.3229 0.0180  -0.0174 0.0048  32  ASN A CA  
205 C  C   . ASN A 27  ? 0.3413 0.2811 0.3159 0.0200  -0.0142 0.0041  32  ASN A C   
206 O  O   . ASN A 27  ? 0.2678 0.2081 0.2455 0.0189  -0.0125 0.0058  32  ASN A O   
207 C  CB  . ASN A 27  ? 0.2815 0.2142 0.2578 0.0211  -0.0238 0.0013  32  ASN A CB  
208 C  CG  . ASN A 27  ? 0.4300 0.3559 0.4070 0.0196  -0.0270 0.0042  32  ASN A CG  
209 O  OD1 . ASN A 27  ? 0.4557 0.3770 0.4295 0.0160  -0.0252 0.0087  32  ASN A OD1 
210 N  ND2 . ASN A 27  ? 0.4096 0.3354 0.3916 0.0223  -0.0313 0.0021  32  ASN A ND2 
211 N  N   . ILE A 28  ? 0.2606 0.2076 0.2350 0.0228  -0.0131 0.0023  33  ILE A N   
212 C  CA  . ILE A 28  ? 0.2089 0.1654 0.1867 0.0252  -0.0096 0.0033  33  ILE A CA  
213 C  C   . ILE A 28  ? 0.3085 0.2641 0.2879 0.0229  -0.0023 0.0087  33  ILE A C   
214 O  O   . ILE A 28  ? 0.2909 0.2524 0.2750 0.0236  -0.0008 0.0114  33  ILE A O   
215 C  CB  . ILE A 28  ? 0.2136 0.1769 0.1907 0.0283  -0.0084 0.0017  33  ILE A CB  
216 C  CG1 . ILE A 28  ? 0.2821 0.2498 0.2601 0.0314  -0.0148 -0.0038 33  ILE A CG1 
217 C  CG2 . ILE A 28  ? 0.2360 0.2089 0.2174 0.0302  -0.0024 0.0059  33  ILE A CG2 
218 C  CD1 . ILE A 28  ? 0.2447 0.2161 0.2209 0.0339  -0.0145 -0.0060 33  ILE A CD1 
219 N  N   . GLU A 29  ? 0.2872 0.2365 0.2636 0.0196  0.0028  0.0100  34  GLU A N   
220 C  CA  . GLU A 29  ? 0.2982 0.2453 0.2777 0.0168  0.0109  0.0142  34  GLU A CA  
221 C  C   . GLU A 29  ? 0.2907 0.2328 0.2712 0.0142  0.0100  0.0164  34  GLU A C   
222 O  O   . GLU A 29  ? 0.3091 0.2539 0.2953 0.0142  0.0144  0.0204  34  GLU A O   
223 C  CB  . GLU A 29  ? 0.3702 0.3123 0.3464 0.0127  0.0168  0.0130  34  GLU A CB  
224 C  CG  . GLU A 29  ? 0.4653 0.4126 0.4431 0.0148  0.0205  0.0113  34  GLU A CG  
225 C  CD  . GLU A 29  ? 0.6449 0.6002 0.6320 0.0187  0.0262  0.0156  34  GLU A CD  
226 O  OE1 . GLU A 29  ? 0.7437 0.6978 0.7374 0.0170  0.0343  0.0197  34  GLU A OE1 
227 O  OE2 . GLU A 29  ? 0.5678 0.5310 0.5561 0.0236  0.0229  0.0156  34  GLU A OE2 
228 N  N   . ASP A 30  ? 0.2926 0.2281 0.2686 0.0122  0.0044  0.0145  35  ASP A N   
229 C  CA  . ASP A 30  ? 0.3342 0.2641 0.3113 0.0096  0.0035  0.0165  35  ASP A CA  
230 C  C   . ASP A 30  ? 0.3402 0.2766 0.3236 0.0126  0.0002  0.0165  35  ASP A C   
231 O  O   . ASP A 30  ? 0.3289 0.2656 0.3163 0.0114  0.0028  0.0194  35  ASP A O   
232 C  CB  . ASP A 30  ? 0.3398 0.2626 0.3126 0.0077  -0.0019 0.0154  35  ASP A CB  
233 C  CG  . ASP A 30  ? 0.3612 0.2801 0.3274 0.0033  0.0013  0.0162  35  ASP A CG  
234 O  OD1 . ASP A 30  ? 0.4283 0.3476 0.3940 0.0006  0.0088  0.0167  35  ASP A OD1 
235 O  OD2 . ASP A 30  ? 0.3845 0.3009 0.3470 0.0024  -0.0033 0.0164  35  ASP A OD2 
236 N  N   . LEU A 31  ? 0.3103 0.2529 0.2945 0.0162  -0.0054 0.0125  36  LEU A N   
237 C  CA  . LEU A 31  ? 0.3346 0.2854 0.3242 0.0180  -0.0090 0.0105  36  LEU A CA  
238 C  C   . LEU A 31  ? 0.3291 0.2922 0.3231 0.0199  -0.0049 0.0144  36  LEU A C   
239 O  O   . LEU A 31  ? 0.2617 0.2316 0.2604 0.0197  -0.0056 0.0155  36  LEU A O   
240 C  CB  . LEU A 31  ? 0.3008 0.2560 0.2910 0.0206  -0.0150 0.0040  36  LEU A CB  
241 C  CG  . LEU A 31  ? 0.3321 0.2974 0.3280 0.0215  -0.0187 -0.0006 36  LEU A CG  
242 C  CD1 . LEU A 31  ? 0.4184 0.3770 0.4183 0.0185  -0.0198 -0.0009 36  LEU A CD1 
243 C  CD2 . LEU A 31  ? 0.3129 0.2817 0.3100 0.0236  -0.0234 -0.0080 36  LEU A CD2 
244 N  N   . GLY A 32  ? 0.2836 0.2506 0.2769 0.0217  -0.0004 0.0170  37  GLY A N   
245 C  CA  . GLY A 32  ? 0.2546 0.2337 0.2537 0.0240  0.0044  0.0227  37  GLY A CA  
246 C  C   . GLY A 32  ? 0.3177 0.2934 0.3218 0.0215  0.0102  0.0288  37  GLY A C   
247 O  O   . GLY A 32  ? 0.2343 0.2211 0.2450 0.0229  0.0115  0.0336  37  GLY A O   
248 N  N   . LYS A 33  ? 0.2437 0.2054 0.2450 0.0178  0.0137  0.0288  38  LYS A N   
249 C  CA  . LYS A 33  ? 0.2294 0.1861 0.2352 0.0148  0.0197  0.0337  38  LYS A CA  
250 C  C   . LYS A 33  ? 0.1819 0.1384 0.1890 0.0135  0.0147  0.0332  38  LYS A C   
251 O  O   . LYS A 33  ? 0.2928 0.2543 0.3069 0.0134  0.0177  0.0381  38  LYS A O   
252 C  CB  . LYS A 33  ? 0.2527 0.1956 0.2539 0.0101  0.0244  0.0322  38  LYS A CB  
253 C  CG  . LYS A 33  ? 0.4152 0.3577 0.4167 0.0098  0.0314  0.0318  38  LYS A CG  
254 C  CD  . LYS A 33  ? 0.4754 0.4065 0.4711 0.0039  0.0351  0.0288  38  LYS A CD  
255 C  CE  . LYS A 33  ? 0.4989 0.4299 0.4936 0.0025  0.0408  0.0258  38  LYS A CE  
256 N  NZ  . LYS A 33  ? 0.4888 0.4123 0.4750 -0.0036 0.0413  0.0214  38  LYS A NZ  
257 N  N   . GLU A 34  ? 0.2371 0.1881 0.2389 0.0126  0.0076  0.0273  39  GLU A N   
258 C  CA  . GLU A 34  ? 0.2792 0.2285 0.2834 0.0110  0.0035  0.0259  39  GLU A CA  
259 C  C   . GLU A 34  ? 0.3138 0.2792 0.3238 0.0134  0.0008  0.0258  39  GLU A C   
260 O  O   . GLU A 34  ? 0.2651 0.2344 0.2806 0.0122  0.0013  0.0283  39  GLU A O   
261 C  CB  . GLU A 34  ? 0.4096 0.3513 0.4099 0.0102  -0.0030 0.0199  39  GLU A CB  
262 C  CG  . GLU A 34  ? 0.5922 0.5199 0.5868 0.0070  -0.0013 0.0210  39  GLU A CG  
263 C  CD  . GLU A 34  ? 0.6429 0.5654 0.6356 0.0073  -0.0076 0.0168  39  GLU A CD  
264 O  OE1 . GLU A 34  ? 0.7400 0.6616 0.7283 0.0084  -0.0088 0.0154  39  GLU A OE1 
265 O  OE2 . GLU A 34  ? 0.4801 0.3997 0.4774 0.0066  -0.0107 0.0151  39  GLU A OE2 
266 N  N   . LEU A 35  ? 0.2301 0.2062 0.2392 0.0166  -0.0023 0.0228  40  LEU A N   
267 C  CA  . LEU A 35  ? 0.2859 0.2811 0.2995 0.0186  -0.0053 0.0220  40  LEU A CA  
268 C  C   . LEU A 35  ? 0.3404 0.3469 0.3607 0.0197  0.0003  0.0316  40  LEU A C   
269 O  O   . LEU A 35  ? 0.2573 0.2766 0.2829 0.0194  -0.0012 0.0333  40  LEU A O   
270 C  CB  . LEU A 35  ? 0.3876 0.3923 0.3984 0.0216  -0.0084 0.0176  40  LEU A CB  
271 C  CG  . LEU A 35  ? 0.4272 0.4531 0.4410 0.0229  -0.0127 0.0139  40  LEU A CG  
272 C  CD1 . LEU A 35  ? 0.3645 0.3914 0.3813 0.0197  -0.0173 0.0067  40  LEU A CD1 
273 C  CD2 . LEU A 35  ? 0.2713 0.3019 0.2812 0.0254  -0.0154 0.0083  40  LEU A CD2 
274 N  N   . GLU A 36  ? 0.3086 0.3111 0.3297 0.0210  0.0072  0.0379  41  GLU A N   
275 C  CA  . GLU A 36  ? 0.3016 0.3138 0.3319 0.0225  0.0141  0.0484  41  GLU A CA  
276 C  C   . GLU A 36  ? 0.2471 0.2529 0.2823 0.0194  0.0169  0.0520  41  GLU A C   
277 O  O   . GLU A 36  ? 0.2361 0.2551 0.2795 0.0204  0.0184  0.0588  41  GLU A O   
278 C  CB  . GLU A 36  ? 0.4542 0.4621 0.4870 0.0242  0.0223  0.0535  41  GLU A CB  
279 C  CG  . GLU A 36  ? 0.5766 0.5978 0.6087 0.0285  0.0209  0.0536  41  GLU A CG  
280 C  CD  . GLU A 36  ? 0.8121 0.8279 0.8473 0.0299  0.0294  0.0574  41  GLU A CD  
281 O  OE1 . GLU A 36  ? 0.8949 0.8986 0.9344 0.0273  0.0373  0.0602  41  GLU A OE1 
282 O  OE2 . GLU A 36  ? 0.8546 0.8785 0.8887 0.0331  0.0287  0.0569  41  GLU A OE2 
283 N  N   . SER A 37  ? 0.2339 0.2208 0.2645 0.0156  0.0175  0.0481  42  SER A N   
284 C  CA  A SER A 37  ? 0.2071 0.1869 0.2419 0.0124  0.0203  0.0512  42  SER A CA  
285 C  CA  B SER A 37  ? 0.2055 0.1854 0.2403 0.0124  0.0204  0.0512  42  SER A CA  
286 C  C   . SER A 37  ? 0.2305 0.2193 0.2674 0.0117  0.0135  0.0483  42  SER A C   
287 O  O   . SER A 37  ? 0.2803 0.2757 0.3247 0.0112  0.0157  0.0537  42  SER A O   
288 C  CB  A SER A 37  ? 0.2819 0.2412 0.3101 0.0082  0.0222  0.0474  42  SER A CB  
289 C  CB  B SER A 37  ? 0.2818 0.2412 0.3101 0.0082  0.0223  0.0475  42  SER A CB  
290 O  OG  A SER A 37  ? 0.3074 0.2599 0.3351 0.0076  0.0300  0.0495  42  SER A OG  
291 O  OG  B SER A 37  ? 0.3354 0.2884 0.3677 0.0051  0.0248  0.0500  42  SER A OG  
292 N  N   . MSE A 38  ? 0.2226 0.2117 0.2538 0.0116  0.0060  0.0395  43  MSE A N   
293 C  CA  . MSE A 38  ? 0.2542 0.2508 0.2883 0.0101  0.0000  0.0345  43  MSE A CA  
294 C  C   . MSE A 38  ? 0.2918 0.3134 0.3320 0.0122  -0.0013 0.0377  43  MSE A C   
295 O  O   . MSE A 38  ? 0.2436 0.2750 0.2900 0.0107  -0.0021 0.0395  43  MSE A O   
296 C  CB  . MSE A 38  ? 0.2580 0.2498 0.2873 0.0095  -0.0064 0.0239  43  MSE A CB  
297 C  CG  . MSE A 38  ? 0.4983 0.4894 0.5316 0.0066  -0.0106 0.0174  43  MSE A CG  
298 SE SE  . MSE A 38  ? 0.7965 0.7740 0.8265 0.0059  -0.0158 0.0063  43  MSE A SE  
299 C  CE  . MSE A 38  ? 0.4829 0.4357 0.5060 0.0050  -0.0114 0.0129  43  MSE A CE  
300 N  N   . ASN A 39  ? 0.2690 0.3027 0.3074 0.0155  -0.0017 0.0388  44  ASN A N   
301 C  CA  . ASN A 39  ? 0.3020 0.3621 0.3463 0.0179  -0.0021 0.0444  44  ASN A CA  
302 C  C   . ASN A 39  ? 0.3662 0.4327 0.4201 0.0188  0.0044  0.0576  44  ASN A C   
303 O  O   . ASN A 39  ? 0.3007 0.3879 0.3609 0.0188  0.0027  0.0617  44  ASN A O   
304 C  CB  . ASN A 39  ? 0.3080 0.3789 0.3491 0.0216  -0.0025 0.0449  44  ASN A CB  
305 C  CG  . ASN A 39  ? 0.3971 0.4984 0.4425 0.0235  -0.0049 0.0486  44  ASN A CG  
306 O  OD1 . ASN A 39  ? 0.4707 0.5849 0.5217 0.0269  -0.0003 0.0602  44  ASN A OD1 
307 N  ND2 . ASN A 39  ? 0.3578 0.4723 0.4018 0.0208  -0.0117 0.0390  44  ASN A ND2 
308 N  N   . ALA A 40  ? 0.2856 0.3361 0.3416 0.0192  0.0122  0.0641  45  ALA A N   
309 C  CA  . ALA A 40  ? 0.1761 0.2306 0.2434 0.0198  0.0194  0.0762  45  ALA A CA  
310 C  C   . ALA A 40  ? 0.1553 0.2072 0.2262 0.0161  0.0178  0.0753  45  ALA A C   
311 O  O   . ALA A 40  ? 0.1980 0.2644 0.2790 0.0168  0.0199  0.0842  45  ALA A O   
312 C  CB  . ALA A 40  ? 0.1656 0.2027 0.2359 0.0200  0.0294  0.0814  45  ALA A CB  
313 N  N   . ALA A 41  ? 0.1911 0.2244 0.2546 0.0125  0.0145  0.0656  46  ALA A N   
314 C  CA  . ALA A 41  ? 0.1665 0.1952 0.2333 0.0088  0.0131  0.0640  46  ALA A CA  
315 C  C   . ALA A 41  ? 0.2335 0.2856 0.3038 0.0086  0.0062  0.0610  46  ALA A C   
316 O  O   . ALA A 41  ? 0.1932 0.2555 0.2717 0.0074  0.0069  0.0661  46  ALA A O   
317 C  CB  . ALA A 41  ? 0.1555 0.1615 0.2143 0.0054  0.0107  0.0546  46  ALA A CB  
318 N  N   . LEU A 42  ? 0.2153 0.2769 0.2798 0.0091  -0.0001 0.0523  47  LEU A N   
319 C  CA  . LEU A 42  ? 0.2299 0.3150 0.2968 0.0077  -0.0066 0.0466  47  LEU A CA  
320 C  C   . LEU A 42  ? 0.1872 0.3004 0.2619 0.0102  -0.0051 0.0582  47  LEU A C   
321 O  O   . LEU A 42  ? 0.2146 0.3467 0.2950 0.0081  -0.0081 0.0582  47  LEU A O   
322 C  CB  . LEU A 42  ? 0.2275 0.3165 0.2873 0.0075  -0.0125 0.0344  47  LEU A CB  
323 C  CG  . LEU A 42  ? 0.3012 0.3657 0.3564 0.0048  -0.0146 0.0232  47  LEU A CG  
324 C  CD1 . LEU A 42  ? 0.2663 0.3307 0.3156 0.0056  -0.0186 0.0132  47  LEU A CD1 
325 C  CD2 . LEU A 42  ? 0.2741 0.3378 0.3349 0.0003  -0.0172 0.0162  47  LEU A CD2 
326 N  N   . ILE A 43  ? 0.1928 0.3097 0.2692 0.0146  -0.0001 0.0687  48  ILE A N   
327 C  CA  . ILE A 43  ? 0.2738 0.4176 0.3599 0.0176  0.0024  0.0827  48  ILE A CA  
328 C  C   . ILE A 43  ? 0.2844 0.4283 0.3814 0.0165  0.0066  0.0921  48  ILE A C   
329 O  O   . ILE A 43  ? 0.2771 0.4473 0.3818 0.0164  0.0045  0.0981  48  ILE A O   
330 C  CB  . ILE A 43  ? 0.3087 0.4536 0.3975 0.0228  0.0089  0.0935  48  ILE A CB  
331 C  CG1 . ILE A 43  ? 0.3427 0.4984 0.4228 0.0245  0.0039  0.0867  48  ILE A CG1 
332 C  CG2 . ILE A 43  ? 0.3153 0.4826 0.4185 0.0262  0.0141  0.1113  48  ILE A CG2 
333 C  CD1 . ILE A 43  ? 0.3470 0.4980 0.4283 0.0292  0.0103  0.0943  48  ILE A CD1 
334 N  N   . LYS A 44  ? 0.1907 0.3072 0.2890 0.0155  0.0129  0.0937  49  LYS A N   
335 C  CA  . LYS A 44  ? 0.1982 0.3131 0.3075 0.0143  0.0176  0.1023  49  LYS A CA  
336 C  C   . LYS A 44  ? 0.2270 0.3467 0.3355 0.0098  0.0108  0.0938  49  LYS A C   
337 O  O   . LYS A 44  ? 0.2421 0.3789 0.3604 0.0091  0.0108  0.1007  49  LYS A O   
338 C  CB  . LYS A 44  ? 0.2824 0.3670 0.3927 0.0134  0.0263  0.1043  49  LYS A CB  
339 C  CG  . LYS A 44  ? 0.4002 0.4797 0.5135 0.0171  0.0344  0.1117  49  LYS A CG  
340 C  CD  . LYS A 44  ? 0.5590 0.6088 0.6708 0.0148  0.0423  0.1097  49  LYS A CD  
341 C  CE  . LYS A 44  ? 0.6888 0.7305 0.7985 0.0170  0.0481  0.1104  49  LYS A CE  
342 N  NZ  . LYS A 44  ? 0.7051 0.7190 0.8081 0.0131  0.0530  0.1034  49  LYS A NZ  
343 N  N   . ILE A 45  ? 0.1683 0.2735 0.2665 0.0065  0.0055  0.0788  50  ILE A N   
344 C  CA  . ILE A 45  ? 0.1688 0.2774 0.2675 0.0019  -0.0002 0.0690  50  ILE A CA  
345 C  C   . ILE A 45  ? 0.2398 0.3846 0.3426 0.0017  -0.0059 0.0688  50  ILE A C   
346 O  O   . ILE A 45  ? 0.1920 0.3510 0.3020 -0.0010 -0.0078 0.0693  50  ILE A O   
347 C  CB  . ILE A 45  ? 0.1807 0.2693 0.2698 -0.0009 -0.0044 0.0535  50  ILE A CB  
348 C  CG1 . ILE A 45  ? 0.1958 0.2518 0.2819 -0.0018 0.0008  0.0544  50  ILE A CG1 
349 C  CG2 . ILE A 45  ? 0.2556 0.3539 0.3476 -0.0054 -0.0104 0.0421  50  ILE A CG2 
350 C  CD1 . ILE A 45  ? 0.1905 0.2269 0.2671 -0.0030 -0.0023 0.0428  50  ILE A CD1 
351 N  N   . GLY A 46  ? 0.2321 0.3936 0.3305 0.0042  -0.0085 0.0683  51  GLY A N   
352 C  CA  . GLY A 46  ? 0.1772 0.3763 0.2783 0.0037  -0.0138 0.0682  51  GLY A CA  
353 C  C   . GLY A 46  ? 0.2462 0.4701 0.3591 0.0056  -0.0111 0.0849  51  GLY A C   
354 O  O   . GLY A 46  ? 0.2628 0.5209 0.3789 0.0043  -0.0158 0.0856  51  GLY A O   
355 N  N   . GLU A 47  ? 0.2581 0.4664 0.3783 0.0085  -0.0033 0.0983  52  GLU A N   
356 C  CA  . GLU A 47  ? 0.3334 0.5632 0.4678 0.0108  0.0004  0.1158  52  GLU A CA  
357 C  C   . GLU A 47  ? 0.4148 0.6411 0.5568 0.0070  0.0007  0.1159  52  GLU A C   
358 O  O   . GLU A 47  ? 0.3826 0.6275 0.5375 0.0084  0.0033  0.1301  52  GLU A O   
359 C  CB  . GLU A 47  ? 0.4134 0.6309 0.5554 0.0163  0.0105  0.1315  52  GLU A CB  
360 C  CG  . GLU A 47  ? 0.4034 0.6291 0.5411 0.0206  0.0110  0.1346  52  GLU A CG  
361 C  CD  . GLU A 47  ? 0.4274 0.6349 0.5725 0.0251  0.0219  0.1465  52  GLU A CD  
362 O  OE1 . GLU A 47  ? 0.4917 0.6818 0.6458 0.0246  0.0293  0.1525  52  GLU A OE1 
363 O  OE2 . GLU A 47  ? 0.4236 0.6345 0.5661 0.0288  0.0236  0.1492  52  GLU A OE2 
364 N  N   . VAL A 48  ? 0.3336 0.5362 0.4688 0.0024  -0.0017 0.1009  53  VAL A N   
365 C  CA  . VAL A 48  ? 0.3238 0.5210 0.4659 -0.0013 -0.0013 0.0999  53  VAL A CA  
366 C  C   . VAL A 48  ? 0.3515 0.5849 0.4987 -0.0045 -0.0081 0.0975  53  VAL A C   
367 O  O   . VAL A 48  ? 0.2751 0.5225 0.4153 -0.0075 -0.0150 0.0839  53  VAL A O   
368 C  CB  . VAL A 48  ? 0.2724 0.4374 0.4065 -0.0054 -0.0024 0.0846  53  VAL A CB  
369 C  CG1 . VAL A 48  ? 0.3210 0.4839 0.4628 -0.0098 -0.0028 0.0823  53  VAL A CG1 
370 C  CG2 . VAL A 48  ? 0.2318 0.3630 0.3609 -0.0032 0.0044  0.0872  53  VAL A CG2 
371 N  N   . PRO A 49  ? 0.4132 0.6636 0.5734 -0.0041 -0.0060 0.1104  54  PRO A N   
372 C  CA  . PRO A 49  ? 0.4344 0.7206 0.5996 -0.0080 -0.0125 0.1076  54  PRO A CA  
373 C  C   . PRO A 49  ? 0.3851 0.6634 0.5444 -0.0149 -0.0183 0.0859  54  PRO A C   
374 O  O   . PRO A 49  ? 0.3834 0.6299 0.5419 -0.0170 -0.0156 0.0796  54  PRO A O   
375 C  CB  . PRO A 49  ? 0.4219 0.7132 0.6024 -0.0068 -0.0076 0.1236  54  PRO A CB  
376 C  CG  . PRO A 49  ? 0.4119 0.6877 0.5975 -0.0004 0.0014  0.1403  54  PRO A CG  
377 C  CD  . PRO A 49  ? 0.3671 0.6084 0.5392 0.0000  0.0032  0.1289  54  PRO A CD  
378 N  N   . ARG A 50  ? 0.3661 0.6743 0.5219 -0.0186 -0.0254 0.0749  55  ARG A N   
379 C  CA  . ARG A 50  ? 0.4643 0.7705 0.6171 -0.0258 -0.0303 0.0531  55  ARG A CA  
380 C  C   . ARG A 50  ? 0.4279 0.7262 0.5897 -0.0299 -0.0294 0.0508  55  ARG A C   
381 O  O   . ARG A 50  ? 0.4995 0.7759 0.6600 -0.0342 -0.0298 0.0354  55  ARG A O   
382 C  CB  . ARG A 50  ? 0.6494 0.9985 0.8005 -0.0297 -0.0373 0.0443  55  ARG A CB  
383 C  CG  . ARG A 50  ? 0.7955 1.1458 0.9450 -0.0376 -0.0415 0.0197  55  ARG A CG  
384 C  CD  . ARG A 50  ? 0.8714 1.2693 1.0203 -0.0425 -0.0477 0.0109  55  ARG A CD  
385 N  NE  . ARG A 50  ? 0.9011 1.3126 1.0412 -0.0388 -0.0490 0.0139  55  ARG A NE  
386 C  CZ  . ARG A 50  ? 0.8739 1.3192 1.0145 -0.0351 -0.0503 0.0302  55  ARG A CZ  
387 N  NH1 . ARG A 50  ? 0.8473 1.3173 0.9975 -0.0345 -0.0504 0.0457  55  ARG A NH1 
388 N  NH2 . ARG A 50  ? 0.8346 1.2898 0.9672 -0.0319 -0.0512 0.0319  55  ARG A NH2 
389 N  N   . GLU A 51  ? 0.3855 0.7019 0.5577 -0.0285 -0.0276 0.0667  56  GLU A N   
390 C  CA  . GLU A 51  ? 0.3836 0.6968 0.5659 -0.0322 -0.0266 0.0663  56  GLU A CA  
391 C  C   . GLU A 51  ? 0.3150 0.5817 0.4966 -0.0313 -0.0205 0.0657  56  GLU A C   
392 O  O   . GLU A 51  ? 0.3710 0.6267 0.5583 -0.0353 -0.0199 0.0596  56  GLU A O   
393 C  CB  . GLU A 51  ? 0.4906 0.8320 0.6851 -0.0295 -0.0251 0.0868  56  GLU A CB  
394 C  CG  . GLU A 51  ? 0.5643 0.8829 0.7634 -0.0226 -0.0166 0.1063  56  GLU A CG  
395 C  CD  . GLU A 51  ? 0.6291 0.9804 0.8382 -0.0174 -0.0149 0.1282  56  GLU A CD  
396 O  OE1 . GLU A 51  ? 0.6618 1.0480 0.8807 -0.0195 -0.0183 0.1342  56  GLU A OE1 
397 O  OE2 . GLU A 51  ? 0.6126 0.9555 0.8207 -0.0113 -0.0100 0.1398  56  GLU A OE2 
398 N  N   . GLN A 52  ? 0.3089 0.5495 0.4836 -0.0262 -0.0159 0.0719  57  GLN A N   
399 C  CA  . GLN A 52  ? 0.2475 0.4461 0.4202 -0.0253 -0.0098 0.0722  57  GLN A CA  
400 C  C   . GLN A 52  ? 0.2866 0.4588 0.4489 -0.0278 -0.0116 0.0550  57  GLN A C   
401 O  O   . GLN A 52  ? 0.3633 0.5021 0.5224 -0.0274 -0.0072 0.0545  57  GLN A O   
402 C  CB  . GLN A 52  ? 0.2849 0.4704 0.4576 -0.0192 -0.0026 0.0886  57  GLN A CB  
403 C  CG  . GLN A 52  ? 0.3803 0.5849 0.5671 -0.0164 0.0016  0.1075  57  GLN A CG  
404 C  CD  . GLN A 52  ? 0.5322 0.7304 0.7215 -0.0103 0.0090  0.1232  57  GLN A CD  
405 O  OE1 . GLN A 52  ? 0.6339 0.8579 0.8333 -0.0066 0.0108  0.1387  57  GLN A OE1 
406 N  NE2 . GLN A 52  ? 0.4196 0.5844 0.6004 -0.0091 0.0137  0.1195  57  GLN A NE2 
407 N  N   . LEU A 53  ? 0.2661 0.4545 0.4242 -0.0306 -0.0177 0.0410  58  LEU A N   
408 C  CA  . LEU A 53  ? 0.3784 0.5438 0.5297 -0.0329 -0.0191 0.0248  58  LEU A CA  
409 C  C   . LEU A 53  ? 0.4399 0.6003 0.5988 -0.0390 -0.0202 0.0122  58  LEU A C   
410 O  O   . LEU A 53  ? 0.3890 0.5773 0.5552 -0.0432 -0.0238 0.0065  58  LEU A O   
411 C  CB  . LEU A 53  ? 0.3550 0.5380 0.4995 -0.0329 -0.0240 0.0151  58  LEU A CB  
412 C  CG  . LEU A 53  ? 0.3385 0.5303 0.4763 -0.0271 -0.0232 0.0269  58  LEU A CG  
413 C  CD1 . LEU A 53  ? 0.3348 0.5522 0.4676 -0.0282 -0.0286 0.0170  58  LEU A CD1 
414 C  CD2 . LEU A 53  ? 0.3151 0.4715 0.4453 -0.0227 -0.0183 0.0323  58  LEU A CD2 
415 N  N   . ASP A 54  ? 0.4391 0.5655 0.5970 -0.0396 -0.0169 0.0081  59  ASP A N   
416 C  CA  . ASP A 54  ? 0.3560 0.4747 0.5227 -0.0448 -0.0168 -0.0026 59  ASP A CA  
417 C  C   . ASP A 54  ? 0.3636 0.4609 0.5287 -0.0467 -0.0169 -0.0170 59  ASP A C   
418 O  O   . ASP A 54  ? 0.3023 0.3982 0.4600 -0.0447 -0.0186 -0.0213 59  ASP A O   
419 C  CB  . ASP A 54  ? 0.4336 0.5325 0.6048 -0.0443 -0.0115 0.0083  59  ASP A CB  
420 C  CG  . ASP A 54  ? 0.4674 0.5335 0.6299 -0.0403 -0.0066 0.0166  59  ASP A CG  
421 O  OD1 . ASP A 54  ? 0.5361 0.5901 0.6902 -0.0386 -0.0076 0.0116  59  ASP A OD1 
422 O  OD2 . ASP A 54  ? 0.4159 0.4689 0.5805 -0.0391 -0.0016 0.0276  59  ASP A OD2 
423 N  N   . SER A 55  ? 0.3288 0.4096 0.5022 -0.0503 -0.0147 -0.0237 60  SER A N   
424 C  CA  . SER A 55  ? 0.3609 0.4223 0.5368 -0.0521 -0.0141 -0.0367 60  SER A CA  
425 C  C   . SER A 55  ? 0.2793 0.3132 0.4447 -0.0472 -0.0119 -0.0307 60  SER A C   
426 O  O   . SER A 55  ? 0.2891 0.3160 0.4536 -0.0471 -0.0129 -0.0398 60  SER A O   
427 C  CB  . SER A 55  ? 0.5106 0.5586 0.6989 -0.0563 -0.0110 -0.0421 60  SER A CB  
428 O  OG  . SER A 55  ? 0.6196 0.6477 0.8057 -0.0540 -0.0070 -0.0282 60  SER A OG  
429 N  N   . GLN A 56  ? 0.2065 0.2258 0.3649 -0.0437 -0.0088 -0.0158 61  GLN A N   
430 C  CA  . GLN A 56  ? 0.2699 0.2659 0.4179 -0.0398 -0.0067 -0.0099 61  GLN A CA  
431 C  C   . GLN A 56  ? 0.3507 0.3584 0.4890 -0.0363 -0.0097 -0.0093 61  GLN A C   
432 O  O   . GLN A 56  ? 0.2915 0.2858 0.4236 -0.0344 -0.0099 -0.0117 61  GLN A O   
433 C  CB  . GLN A 56  ? 0.3485 0.3273 0.4923 -0.0380 -0.0017 0.0042  61  GLN A CB  
434 C  CG  . GLN A 56  ? 0.3424 0.2972 0.4760 -0.0353 0.0009  0.0094  61  GLN A CG  
435 C  CD  . GLN A 56  ? 0.5337 0.4710 0.6698 -0.0364 0.0005  0.0015  61  GLN A CD  
436 O  OE1 . GLN A 56  ? 0.5746 0.5107 0.7068 -0.0348 -0.0019 -0.0037 61  GLN A OE1 
437 N  NE2 . GLN A 56  ? 0.5174 0.4412 0.6610 -0.0390 0.0035  0.0015  61  GLN A NE2 
438 N  N   . ASP A 57  ? 0.4032 0.4371 0.5411 -0.0356 -0.0117 -0.0055 62  ASP A N   
439 C  CA  . ASP A 57  ? 0.3331 0.3815 0.4632 -0.0326 -0.0144 -0.0051 62  ASP A CA  
440 C  C   . ASP A 57  ? 0.3092 0.3654 0.4409 -0.0348 -0.0183 -0.0210 62  ASP A C   
441 O  O   . ASP A 57  ? 0.3275 0.3800 0.4521 -0.0323 -0.0195 -0.0232 62  ASP A O   
442 C  CB  . ASP A 57  ? 0.4035 0.4820 0.5354 -0.0315 -0.0158 0.0028  62  ASP A CB  
443 C  CG  . ASP A 57  ? 0.3759 0.4473 0.5060 -0.0279 -0.0109 0.0198  62  ASP A CG  
444 O  OD1 . ASP A 57  ? 0.3304 0.3868 0.4524 -0.0242 -0.0082 0.0258  62  ASP A OD1 
445 O  OD2 . ASP A 57  ? 0.3525 0.4334 0.4904 -0.0290 -0.0093 0.0268  62  ASP A OD2 
446 N  N   . LYS A 58  ? 0.2254 0.2931 0.3676 -0.0399 -0.0198 -0.0326 63  LYS A N   
447 C  CA  . LYS A 58  ? 0.3036 0.3796 0.4501 -0.0431 -0.0223 -0.0496 63  LYS A CA  
448 C  C   . LYS A 58  ? 0.2631 0.3090 0.4096 -0.0418 -0.0201 -0.0538 63  LYS A C   
449 O  O   . LYS A 58  ? 0.2848 0.3312 0.4297 -0.0412 -0.0214 -0.0621 63  LYS A O   
450 C  CB  . LYS A 58  ? 0.3636 0.4571 0.5233 -0.0497 -0.0232 -0.0622 63  LYS A CB  
451 C  CG  . LYS A 58  ? 0.4642 0.5927 0.6246 -0.0515 -0.0262 -0.0586 63  LYS A CG  
452 C  CD  . LYS A 58  ? 0.5393 0.6850 0.7132 -0.0588 -0.0269 -0.0717 63  LYS A CD  
453 C  CE  . LYS A 58  ? 0.5805 0.7666 0.7552 -0.0612 -0.0307 -0.0690 63  LYS A CE  
454 N  NZ  . LYS A 58  ? 0.5456 0.7536 0.7331 -0.0694 -0.0318 -0.0855 63  LYS A NZ  
455 N  N   . LEU A 59  ? 0.2830 0.3040 0.4322 -0.0413 -0.0164 -0.0477 64  LEU A N   
456 C  CA  . LEU A 59  ? 0.3161 0.3098 0.4661 -0.0399 -0.0141 -0.0488 64  LEU A CA  
457 C  C   . LEU A 59  ? 0.3343 0.3198 0.4706 -0.0347 -0.0148 -0.0410 64  LEU A C   
458 O  O   . LEU A 59  ? 0.2388 0.2156 0.3749 -0.0335 -0.0152 -0.0464 64  LEU A O   
459 C  CB  . LEU A 59  ? 0.2522 0.2235 0.4063 -0.0404 -0.0100 -0.0415 64  LEU A CB  
460 C  CG  . LEU A 59  ? 0.3395 0.3048 0.5100 -0.0448 -0.0078 -0.0513 64  LEU A CG  
461 C  CD1 . LEU A 59  ? 0.4445 0.4346 0.6257 -0.0497 -0.0099 -0.0672 64  LEU A CD1 
462 C  CD2 . LEU A 59  ? 0.2556 0.2108 0.4290 -0.0460 -0.0047 -0.0427 64  LEU A CD2 
463 N  N   . TRP A 60  ? 0.2827 0.2716 0.4090 -0.0319 -0.0145 -0.0284 65  TRP A N   
464 C  CA  . TRP A 60  ? 0.2598 0.2414 0.3736 -0.0274 -0.0144 -0.0208 65  TRP A CA  
465 C  C   . TRP A 60  ? 0.2545 0.2542 0.3649 -0.0261 -0.0181 -0.0277 65  TRP A C   
466 O  O   . TRP A 60  ? 0.3134 0.3045 0.4176 -0.0234 -0.0186 -0.0280 65  TRP A O   
467 C  CB  . TRP A 60  ? 0.2799 0.2612 0.3867 -0.0253 -0.0117 -0.0067 65  TRP A CB  
468 C  CG  . TRP A 60  ? 0.3289 0.2877 0.4353 -0.0258 -0.0072 0.0011  65  TRP A CG  
469 C  CD1 . TRP A 60  ? 0.3595 0.2966 0.4665 -0.0265 -0.0057 0.0000  65  TRP A CD1 
470 C  CD2 . TRP A 60  ? 0.3071 0.2640 0.4130 -0.0259 -0.0032 0.0119  65  TRP A CD2 
471 N  NE1 . TRP A 60  ? 0.3789 0.3016 0.4842 -0.0272 -0.0014 0.0089  65  TRP A NE1 
472 C  CE2 . TRP A 60  ? 0.3434 0.2771 0.4483 -0.0271 0.0005  0.0156  65  TRP A CE2 
473 C  CE3 . TRP A 60  ? 0.2892 0.2625 0.3966 -0.0250 -0.0019 0.0192  65  TRP A CE3 
474 C  CZ2 . TRP A 60  ? 0.2803 0.2063 0.3852 -0.0279 0.0057  0.0248  65  TRP A CZ2 
475 C  CZ3 . TRP A 60  ? 0.2220 0.1865 0.3308 -0.0255 0.0034  0.0291  65  TRP A CZ3 
476 C  CH2 . TRP A 60  ? 0.3118 0.2526 0.4191 -0.0271 0.0073  0.0311  65  TRP A CH2 
477 N  N   . ALA A 61  ? 0.2973 0.3239 0.4116 -0.0282 -0.0206 -0.0329 66  ALA A N   
478 C  CA  . ALA A 61  ? 0.2882 0.3350 0.3992 -0.0275 -0.0240 -0.0397 66  ALA A CA  
479 C  C   . ALA A 61  ? 0.3464 0.3856 0.4625 -0.0293 -0.0248 -0.0538 66  ALA A C   
480 O  O   . ALA A 61  ? 0.3339 0.3731 0.4445 -0.0268 -0.0260 -0.0563 66  ALA A O   
481 C  CB  . ALA A 61  ? 0.3460 0.4260 0.4613 -0.0306 -0.0267 -0.0432 66  ALA A CB  
482 N  N   . ASP A 62  ? 0.2875 0.3201 0.4158 -0.0333 -0.0234 -0.0631 67  ASP A N   
483 C  CA  . ASP A 62  ? 0.3532 0.3788 0.4907 -0.0353 -0.0227 -0.0769 67  ASP A CA  
484 C  C   . ASP A 62  ? 0.2420 0.2405 0.3752 -0.0309 -0.0210 -0.0705 67  ASP A C   
485 O  O   . ASP A 62  ? 0.3582 0.3548 0.4927 -0.0298 -0.0216 -0.0773 67  ASP A O   
486 C  CB  . ASP A 62  ? 0.5070 0.5309 0.6611 -0.0408 -0.0204 -0.0878 67  ASP A CB  
487 C  CG  . ASP A 62  ? 0.6633 0.6864 0.8304 -0.0438 -0.0189 -0.1049 67  ASP A CG  
488 O  OD1 . ASP A 62  ? 0.8268 0.8337 1.0082 -0.0459 -0.0150 -0.1100 67  ASP A OD1 
489 O  OD2 . ASP A 62  ? 0.5713 0.6100 0.7357 -0.0441 -0.0209 -0.1131 67  ASP A OD2 
490 N  N   . GLU A 63  ? 0.1899 0.1694 0.3183 -0.0287 -0.0190 -0.0573 68  GLU A N   
491 C  CA  . GLU A 63  ? 0.2662 0.2228 0.3892 -0.0249 -0.0178 -0.0498 68  GLU A CA  
492 C  C   . GLU A 63  ? 0.2725 0.2342 0.3822 -0.0209 -0.0199 -0.0454 68  GLU A C   
493 O  O   . GLU A 63  ? 0.2715 0.2242 0.3800 -0.0186 -0.0203 -0.0468 68  GLU A O   
494 C  CB  . GLU A 63  ? 0.2920 0.2309 0.4117 -0.0243 -0.0149 -0.0372 68  GLU A CB  
495 C  CG  . GLU A 63  ? 0.3555 0.2856 0.4893 -0.0278 -0.0123 -0.0411 68  GLU A CG  
496 C  CD  . GLU A 63  ? 0.3630 0.2824 0.4938 -0.0283 -0.0095 -0.0299 68  GLU A CD  
497 O  OE1 . GLU A 63  ? 0.3793 0.2961 0.4973 -0.0261 -0.0091 -0.0192 68  GLU A OE1 
498 O  OE2 . GLU A 63  ? 0.3019 0.2159 0.4441 -0.0312 -0.0072 -0.0326 68  GLU A OE2 
499 N  N   . VAL A 64  ? 0.2186 0.1953 0.3195 -0.0199 -0.0211 -0.0395 69  VAL A N   
500 C  CA  . VAL A 64  ? 0.2229 0.2072 0.3131 -0.0163 -0.0227 -0.0362 69  VAL A CA  
501 C  C   . VAL A 64  ? 0.1703 0.1680 0.2637 -0.0168 -0.0254 -0.0490 69  VAL A C   
502 O  O   . VAL A 64  ? 0.2972 0.2895 0.3855 -0.0138 -0.0261 -0.0489 69  VAL A O   
503 C  CB  . VAL A 64  ? 0.2893 0.2886 0.3726 -0.0150 -0.0225 -0.0269 69  VAL A CB  
504 C  CG1 . VAL A 64  ? 0.3806 0.3920 0.4554 -0.0115 -0.0241 -0.0253 69  VAL A CG1 
505 C  CG2 . VAL A 64  ? 0.1914 0.1734 0.2704 -0.0140 -0.0186 -0.0142 69  VAL A CG2 
506 N  N   . ARG A 65  ? 0.1722 0.1872 0.2748 -0.0209 -0.0265 -0.0605 70  ARG A N   
507 C  CA  . ARG A 65  ? 0.2483 0.2765 0.3559 -0.0225 -0.0281 -0.0748 70  ARG A CA  
508 C  C   . ARG A 65  ? 0.2613 0.2687 0.3765 -0.0219 -0.0263 -0.0806 70  ARG A C   
509 O  O   . ARG A 65  ? 0.2709 0.2780 0.3836 -0.0197 -0.0272 -0.0837 70  ARG A O   
510 C  CB  . ARG A 65  ? 0.2619 0.3133 0.3792 -0.0283 -0.0290 -0.0877 70  ARG A CB  
511 C  CG  . ARG A 65  ? 0.4734 0.5542 0.5837 -0.0287 -0.0317 -0.0841 70  ARG A CG  
512 C  CD  . ARG A 65  ? 0.5936 0.7018 0.7131 -0.0353 -0.0329 -0.0993 70  ARG A CD  
513 N  NE  . ARG A 65  ? 0.6169 0.7207 0.7478 -0.0398 -0.0312 -0.1034 70  ARG A NE  
514 C  CZ  . ARG A 65  ? 0.5852 0.7033 0.7165 -0.0416 -0.0320 -0.0973 70  ARG A CZ  
515 N  NH1 . ARG A 65  ? 0.5292 0.6668 0.6509 -0.0389 -0.0343 -0.0859 70  ARG A NH1 
516 N  NH2 . ARG A 65  ? 0.6000 0.7128 0.7424 -0.0458 -0.0301 -0.1022 70  ARG A NH2 
517 N  N   . GLU A 66  ? 0.2458 0.2363 0.3718 -0.0236 -0.0236 -0.0812 71  GLU A N   
518 C  CA  . GLU A 66  ? 0.2682 0.2391 0.4040 -0.0226 -0.0212 -0.0845 71  GLU A CA  
519 C  C   . GLU A 66  ? 0.2651 0.2220 0.3896 -0.0172 -0.0221 -0.0733 71  GLU A C   
520 O  O   . GLU A 66  ? 0.2993 0.2512 0.4280 -0.0155 -0.0218 -0.0777 71  GLU A O   
521 C  CB  . GLU A 66  ? 0.2727 0.2265 0.4211 -0.0245 -0.0176 -0.0828 71  GLU A CB  
522 C  CG  . GLU A 66  ? 0.3542 0.3191 0.5186 -0.0305 -0.0157 -0.0971 71  GLU A CG  
523 C  CD  . GLU A 66  ? 0.4790 0.4547 0.6556 -0.0332 -0.0147 -0.1148 71  GLU A CD  
524 O  OE1 . GLU A 66  ? 0.4552 0.4185 0.6374 -0.0306 -0.0131 -0.1158 71  GLU A OE1 
525 O  OE2 . GLU A 66  ? 0.5147 0.5126 0.6958 -0.0383 -0.0153 -0.1278 71  GLU A OE2 
526 N  N   . LEU A 67  ? 0.2765 0.2276 0.3881 -0.0149 -0.0225 -0.0593 72  LEU A N   
527 C  CA  . LEU A 67  ? 0.2733 0.2136 0.3730 -0.0105 -0.0231 -0.0489 72  LEU A CA  
528 C  C   . LEU A 67  ? 0.2735 0.2268 0.3661 -0.0084 -0.0255 -0.0529 72  LEU A C   
529 O  O   . LEU A 67  ? 0.2739 0.2193 0.3641 -0.0054 -0.0260 -0.0513 72  LEU A O   
530 C  CB  . LEU A 67  ? 0.2432 0.1790 0.3310 -0.0097 -0.0222 -0.0356 72  LEU A CB  
531 C  CG  . LEU A 67  ? 0.3565 0.2736 0.4469 -0.0105 -0.0195 -0.0276 72  LEU A CG  
532 C  CD1 . LEU A 67  ? 0.3491 0.2654 0.4297 -0.0109 -0.0178 -0.0172 72  LEU A CD1 
533 C  CD2 . LEU A 67  ? 0.3919 0.2937 0.4810 -0.0080 -0.0192 -0.0224 72  LEU A CD2 
534 N  N   . SER A 68  ? 0.2678 0.2425 0.3576 -0.0097 -0.0271 -0.0577 73  SER A N   
535 C  CA  . SER A 68  ? 0.2728 0.2614 0.3554 -0.0074 -0.0292 -0.0604 73  SER A CA  
536 C  C   . SER A 68  ? 0.2498 0.2385 0.3416 -0.0081 -0.0295 -0.0731 73  SER A C   
537 O  O   . SER A 68  ? 0.2459 0.2353 0.3327 -0.0052 -0.0305 -0.0733 73  SER A O   
538 C  CB  . SER A 68  ? 0.3206 0.3350 0.3997 -0.0090 -0.0308 -0.0622 73  SER A CB  
539 O  OG  . SER A 68  ? 0.3965 0.4266 0.4862 -0.0135 -0.0314 -0.0766 73  SER A OG  
540 N  N   . TYR A 69  ? 0.2450 0.2329 0.3518 -0.0120 -0.0278 -0.0838 74  TYR A N   
541 C  CA  . TYR A 69  ? 0.3220 0.3085 0.4417 -0.0131 -0.0265 -0.0967 74  TYR A CA  
542 C  C   . TYR A 69  ? 0.3209 0.2851 0.4432 -0.0092 -0.0253 -0.0900 74  TYR A C   
543 O  O   . TYR A 69  ? 0.3350 0.2990 0.4593 -0.0073 -0.0254 -0.0946 74  TYR A O   
544 C  CB  . TYR A 69  ? 0.3067 0.2960 0.4441 -0.0187 -0.0237 -0.1095 74  TYR A CB  
545 C  CG  . TYR A 69  ? 0.3121 0.3281 0.4484 -0.0234 -0.0251 -0.1184 74  TYR A CG  
546 C  CD1 . TYR A 69  ? 0.3958 0.4338 0.5200 -0.0227 -0.0283 -0.1192 74  TYR A CD1 
547 C  CD2 . TYR A 69  ? 0.3558 0.3766 0.5035 -0.0287 -0.0233 -0.1258 74  TYR A CD2 
548 C  CE1 . TYR A 69  ? 0.3299 0.3956 0.4529 -0.0271 -0.0299 -0.1261 74  TYR A CE1 
549 C  CE2 . TYR A 69  ? 0.3050 0.3533 0.4518 -0.0334 -0.0250 -0.1341 74  TYR A CE2 
550 C  CZ  . TYR A 69  ? 0.3769 0.4484 0.5110 -0.0326 -0.0285 -0.1336 74  TYR A CZ  
551 O  OH  . TYR A 69  ? 0.3163 0.4181 0.4494 -0.0373 -0.0305 -0.1404 74  TYR A OH  
552 N  N   . VAL A 70  ? 0.2849 0.2313 0.4071 -0.0080 -0.0241 -0.0787 75  VAL A N   
553 C  CA  . VAL A 70  ? 0.2961 0.2238 0.4203 -0.0043 -0.0232 -0.0703 75  VAL A CA  
554 C  C   . VAL A 70  ? 0.2879 0.2167 0.3954 -0.0003 -0.0260 -0.0621 75  VAL A C   
555 O  O   . VAL A 70  ? 0.2990 0.2217 0.4086 0.0026  -0.0262 -0.0611 75  VAL A O   
556 C  CB  . VAL A 70  ? 0.3980 0.3089 0.5244 -0.0042 -0.0213 -0.0588 75  VAL A CB  
557 C  CG1 . VAL A 70  ? 0.3972 0.2926 0.5262 -0.0005 -0.0207 -0.0496 75  VAL A CG1 
558 C  CG2 . VAL A 70  ? 0.3993 0.3085 0.5430 -0.0082 -0.0181 -0.0664 75  VAL A CG2 
559 N  N   . ILE A 71  ? 0.2703 0.2072 0.3627 0.0001  -0.0275 -0.0561 76  ILE A N   
560 C  CA  . ILE A 71  ? 0.2779 0.2168 0.3556 0.0035  -0.0293 -0.0489 76  ILE A CA  
561 C  C   . ILE A 71  ? 0.2715 0.2220 0.3500 0.0047  -0.0307 -0.0581 76  ILE A C   
562 O  O   . ILE A 71  ? 0.2990 0.2448 0.3732 0.0079  -0.0316 -0.0551 76  ILE A O   
563 C  CB  . ILE A 71  ? 0.2883 0.2346 0.3529 0.0034  -0.0293 -0.0412 76  ILE A CB  
564 C  CG1 . ILE A 71  ? 0.2990 0.2310 0.3607 0.0026  -0.0273 -0.0304 76  ILE A CG1 
565 C  CG2 . ILE A 71  ? 0.2112 0.1640 0.2636 0.0066  -0.0303 -0.0372 76  ILE A CG2 
566 C  CD1 . ILE A 71  ? 0.2234 0.1621 0.2784 0.0013  -0.0259 -0.0248 76  ILE A CD1 
567 N  N   . GLU A 72  ? 0.3112 0.2779 0.3956 0.0019  -0.0310 -0.0699 77  GLU A N   
568 C  CA  . GLU A 72  ? 0.2967 0.2761 0.3830 0.0021  -0.0319 -0.0804 77  GLU A CA  
569 C  C   . GLU A 72  ? 0.1907 0.1572 0.2882 0.0036  -0.0306 -0.0847 77  GLU A C   
570 O  O   . GLU A 72  ? 0.2543 0.2223 0.3482 0.0063  -0.0316 -0.0853 77  GLU A O   
571 C  CB  . GLU A 72  ? 0.3186 0.3185 0.4119 -0.0025 -0.0318 -0.0943 77  GLU A CB  
572 C  CG  . GLU A 72  ? 0.4786 0.4987 0.5606 -0.0032 -0.0336 -0.0904 77  GLU A CG  
573 C  CD  . GLU A 72  ? 0.6900 0.7360 0.7767 -0.0076 -0.0343 -0.1044 77  GLU A CD  
574 O  OE1 . GLU A 72  ? 0.7824 0.8419 0.8707 -0.0111 -0.0346 -0.1059 77  GLU A OE1 
575 O  OE2 . GLU A 72  ? 0.6939 0.7479 0.7831 -0.0079 -0.0344 -0.1144 77  GLU A OE2 
576 N  N   . ASP A 73  ? 0.2625 0.2169 0.3754 0.0019  -0.0279 -0.0873 78  ASP A N   
577 C  CA  . ASP A 73  ? 0.3619 0.3047 0.4897 0.0034  -0.0258 -0.0907 78  ASP A CA  
578 C  C   . ASP A 73  ? 0.4024 0.3324 0.5217 0.0083  -0.0273 -0.0770 78  ASP A C   
579 O  O   . ASP A 73  ? 0.3359 0.2634 0.4603 0.0108  -0.0271 -0.0789 78  ASP A O   
580 C  CB  . ASP A 73  ? 0.3555 0.2873 0.5032 0.0008  -0.0218 -0.0942 78  ASP A CB  
581 C  CG  . ASP A 73  ? 0.4513 0.3971 0.6098 -0.0050 -0.0195 -0.1108 78  ASP A CG  
582 O  OD1 . ASP A 73  ? 0.4389 0.4029 0.5932 -0.0068 -0.0208 -0.1216 78  ASP A OD1 
583 O  OD2 . ASP A 73  ? 0.4377 0.3774 0.6092 -0.0079 -0.0165 -0.1133 78  ASP A OD2 
584 N  N   . VAL A 74  ? 0.3263 0.2500 0.4332 0.0094  -0.0287 -0.0637 79  VAL A N   
585 C  CA  . VAL A 74  ? 0.2706 0.1850 0.3681 0.0130  -0.0301 -0.0510 79  VAL A CA  
586 C  C   . VAL A 74  ? 0.3196 0.2436 0.4039 0.0153  -0.0324 -0.0517 79  VAL A C   
587 O  O   . VAL A 74  ? 0.2977 0.2177 0.3816 0.0183  -0.0333 -0.0488 79  VAL A O   
588 C  CB  . VAL A 74  ? 0.3677 0.2746 0.4544 0.0124  -0.0301 -0.0382 79  VAL A CB  
589 C  CG1 . VAL A 74  ? 0.3789 0.2803 0.4543 0.0152  -0.0316 -0.0269 79  VAL A CG1 
590 C  CG2 . VAL A 74  ? 0.3936 0.2900 0.4936 0.0106  -0.0277 -0.0360 79  VAL A CG2 
591 N  N   . VAL A 75  ? 0.2908 0.2282 0.3651 0.0140  -0.0332 -0.0548 80  VAL A N   
592 C  CA  . VAL A 75  ? 0.3207 0.2695 0.3837 0.0162  -0.0347 -0.0556 80  VAL A CA  
593 C  C   . VAL A 75  ? 0.3399 0.2945 0.4110 0.0170  -0.0351 -0.0663 80  VAL A C   
594 O  O   . VAL A 75  ? 0.3076 0.2627 0.3731 0.0200  -0.0361 -0.0646 80  VAL A O   
595 C  CB  . VAL A 75  ? 0.3135 0.2779 0.3683 0.0145  -0.0350 -0.0566 80  VAL A CB  
596 C  CG1 . VAL A 75  ? 0.2741 0.2529 0.3212 0.0167  -0.0361 -0.0592 80  VAL A CG1 
597 C  CG2 . VAL A 75  ? 0.3121 0.2705 0.3579 0.0143  -0.0340 -0.0448 80  VAL A CG2 
598 N  N   . ASP A 76  ? 0.2764 0.2355 0.3614 0.0141  -0.0336 -0.0783 81  ASP A N   
599 C  CA  . ASP A 76  ? 0.2462 0.2100 0.3417 0.0141  -0.0326 -0.0901 81  ASP A CA  
600 C  C   . ASP A 76  ? 0.3005 0.2491 0.4026 0.0178  -0.0322 -0.0847 81  ASP A C   
601 O  O   . ASP A 76  ? 0.2729 0.2250 0.3754 0.0198  -0.0326 -0.0886 81  ASP A O   
602 C  CB  . ASP A 76  ? 0.2405 0.2095 0.3531 0.0095  -0.0298 -0.1045 81  ASP A CB  
603 C  CG  . ASP A 76  ? 0.2051 0.1964 0.3119 0.0057  -0.0306 -0.1137 81  ASP A CG  
604 O  OD1 . ASP A 76  ? 0.2773 0.2800 0.3680 0.0071  -0.0332 -0.1076 81  ASP A OD1 
605 O  OD2 . ASP A 76  ? 0.2726 0.2715 0.3924 0.0010  -0.0282 -0.1271 81  ASP A OD2 
606 N  N   . LYS A 77  ? 0.2982 0.2315 0.4063 0.0185  -0.0314 -0.0754 82  LYS A N   
607 C  CA  . LYS A 77  ? 0.3698 0.2907 0.4839 0.0221  -0.0314 -0.0675 82  LYS A CA  
608 C  C   . LYS A 77  ? 0.4161 0.3391 0.5136 0.0254  -0.0345 -0.0594 82  LYS A C   
609 O  O   . LYS A 77  ? 0.4317 0.3528 0.5333 0.0282  -0.0348 -0.0590 82  LYS A O   
610 C  CB  . LYS A 77  ? 0.4537 0.3606 0.5757 0.0222  -0.0301 -0.0568 82  LYS A CB  
611 C  CG  . LYS A 77  ? 0.5963 0.4988 0.7398 0.0196  -0.0259 -0.0647 82  LYS A CG  
612 C  CD  . LYS A 77  ? 0.6640 0.5526 0.8166 0.0203  -0.0243 -0.0526 82  LYS A CD  
613 C  CE  . LYS A 77  ? 0.6408 0.5248 0.8162 0.0175  -0.0193 -0.0608 82  LYS A CE  
614 N  NZ  . LYS A 77  ? 0.6339 0.5193 0.8301 0.0175  -0.0155 -0.0734 82  LYS A NZ  
615 N  N   . PHE A 78  ? 0.3808 0.3077 0.4607 0.0249  -0.0360 -0.0530 83  PHE A N   
616 C  CA  A PHE A 78  ? 0.3755 0.3056 0.4400 0.0274  -0.0379 -0.0469 83  PHE A CA  
617 C  CA  B PHE A 78  ? 0.3752 0.3050 0.4403 0.0275  -0.0379 -0.0471 83  PHE A CA  
618 C  C   . PHE A 78  ? 0.3910 0.3331 0.4543 0.0285  -0.0384 -0.0566 83  PHE A C   
619 O  O   . PHE A 78  ? 0.4543 0.3963 0.5154 0.0313  -0.0393 -0.0553 83  PHE A O   
620 C  CB  A PHE A 78  ? 0.3650 0.2982 0.4141 0.0261  -0.0380 -0.0402 83  PHE A CB  
621 C  CB  B PHE A 78  ? 0.3630 0.2944 0.4124 0.0264  -0.0382 -0.0390 83  PHE A CB  
622 C  CG  A PHE A 78  ? 0.3953 0.3180 0.4432 0.0246  -0.0373 -0.0306 83  PHE A CG  
623 C  CG  B PHE A 78  ? 0.3415 0.2756 0.3779 0.0285  -0.0390 -0.0337 83  PHE A CG  
624 C  CD1 A PHE A 78  ? 0.4483 0.3605 0.5025 0.0254  -0.0377 -0.0238 83  PHE A CD1 
625 C  CD1 B PHE A 78  ? 0.3009 0.2273 0.3335 0.0294  -0.0396 -0.0247 83  PHE A CD1 
626 C  CD2 A PHE A 78  ? 0.3339 0.2584 0.3741 0.0222  -0.0362 -0.0275 83  PHE A CD2 
627 C  CD2 B PHE A 78  ? 0.2946 0.2405 0.3234 0.0294  -0.0388 -0.0377 83  PHE A CD2 
628 C  CE1 A PHE A 78  ? 0.4347 0.3392 0.4868 0.0238  -0.0370 -0.0147 83  PHE A CE1 
629 C  CE1 B PHE A 78  ? 0.2698 0.1992 0.2912 0.0308  -0.0399 -0.0211 83  PHE A CE1 
630 C  CE2 A PHE A 78  ? 0.2842 0.1997 0.3229 0.0205  -0.0352 -0.0191 83  PHE A CE2 
631 C  CE2 B PHE A 78  ? 0.3687 0.3167 0.3875 0.0313  -0.0387 -0.0331 83  PHE A CE2 
632 C  CZ  A PHE A 78  ? 0.4091 0.3147 0.4530 0.0211  -0.0356 -0.0130 83  PHE A CZ  
633 C  CZ  B PHE A 78  ? 0.3559 0.2953 0.3710 0.0317  -0.0391 -0.0255 83  PHE A CZ  
634 N  N   . LEU A 79  ? 0.3349 0.2888 0.3992 0.0261  -0.0378 -0.0660 84  LEU A N   
635 C  CA  . LEU A 79  ? 0.3022 0.2708 0.3644 0.0267  -0.0380 -0.0751 84  LEU A CA  
636 C  C   . LEU A 79  ? 0.4020 0.3672 0.4766 0.0281  -0.0373 -0.0825 84  LEU A C   
637 O  O   . LEU A 79  ? 0.3622 0.3322 0.4324 0.0305  -0.0379 -0.0838 84  LEU A O   
638 C  CB  . LEU A 79  ? 0.2914 0.2758 0.3548 0.0230  -0.0373 -0.0844 84  LEU A CB  
639 C  CG  . LEU A 79  ? 0.2730 0.2646 0.3240 0.0222  -0.0380 -0.0770 84  LEU A CG  
640 C  CD1 . LEU A 79  ? 0.3044 0.3134 0.3586 0.0184  -0.0376 -0.0859 84  LEU A CD1 
641 C  CD2 . LEU A 79  ? 0.2735 0.2712 0.3113 0.0255  -0.0386 -0.0701 84  LEU A CD2 
642 N  N   . VAL A 80  ? 0.3300 0.2870 0.4220 0.0265  -0.0351 -0.0871 85  VAL A N   
643 C  CA  . VAL A 80  ? 0.3335 0.2856 0.4412 0.0279  -0.0333 -0.0933 85  VAL A CA  
644 C  C   . VAL A 80  ? 0.3910 0.3332 0.4960 0.0324  -0.0349 -0.0820 85  VAL A C   
645 O  O   . VAL A 80  ? 0.4180 0.3622 0.5274 0.0345  -0.0346 -0.0860 85  VAL A O   
646 C  CB  . VAL A 80  ? 0.3615 0.3042 0.4906 0.0257  -0.0296 -0.0979 85  VAL A CB  
647 C  CG1 . VAL A 80  ? 0.3733 0.3087 0.5213 0.0279  -0.0269 -0.1009 85  VAL A CG1 
648 C  CG2 . VAL A 80  ? 0.3416 0.2962 0.4760 0.0204  -0.0274 -0.1124 85  VAL A CG2 
649 N  N   . GLN A 81  ? 0.5062 0.4394 0.6043 0.0336  -0.0366 -0.0683 86  GLN A N   
650 C  CA  . GLN A 81  ? 0.6468 0.5737 0.7409 0.0370  -0.0385 -0.0571 86  GLN A CA  
651 C  C   . GLN A 81  ? 0.6851 0.6206 0.7642 0.0388  -0.0404 -0.0576 86  GLN A C   
652 O  O   . GLN A 81  ? 0.7694 0.7046 0.8519 0.0415  -0.0410 -0.0576 86  GLN A O   
653 C  CB  . GLN A 81  ? 0.7106 0.6299 0.7971 0.0366  -0.0397 -0.0435 86  GLN A CB  
654 C  CG  . GLN A 81  ? 0.7974 0.7072 0.8990 0.0354  -0.0378 -0.0402 86  GLN A CG  
655 C  CD  . GLN A 81  ? 0.8830 0.7873 0.9755 0.0345  -0.0389 -0.0269 86  GLN A CD  
656 O  OE1 . GLN A 81  ? 0.8466 0.7509 0.9328 0.0318  -0.0383 -0.0269 86  GLN A OE1 
657 N  NE2 . GLN A 81  ? 0.9660 0.8667 1.0577 0.0366  -0.0405 -0.0156 86  GLN A NE2 
658 N  N   . VAL A 82  ? 0.6321 0.5754 0.6960 0.0375  -0.0410 -0.0573 87  VAL A N   
659 C  CA  . VAL A 82  ? 0.5407 0.4930 0.5918 0.0392  -0.0418 -0.0578 87  VAL A CA  
660 C  C   . VAL A 82  ? 0.5855 0.5454 0.6438 0.0403  -0.0412 -0.0689 87  VAL A C   
661 O  O   . VAL A 82  ? 0.6528 0.6162 0.7058 0.0428  -0.0419 -0.0682 87  VAL A O   
662 C  CB  . VAL A 82  ? 0.5466 0.5082 0.5855 0.0375  -0.0413 -0.0574 87  VAL A CB  
663 C  CG1 . VAL A 82  ? 0.5950 0.5662 0.6232 0.0396  -0.0412 -0.0572 87  VAL A CG1 
664 C  CG2 . VAL A 82  ? 0.4924 0.4464 0.5246 0.0359  -0.0411 -0.0472 87  VAL A CG2 
665 N  N   . ASP A 83  ? 0.5836 0.5464 0.6546 0.0381  -0.0394 -0.0795 88  ASP A N   
666 C  CA  . ASP A 83  ? 0.7071 0.6783 0.7860 0.0381  -0.0380 -0.0921 88  ASP A CA  
667 C  C   . ASP A 83  ? 0.8031 0.7659 0.8929 0.0413  -0.0376 -0.0913 88  ASP A C   
668 O  O   . ASP A 83  ? 0.7613 0.7307 0.8542 0.0423  -0.0367 -0.0992 88  ASP A O   
669 C  CB  . ASP A 83  ? 0.7832 0.7599 0.8749 0.0340  -0.0354 -0.1050 88  ASP A CB  
670 C  CG  . ASP A 83  ? 0.9256 0.9179 1.0064 0.0308  -0.0359 -0.1090 88  ASP A CG  
671 O  OD1 . ASP A 83  ? 0.9998 0.9959 1.0887 0.0269  -0.0343 -0.1166 88  ASP A OD1 
672 O  OD2 . ASP A 83  ? 0.9268 0.9284 0.9924 0.0325  -0.0375 -0.1040 88  ASP A OD2 
673 N  N   . GLY A 84  ? 0.8153 0.7648 0.9116 0.0428  -0.0382 -0.0811 89  GLY A N   
674 C  CA  . GLY A 84  ? 0.8384 0.7810 0.9439 0.0462  -0.0384 -0.0766 89  GLY A CA  
675 C  C   . GLY A 84  ? 0.8958 0.8412 0.9848 0.0488  -0.0413 -0.0686 89  GLY A C   
676 O  O   . GLY A 84  ? 0.9494 0.9003 1.0373 0.0506  -0.0414 -0.0732 89  GLY A O   
677 N  N   . ILE A 85  ? 0.8722 0.8145 0.9488 0.0484  -0.0434 -0.0574 90  ILE A N   
678 C  CA  . ILE A 85  ? 0.8671 0.8126 0.9280 0.0499  -0.0454 -0.0506 90  ILE A CA  
679 C  C   . ILE A 85  ? 0.8082 0.7645 0.8606 0.0505  -0.0446 -0.0585 90  ILE A C   
680 O  O   . ILE A 85  ? 0.6342 0.5973 0.6761 0.0490  -0.0440 -0.0598 90  ILE A O   
681 C  CB  . ILE A 85  ? 0.8922 0.8360 0.9394 0.0477  -0.0461 -0.0418 90  ILE A CB  
682 C  CG1 . ILE A 85  ? 0.9691 0.9037 1.0237 0.0465  -0.0464 -0.0342 90  ILE A CG1 
683 C  CG2 . ILE A 85  ? 0.8733 0.8196 0.9077 0.0486  -0.0471 -0.0353 90  ILE A CG2 
684 C  CD1 . ILE A 85  ? 1.0418 0.9728 1.0993 0.0482  -0.0484 -0.0239 90  ILE A CD1 
685 N  N   . ASN A 91  ? 0.8408 0.8276 0.8813 -0.0524 -0.1366 0.0199  96  ASN A N   
686 C  CA  . ASN A 91  ? 0.8103 0.8038 0.8293 -0.0555 -0.1260 0.0047  96  ASN A CA  
687 C  C   . ASN A 91  ? 0.7938 0.7875 0.7806 -0.0642 -0.1127 0.0016  96  ASN A C   
688 O  O   . ASN A 91  ? 0.6888 0.6794 0.6792 -0.0623 -0.1017 0.0034  96  ASN A O   
689 C  CB  . ASN A 91  ? 0.7491 0.7493 0.7949 -0.0458 -0.1149 -0.0095 96  ASN A CB  
690 C  CG  . ASN A 91  ? 0.7471 0.7535 0.7819 -0.0485 -0.1049 -0.0241 96  ASN A CG  
691 O  OD1 . ASN A 91  ? 0.6241 0.6337 0.6637 -0.0470 -0.0898 -0.0316 96  ASN A OD1 
692 N  ND2 . ASN A 91  ? 0.8314 0.8400 0.8552 -0.0529 -0.1139 -0.0287 96  ASN A ND2 
693 N  N   . ASN A 92  ? 0.7898 0.7891 0.7470 -0.0744 -0.1133 -0.0048 97  ASN A N   
694 C  CA  . ASN A 92  ? 0.7684 0.7717 0.6932 -0.0855 -0.1010 -0.0099 97  ASN A CA  
695 C  C   . ASN A 92  ? 0.6286 0.6331 0.5646 -0.0802 -0.0796 -0.0258 97  ASN A C   
696 O  O   . ASN A 92  ? 0.5622 0.5658 0.4859 -0.0844 -0.0679 -0.0248 97  ASN A O   
697 C  CB  . ASN A 92  ? 0.9364 0.9500 0.8305 -0.0988 -0.1054 -0.0188 97  ASN A CB  
698 C  CG  . ASN A 92  ? 1.0999 1.1216 0.9546 -0.1152 -0.0977 -0.0185 97  ASN A CG  
699 O  OD1 . ASN A 92  ? 1.1840 1.2189 1.0126 -0.1278 -0.0947 -0.0328 97  ASN A OD1 
700 N  ND2 . ASN A 92  ? 1.0911 1.1073 0.9422 -0.1162 -0.0940 -0.0034 97  ASN A ND2 
701 N  N   . LYS A 93  ? 0.5717 0.5793 0.5333 -0.0719 -0.0756 -0.0389 98  LYS A N   
702 C  CA  . LYS A 93  ? 0.5288 0.5388 0.5069 -0.0679 -0.0581 -0.0509 98  LYS A CA  
703 C  C   . LYS A 93  ? 0.4441 0.4496 0.4372 -0.0613 -0.0522 -0.0411 98  LYS A C   
704 O  O   . LYS A 93  ? 0.4424 0.4475 0.4320 -0.0633 -0.0385 -0.0443 98  LYS A O   
705 C  CB  . LYS A 93  ? 0.6030 0.6189 0.6101 -0.0621 -0.0579 -0.0630 98  LYS A CB  
706 C  CG  . LYS A 93  ? 0.6974 0.7173 0.7258 -0.0602 -0.0420 -0.0735 98  LYS A CG  
707 C  CD  . LYS A 93  ? 0.7364 0.7633 0.7956 -0.0574 -0.0431 -0.0851 98  LYS A CD  
708 C  CE  . LYS A 93  ? 0.6934 0.7244 0.7810 -0.0562 -0.0299 -0.0913 98  LYS A CE  
709 N  NZ  . LYS A 93  ? 0.6591 0.6882 0.7295 -0.0630 -0.0159 -0.1013 98  LYS A NZ  
710 N  N   . PHE A 94  ? 0.3012 0.3047 0.3131 -0.0541 -0.0618 -0.0312 99  PHE A N   
711 C  CA  . PHE A 94  ? 0.2941 0.2960 0.3221 -0.0491 -0.0565 -0.0249 99  PHE A CA  
712 C  C   . PHE A 94  ? 0.3138 0.3081 0.3214 -0.0547 -0.0523 -0.0166 99  PHE A C   
713 O  O   . PHE A 94  ? 0.2394 0.2336 0.2515 -0.0537 -0.0401 -0.0179 99  PHE A O   
714 C  CB  . PHE A 94  ? 0.3323 0.3349 0.3844 -0.0424 -0.0680 -0.0185 99  PHE A CB  
715 C  CG  . PHE A 94  ? 0.3289 0.3331 0.4014 -0.0381 -0.0618 -0.0166 99  PHE A CG  
716 C  CD1 . PHE A 94  ? 0.2346 0.2507 0.3252 -0.0352 -0.0511 -0.0243 99  PHE A CD1 
717 C  CD2 . PHE A 94  ? 0.3950 0.3909 0.4716 -0.0382 -0.0678 -0.0068 99  PHE A CD2 
718 C  CE1 . PHE A 94  ? 0.2042 0.2254 0.3124 -0.0330 -0.0450 -0.0253 99  PHE A CE1 
719 C  CE2 . PHE A 94  ? 0.3286 0.3272 0.4283 -0.0344 -0.0616 -0.0088 99  PHE A CE2 
720 C  CZ  . PHE A 94  ? 0.2374 0.2494 0.3508 -0.0322 -0.0496 -0.0195 99  PHE A CZ  
721 N  N   . LYS A 95  ? 0.3070 0.2966 0.2928 -0.0617 -0.0634 -0.0064 100 LYS A N   
722 C  CA  . LYS A 95  ? 0.4119 0.3959 0.3799 -0.0687 -0.0619 0.0056  100 LYS A CA  
723 C  C   . LYS A 95  ? 0.4011 0.3888 0.3460 -0.0761 -0.0449 -0.0035 100 LYS A C   
724 O  O   . LYS A 95  ? 0.3428 0.3272 0.2844 -0.0780 -0.0364 0.0016  100 LYS A O   
725 C  CB  . LYS A 95  ? 0.4655 0.4471 0.4170 -0.0772 -0.0803 0.0228  100 LYS A CB  
726 C  CG  . LYS A 95  ? 0.5941 0.5685 0.5770 -0.0706 -0.0954 0.0373  100 LYS A CG  
727 C  CD  . LYS A 95  ? 0.7049 0.6796 0.6895 -0.0733 -0.1165 0.0470  100 LYS A CD  
728 C  CE  . LYS A 95  ? 0.7704 0.7483 0.7176 -0.0899 -0.1274 0.0625  100 LYS A CE  
729 N  NZ  . LYS A 95  ? 0.7742 0.7532 0.7248 -0.0935 -0.1502 0.0745  100 LYS A NZ  
730 N  N   . GLY A 96  ? 0.3462 0.3413 0.2793 -0.0803 -0.0395 -0.0185 101 GLY A N   
731 C  CA  . GLY A 96  ? 0.4446 0.4449 0.3628 -0.0873 -0.0224 -0.0314 101 GLY A CA  
732 C  C   . GLY A 96  ? 0.3796 0.3784 0.3240 -0.0792 -0.0081 -0.0381 101 GLY A C   
733 O  O   . GLY A 96  ? 0.2864 0.2848 0.2244 -0.0831 0.0046  -0.0393 101 GLY A O   
734 N  N   . LEU A 97  ? 0.3312 0.3312 0.3057 -0.0693 -0.0107 -0.0413 102 LEU A N   
735 C  CA  . LEU A 97  ? 0.2986 0.3009 0.2994 -0.0635 0.0000  -0.0451 102 LEU A CA  
736 C  C   . LEU A 97  ? 0.2721 0.2695 0.2755 -0.0612 0.0028  -0.0341 102 LEU A C   
737 O  O   . LEU A 97  ? 0.2595 0.2574 0.2690 -0.0619 0.0146  -0.0362 102 LEU A O   
738 C  CB  . LEU A 97  ? 0.2161 0.2249 0.2463 -0.0561 -0.0060 -0.0469 102 LEU A CB  
739 C  CG  . LEU A 97  ? 0.3092 0.3233 0.3472 -0.0570 -0.0088 -0.0584 102 LEU A CG  
740 C  CD1 . LEU A 97  ? 0.2613 0.2819 0.3250 -0.0506 -0.0184 -0.0549 102 LEU A CD1 
741 C  CD2 . LEU A 97  ? 0.3282 0.3463 0.3807 -0.0600 0.0046  -0.0709 102 LEU A CD2 
742 N  N   . MSE A 98  ? 0.3002 0.2930 0.3044 -0.0586 -0.0089 -0.0230 103 MSE A N   
743 C  CA  . MSE A 98  ? 0.2487 0.2370 0.2615 -0.0564 -0.0075 -0.0144 103 MSE A CA  
744 C  C   . MSE A 98  ? 0.2412 0.2230 0.2315 -0.0640 -0.0013 -0.0078 103 MSE A C   
745 O  O   . MSE A 98  ? 0.3056 0.2854 0.3031 -0.0633 0.0071  -0.0059 103 MSE A O   
746 C  CB  . MSE A 98  ? 0.2210 0.2062 0.2471 -0.0523 -0.0223 -0.0059 103 MSE A CB  
747 C  CG  . MSE A 98  ? 0.2252 0.2195 0.2759 -0.0455 -0.0262 -0.0131 103 MSE A CG  
748 SE SE  . MSE A 98  ? 0.4132 0.4202 0.4926 -0.0415 -0.0140 -0.0204 103 MSE A SE  
749 C  CE  . MSE A 98  ? 0.4109 0.4101 0.5083 -0.0390 -0.0201 -0.0142 103 MSE A CE  
750 N  N   . LYS A 99  ? 0.3276 0.3087 0.2901 -0.0725 -0.0056 -0.0044 104 LYS A N   
751 C  CA  . LYS A 99  ? 0.3794 0.3590 0.3167 -0.0829 0.0007  0.0022  104 LYS A CA  
752 C  C   . LYS A 99  ? 0.3791 0.3627 0.3156 -0.0848 0.0203  -0.0114 104 LYS A C   
753 O  O   . LYS A 99  ? 0.3183 0.2992 0.2527 -0.0874 0.0289  -0.0066 104 LYS A O   
754 C  CB  . LYS A 99  ? 0.4292 0.4136 0.3338 -0.0949 -0.0074 0.0066  104 LYS A CB  
755 C  CG  . LYS A 99  ? 0.5054 0.4933 0.3806 -0.1089 -0.0017 0.0154  104 LYS A CG  
756 C  CD  . LYS A 99  ? 0.6819 0.6815 0.5207 -0.1244 -0.0074 0.0159  104 LYS A CD  
757 C  CE  . LYS A 99  ? 0.8241 0.8332 0.6312 -0.1413 0.0014  0.0223  104 LYS A CE  
758 N  NZ  . LYS A 99  ? 0.9526 0.9803 0.7212 -0.1591 0.0013  0.0149  104 LYS A NZ  
759 N  N   . ARG A 100 ? 0.2898 0.2801 0.2324 -0.0836 0.0266  -0.0281 105 ARG A N   
760 C  CA  . ARG A 100 ? 0.3133 0.3076 0.2658 -0.0847 0.0438  -0.0416 105 ARG A CA  
761 C  C   . ARG A 100 ? 0.2474 0.2386 0.2268 -0.0768 0.0479  -0.0368 105 ARG A C   
762 O  O   . ARG A 100 ? 0.2597 0.2500 0.2418 -0.0790 0.0597  -0.0375 105 ARG A O   
763 C  CB  . ARG A 100 ? 0.3143 0.3160 0.2812 -0.0837 0.0467  -0.0592 105 ARG A CB  
764 C  CG  . ARG A 100 ? 0.2551 0.2611 0.2465 -0.0835 0.0623  -0.0727 105 ARG A CG  
765 C  CD  . ARG A 100 ? 0.3856 0.3947 0.3586 -0.0938 0.0775  -0.0813 105 ARG A CD  
766 N  NE  . ARG A 100 ? 0.3398 0.3536 0.3438 -0.0934 0.0919  -0.0970 105 ARG A NE  
767 C  CZ  . ARG A 100 ? 0.3995 0.4164 0.4010 -0.1002 0.1077  -0.1055 105 ARG A CZ  
768 N  NH1 . ARG A 100 ? 0.4686 0.4859 0.4344 -0.1087 0.1115  -0.0984 105 ARG A NH1 
769 N  NH2 . ARG A 100 ? 0.3978 0.4188 0.4364 -0.0992 0.1193  -0.1201 105 ARG A NH2 
770 N  N   . THR A 101 ? 0.2605 0.2522 0.2599 -0.0686 0.0385  -0.0325 106 THR A N   
771 C  CA  . THR A 101 ? 0.1992 0.1928 0.2223 -0.0635 0.0420  -0.0296 106 THR A CA  
772 C  C   . THR A 101 ? 0.2666 0.2531 0.2829 -0.0650 0.0447  -0.0202 106 THR A C   
773 O  O   . THR A 101 ? 0.2540 0.2411 0.2797 -0.0654 0.0545  -0.0208 106 THR A O   
774 C  CB  . THR A 101 ? 0.2384 0.2383 0.2811 -0.0570 0.0319  -0.0280 106 THR A CB  
775 O  OG1 . THR A 101 ? 0.2408 0.2481 0.2935 -0.0562 0.0294  -0.0350 106 THR A OG1 
776 C  CG2 . THR A 101 ? 0.2621 0.2694 0.3263 -0.0549 0.0364  -0.0266 106 THR A CG2 
777 N  N   . THR A 102 ? 0.3053 0.2849 0.3084 -0.0663 0.0347  -0.0104 107 THR A N   
778 C  CA  . THR A 102 ? 0.2740 0.2461 0.2741 -0.0687 0.0352  0.0008  107 THR A CA  
779 C  C   . THR A 102 ? 0.3126 0.2837 0.2944 -0.0767 0.0484  0.0005  107 THR A C   
780 O  O   . THR A 102 ? 0.2720 0.2400 0.2616 -0.0769 0.0552  0.0043  107 THR A O   
781 C  CB  . THR A 102 ? 0.3482 0.3137 0.3422 -0.0704 0.0195  0.0148  107 THR A CB  
782 O  OG1 . THR A 102 ? 0.3382 0.3050 0.3572 -0.0623 0.0091  0.0130  107 THR A OG1 
783 C  CG2 . THR A 102 ? 0.2959 0.2539 0.2914 -0.0741 0.0188  0.0287  107 THR A CG2 
784 N  N   . GLU A 103 ? 0.2862 0.2616 0.2453 -0.0840 0.0524  -0.0054 108 GLU A N   
785 C  CA  . GLU A 103 ? 0.3321 0.3104 0.2754 -0.0929 0.0671  -0.0094 108 GLU A CA  
786 C  C   . GLU A 103 ? 0.2861 0.2662 0.2533 -0.0887 0.0809  -0.0196 108 GLU A C   
787 O  O   . GLU A 103 ? 0.2810 0.2590 0.2482 -0.0920 0.0906  -0.0166 108 GLU A O   
788 C  CB  . GLU A 103 ? 0.3719 0.3594 0.2897 -0.1028 0.0707  -0.0198 108 GLU A CB  
789 C  CG  . GLU A 103 ? 0.5651 0.5538 0.4534 -0.1117 0.0572  -0.0059 108 GLU A CG  
790 C  CD  . GLU A 103 ? 0.8103 0.7965 0.6839 -0.1203 0.0559  0.0137  108 GLU A CD  
791 O  OE1 . GLU A 103 ? 0.8309 0.8215 0.6964 -0.1273 0.0711  0.0097  108 GLU A OE1 
792 O  OE2 . GLU A 103 ? 0.8600 0.8401 0.7340 -0.1204 0.0391  0.0337  108 GLU A OE2 
793 N  N   . LEU A 104 ? 0.2687 0.2532 0.2582 -0.0824 0.0809  -0.0298 109 LEU A N   
794 C  CA  . LEU A 104 ? 0.3119 0.2997 0.3284 -0.0797 0.0911  -0.0360 109 LEU A CA  
795 C  C   . LEU A 104 ? 0.3474 0.3319 0.3768 -0.0760 0.0904  -0.0260 109 LEU A C   
796 O  O   . LEU A 104 ? 0.2955 0.2801 0.3353 -0.0777 0.1006  -0.0267 109 LEU A O   
797 C  CB  . LEU A 104 ? 0.2723 0.2675 0.3140 -0.0751 0.0878  -0.0439 109 LEU A CB  
798 C  CG  . LEU A 104 ? 0.3533 0.3531 0.3945 -0.0787 0.0916  -0.0586 109 LEU A CG  
799 C  CD1 . LEU A 104 ? 0.2871 0.2934 0.3572 -0.0738 0.0845  -0.0625 109 LEU A CD1 
800 C  CD2 . LEU A 104 ? 0.3333 0.3354 0.3809 -0.0847 0.1082  -0.0702 109 LEU A CD2 
801 N  N   . LEU A 105 ? 0.2813 0.2639 0.3129 -0.0713 0.0786  -0.0184 110 LEU A N   
802 C  CA  . LEU A 105 ? 0.2281 0.2099 0.2748 -0.0686 0.0781  -0.0128 110 LEU A CA  
803 C  C   . LEU A 105 ? 0.2208 0.1936 0.2563 -0.0729 0.0836  -0.0052 110 LEU A C   
804 O  O   . LEU A 105 ? 0.2629 0.2354 0.3115 -0.0728 0.0897  -0.0041 110 LEU A O   
805 C  CB  . LEU A 105 ? 0.2056 0.1894 0.2625 -0.0634 0.0656  -0.0106 110 LEU A CB  
806 C  CG  . LEU A 105 ? 0.2680 0.2639 0.3378 -0.0600 0.0602  -0.0170 110 LEU A CG  
807 C  CD1 . LEU A 105 ? 0.2828 0.2827 0.3651 -0.0559 0.0503  -0.0172 110 LEU A CD1 
808 C  CD2 . LEU A 105 ? 0.2336 0.2420 0.3215 -0.0616 0.0670  -0.0206 110 LEU A CD2 
809 N  N   . LYS A 106 ? 0.2507 0.2180 0.2621 -0.0781 0.0809  0.0011  111 LYS A N   
810 C  CA  . LYS A 106 ? 0.3753 0.3367 0.3743 -0.0848 0.0857  0.0111  111 LYS A CA  
811 C  C   . LYS A 106 ? 0.4155 0.3802 0.4120 -0.0898 0.1028  0.0039  111 LYS A C   
812 O  O   . LYS A 106 ? 0.3003 0.2613 0.3017 -0.0920 0.1090  0.0097  111 LYS A O   
813 C  CB  . LYS A 106 ? 0.5386 0.4981 0.5106 -0.0925 0.0772  0.0222  111 LYS A CB  
814 C  CG  . LYS A 106 ? 0.6266 0.5810 0.6082 -0.0878 0.0588  0.0325  111 LYS A CG  
815 C  CD  . LYS A 106 ? 0.7707 0.7232 0.7296 -0.0975 0.0478  0.0502  111 LYS A CD  
816 C  CE  . LYS A 106 ? 0.7943 0.7554 0.7235 -0.1047 0.0473  0.0444  111 LYS A CE  
817 N  NZ  . LYS A 106 ? 0.7984 0.7602 0.7091 -0.1143 0.0310  0.0641  111 LYS A NZ  
818 N  N   . LYS A 107 ? 0.3325 0.3043 0.3262 -0.0917 0.1102  -0.0095 112 LYS A N   
819 C  CA  . LYS A 107 ? 0.3566 0.3328 0.3588 -0.0955 0.1266  -0.0200 112 LYS A CA  
820 C  C   . LYS A 107 ? 0.3410 0.3165 0.3740 -0.0898 0.1298  -0.0195 112 LYS A C   
821 O  O   . LYS A 107 ? 0.2974 0.2719 0.3369 -0.0930 0.1405  -0.0190 112 LYS A O   
822 C  CB  . LYS A 107 ? 0.3820 0.3662 0.3870 -0.0970 0.1314  -0.0366 112 LYS A CB  
823 C  CG  . LYS A 107 ? 0.5417 0.5304 0.5134 -0.1056 0.1300  -0.0396 112 LYS A CG  
824 C  CD  . LYS A 107 ? 0.5850 0.5813 0.5634 -0.1053 0.1309  -0.0569 112 LYS A CD  
825 C  CE  . LYS A 107 ? 0.6302 0.6324 0.6371 -0.1063 0.1465  -0.0749 112 LYS A CE  
826 N  NZ  . LYS A 107 ? 0.7143 0.7245 0.7311 -0.1073 0.1474  -0.0936 112 LYS A NZ  
827 N  N   . VAL A 108 ? 0.2971 0.2754 0.3483 -0.0828 0.1203  -0.0191 113 VAL A N   
828 C  CA  . VAL A 108 ? 0.2292 0.2117 0.3076 -0.0800 0.1217  -0.0180 113 VAL A CA  
829 C  C   . VAL A 108 ? 0.3468 0.3234 0.4245 -0.0803 0.1219  -0.0095 113 VAL A C   
830 O  O   . VAL A 108 ? 0.3235 0.3006 0.4146 -0.0819 0.1295  -0.0088 113 VAL A O   
831 C  CB  . VAL A 108 ? 0.2180 0.2098 0.3123 -0.0755 0.1109  -0.0184 113 VAL A CB  
832 C  CG1 . VAL A 108 ? 0.2315 0.2321 0.3498 -0.0760 0.1117  -0.0156 113 VAL A CG1 
833 C  CG2 . VAL A 108 ? 0.2315 0.2295 0.3331 -0.0752 0.1094  -0.0253 113 VAL A CG2 
834 N  N   . LYS A 109 ? 0.3574 0.3283 0.4239 -0.0785 0.1126  -0.0030 114 LYS A N   
835 C  CA  . LYS A 109 ? 0.3349 0.2996 0.4078 -0.0783 0.1112  0.0045  114 LYS A CA  
836 C  C   . LYS A 109 ? 0.3587 0.3170 0.4215 -0.0845 0.1216  0.0103  114 LYS A C   
837 O  O   . LYS A 109 ? 0.3571 0.3140 0.4339 -0.0851 0.1269  0.0122  114 LYS A O   
838 C  CB  . LYS A 109 ? 0.3426 0.3021 0.4140 -0.0754 0.0979  0.0107  114 LYS A CB  
839 C  CG  . LYS A 109 ? 0.2615 0.2297 0.3479 -0.0697 0.0891  0.0032  114 LYS A CG  
840 C  CD  . LYS A 109 ? 0.3716 0.3348 0.4687 -0.0665 0.0774  0.0071  114 LYS A CD  
841 C  CE  . LYS A 109 ? 0.4550 0.4076 0.5330 -0.0693 0.0702  0.0196  114 LYS A CE  
842 N  NZ  . LYS A 109 ? 0.5079 0.4530 0.6055 -0.0676 0.0586  0.0281  114 LYS A NZ  
843 N  N   . HIS A 110 ? 0.3915 0.3485 0.4296 -0.0905 0.1250  0.0124  115 HIS A N   
844 C  CA  A HIS A 110 ? 0.3784 0.3334 0.4052 -0.0986 0.1361  0.0173  115 HIS A CA  
845 C  CA  B HIS A 110 ? 0.3696 0.3251 0.3948 -0.0991 0.1366  0.0169  115 HIS A CA  
846 C  C   . HIS A 110 ? 0.4002 0.3599 0.4423 -0.0998 0.1513  0.0069  115 HIS A C   
847 O  O   . HIS A 110 ? 0.4146 0.3718 0.4627 -0.1031 0.1593  0.0115  115 HIS A O   
848 C  CB  A HIS A 110 ? 0.4007 0.3586 0.3948 -0.1081 0.1362  0.0219  115 HIS A CB  
849 C  CB  B HIS A 110 ? 0.3759 0.3360 0.3693 -0.1080 0.1386  0.0169  115 HIS A CB  
850 C  CG  A HIS A 110 ? 0.4660 0.4178 0.4500 -0.1112 0.1226  0.0412  115 HIS A CG  
851 C  CG  B HIS A 110 ? 0.4492 0.4140 0.4266 -0.1196 0.1528  0.0184  115 HIS A CG  
852 N  ND1 A HIS A 110 ? 0.4317 0.3765 0.4339 -0.1030 0.1073  0.0474  115 HIS A ND1 
853 N  ND1 B HIS A 110 ? 0.4488 0.4234 0.4237 -0.1251 0.1691  0.0017  115 HIS A ND1 
854 C  CD2 A HIS A 110 ? 0.4517 0.4050 0.4137 -0.1229 0.1215  0.0566  115 HIS A CD2 
855 C  CD2 B HIS A 110 ? 0.4609 0.4239 0.4265 -0.1279 0.1531  0.0346  115 HIS A CD2 
856 C  CE1 A HIS A 110 ? 0.4379 0.3779 0.4347 -0.1082 0.0963  0.0662  115 HIS A CE1 
857 C  CE1 B HIS A 110 ? 0.4593 0.4394 0.4190 -0.1365 0.1804  0.0056  115 HIS A CE1 
858 N  NE2 A HIS A 110 ? 0.4245 0.3700 0.3955 -0.1210 0.1039  0.0742  115 HIS A NE2 
859 N  NE2 B HIS A 110 ? 0.3359 0.3092 0.2881 -0.1389 0.1705  0.0272  115 HIS A NE2 
860 N  N   . LYS A 111 ? 0.3361 0.3024 0.3901 -0.0969 0.1541  -0.0056 116 LYS A N   
861 C  CA  . LYS A 111 ? 0.3895 0.3601 0.4684 -0.0975 0.1657  -0.0136 116 LYS A CA  
862 C  C   . LYS A 111 ? 0.4481 0.4165 0.5484 -0.0947 0.1641  -0.0064 116 LYS A C   
863 O  O   . LYS A 111 ? 0.3723 0.3405 0.4858 -0.0979 0.1746  -0.0069 116 LYS A O   
864 C  CB  . LYS A 111 ? 0.3580 0.3362 0.4566 -0.0942 0.1637  -0.0240 116 LYS A CB  
865 C  CG  . LYS A 111 ? 0.4068 0.3899 0.5403 -0.0951 0.1726  -0.0294 116 LYS A CG  
866 C  CD  . LYS A 111 ? 0.4806 0.4716 0.6404 -0.0926 0.1679  -0.0359 116 LYS A CD  
867 C  CE  . LYS A 111 ? 0.5259 0.5218 0.7279 -0.0943 0.1744  -0.0382 116 LYS A CE  
868 N  NZ  . LYS A 111 ? 0.5458 0.5425 0.7582 -0.0988 0.1906  -0.0537 116 LYS A NZ  
869 N  N   . HIS A 112 ? 0.4060 0.3742 0.5111 -0.0896 0.1515  -0.0015 117 HIS A N   
870 C  CA  . HIS A 112 ? 0.4289 0.3994 0.5553 -0.0882 0.1493  0.0015  117 HIS A CA  
871 C  C   . HIS A 112 ? 0.4096 0.3717 0.5330 -0.0881 0.1464  0.0093  117 HIS A C   
872 O  O   . HIS A 112 ? 0.3308 0.2960 0.4712 -0.0863 0.1417  0.0090  117 HIS A O   
873 C  CB  . HIS A 112 ? 0.2909 0.2733 0.4315 -0.0851 0.1393  -0.0016 117 HIS A CB  
874 C  CG  . HIS A 112 ? 0.3174 0.3087 0.4703 -0.0861 0.1404  -0.0058 117 HIS A CG  
875 N  ND1 . HIS A 112 ? 0.3073 0.3014 0.4801 -0.0851 0.1431  -0.0072 117 HIS A ND1 
876 C  CD2 . HIS A 112 ? 0.2638 0.2592 0.4128 -0.0844 0.1359  -0.0096 117 HIS A CD2 
877 C  CE1 . HIS A 112 ? 0.3109 0.3112 0.4965 -0.0848 0.1409  -0.0102 117 HIS A CE1 
878 N  NE2 . HIS A 112 ? 0.3281 0.3305 0.5004 -0.0854 0.1375  -0.0119 117 HIS A NE2 
879 N  N   . GLY A 113 ? 0.3769 0.3304 0.4807 -0.0915 0.1489  0.0163  118 GLY A N   
880 C  CA  . GLY A 113 ? 0.3902 0.3350 0.4964 -0.0924 0.1450  0.0269  118 GLY A CA  
881 C  C   . GLY A 113 ? 0.4049 0.3483 0.5223 -0.0869 0.1306  0.0274  118 GLY A C   
882 O  O   . GLY A 113 ? 0.4154 0.3557 0.5529 -0.0855 0.1271  0.0295  118 GLY A O   
883 N  N   . ILE A 114 ? 0.3438 0.2907 0.4524 -0.0839 0.1229  0.0235  119 ILE A N   
884 C  CA  . ILE A 114 ? 0.4080 0.3545 0.5298 -0.0789 0.1098  0.0226  119 ILE A CA  
885 C  C   . ILE A 114 ? 0.4091 0.3474 0.5165 -0.0801 0.1002  0.0342  119 ILE A C   
886 O  O   . ILE A 114 ? 0.3677 0.3072 0.4498 -0.0830 0.1009  0.0359  119 ILE A O   
887 C  CB  . ILE A 114 ? 0.4656 0.4250 0.5938 -0.0747 0.1060  0.0098  119 ILE A CB  
888 C  CG1 . ILE A 114 ? 0.4808 0.4523 0.6251 -0.0759 0.1121  0.0014  119 ILE A CG1 
889 C  CG2 . ILE A 114 ? 0.4426 0.4032 0.5860 -0.0702 0.0939  0.0063  119 ILE A CG2 
890 C  CD1 . ILE A 114 ? 0.4777 0.4658 0.6245 -0.0752 0.1091  -0.0070 119 ILE A CD1 
891 N  N   . ALA A 115 ? 0.3831 0.3142 0.5097 -0.0789 0.0903  0.0422  120 ALA A N   
892 C  CA  . ALA A 115 ? 0.4754 0.3996 0.5945 -0.0813 0.0779  0.0570  120 ALA A CA  
893 C  C   . ALA A 115 ? 0.4874 0.4159 0.6105 -0.0755 0.0680  0.0487  120 ALA A C   
894 O  O   . ALA A 115 ? 0.5315 0.4673 0.6759 -0.0693 0.0679  0.0331  120 ALA A O   
895 C  CB  . ALA A 115 ? 0.4360 0.3507 0.5838 -0.0823 0.0689  0.0707  120 ALA A CB  
896 O  OXT . ALA A 115 ? 0.5278 0.4547 0.6324 -0.0779 0.0600  0.0571  120 ALA A OXT 
# 
